data_8PQ8
# 
_entry.id   8PQ8 
# 
_audit_conform.dict_name       mmcif_pdbx.dic 
_audit_conform.dict_version    5.402 
_audit_conform.dict_location   http://mmcif.pdb.org/dictionaries/ascii/mmcif_pdbx.dic 
# 
loop_
_database_2.database_id 
_database_2.database_code 
_database_2.pdbx_database_accession 
_database_2.pdbx_DOI 
PDB   8PQ8         pdb_00008pq8 10.2210/pdb8pq8/pdb 
WWPDB D_1292131753 ?            ?                   
EMDB  EMD-17821    ?            ?                   
# 
loop_
_pdbx_audit_revision_history.ordinal 
_pdbx_audit_revision_history.data_content_type 
_pdbx_audit_revision_history.major_revision 
_pdbx_audit_revision_history.minor_revision 
_pdbx_audit_revision_history.revision_date 
_pdbx_audit_revision_history.part_number 
1  'Structure model' 1 0 2025-02-12 ? 
2  'EM metadata'     1 0 2025-02-12 ? 
3  FSC               1 0 2025-02-12 ? 
4  'Half map'        1 0 2025-02-12 1 
5  'Half map'        1 0 2025-02-12 2 
6  Image             1 0 2025-02-12 ? 
7  Mask              1 0 2025-02-12 ? 
8  'Primary map'     1 0 2025-02-12 ? 
9  'Structure model' 1 1 2025-03-05 ? 
10 'EM metadata'     1 1 2025-03-05 ? 
# 
loop_
_pdbx_audit_revision_details.ordinal 
_pdbx_audit_revision_details.revision_ordinal 
_pdbx_audit_revision_details.data_content_type 
_pdbx_audit_revision_details.provider 
_pdbx_audit_revision_details.type 
_pdbx_audit_revision_details.description 
_pdbx_audit_revision_details.details 
1 1 'Structure model' repository 'Initial release' ? ? 
2 2 'EM metadata'     repository 'Initial release' ? ? 
3 3 FSC               repository 'Initial release' ? ? 
4 4 'Half map'        repository 'Initial release' ? ? 
5 5 'Half map'        repository 'Initial release' ? ? 
6 6 Image             repository 'Initial release' ? ? 
7 7 Mask              repository 'Initial release' ? ? 
8 8 'Primary map'     repository 'Initial release' ? ? 
# 
loop_
_pdbx_audit_revision_group.ordinal 
_pdbx_audit_revision_group.revision_ordinal 
_pdbx_audit_revision_group.data_content_type 
_pdbx_audit_revision_group.group 
1 9  'Structure model' 'Data collection'      
2 9  'Structure model' 'Database references'  
3 10 'EM metadata'     'Database references'  
4 10 'EM metadata'     'Experimental summary' 
# 
loop_
_pdbx_audit_revision_category.ordinal 
_pdbx_audit_revision_category.revision_ordinal 
_pdbx_audit_revision_category.data_content_type 
_pdbx_audit_revision_category.category 
1 9  'Structure model' citation        
2 9  'Structure model' citation_author 
3 9  'Structure model' em_admin        
4 10 'EM metadata'     citation        
5 10 'EM metadata'     citation_author 
6 10 'EM metadata'     em_admin        
# 
loop_
_pdbx_audit_revision_item.ordinal 
_pdbx_audit_revision_item.revision_ordinal 
_pdbx_audit_revision_item.data_content_type 
_pdbx_audit_revision_item.item 
1  9  'Structure model' '_citation.country'                 
2  9  'Structure model' '_citation.journal_abbrev'          
3  9  'Structure model' '_citation.journal_id_CSD'          
4  9  'Structure model' '_citation.journal_id_ISSN'         
5  9  'Structure model' '_citation.journal_volume'          
6  9  'Structure model' '_citation.page_first'              
7  9  'Structure model' '_citation.page_last'               
8  9  'Structure model' '_citation.pdbx_database_id_DOI'    
9  9  'Structure model' '_citation.pdbx_database_id_PubMed' 
10 9  'Structure model' '_citation.title'                   
11 9  'Structure model' '_citation.year'                    
12 9  'Structure model' '_em_admin.last_update'             
13 10 'EM metadata'     '_citation.country'                 
14 10 'EM metadata'     '_citation.journal_abbrev'          
15 10 'EM metadata'     '_citation.journal_id_CSD'          
16 10 'EM metadata'     '_citation.journal_id_ISSN'         
17 10 'EM metadata'     '_citation.journal_volume'          
18 10 'EM metadata'     '_citation.page_first'              
19 10 'EM metadata'     '_citation.page_last'               
20 10 'EM metadata'     '_citation.pdbx_database_id_DOI'    
21 10 'EM metadata'     '_citation.pdbx_database_id_PubMed' 
22 10 'EM metadata'     '_citation.title'                   
23 10 'EM metadata'     '_citation.year'                    
24 10 'EM metadata'     '_em_admin.last_update'             
# 
_pdbx_database_status.status_code                     REL 
_pdbx_database_status.status_code_sf                  ? 
_pdbx_database_status.status_code_mr                  ? 
_pdbx_database_status.entry_id                        8PQ8 
_pdbx_database_status.recvd_initial_deposition_date   2023-07-10 
_pdbx_database_status.SG_entry                        N 
_pdbx_database_status.deposit_site                    PDBE 
_pdbx_database_status.process_site                    PDBE 
_pdbx_database_status.status_code_cs                  ? 
_pdbx_database_status.status_code_nmr_data            ? 
_pdbx_database_status.methods_development_category    ? 
_pdbx_database_status.pdb_format_compatible           Y 
# 
_pdbx_database_related.db_name        EMDB 
_pdbx_database_related.details        'Sak Single Strand Annealing Protein from Staphylococcal Bacteriophage 80a - dCTD' 
_pdbx_database_related.db_id          EMD-17821 
_pdbx_database_related.content_type   'associated EM volume' 
# 
_pdbx_contact_author.id                 2 
_pdbx_contact_author.email              ignacio.mir-sanchis@umu.se 
_pdbx_contact_author.name_first         Ignacio 
_pdbx_contact_author.name_last          Mir-Sanchis 
_pdbx_contact_author.name_mi            ? 
_pdbx_contact_author.role               'principal investigator/group leader' 
_pdbx_contact_author.identifier_ORCID   0000-0002-6536-0045 
# 
loop_
_audit_author.name 
_audit_author.pdbx_ordinal 
_audit_author.identifier_ORCID 
'Debiasi-Anders, G.' 1 0000-0003-0545-6579 
'Mir-Sanchis, I.'    2 0000-0002-6536-0045 
# 
_citation.abstract                  ? 
_citation.abstract_id_CAS           ? 
_citation.book_id_ISBN              ? 
_citation.book_publisher            ? 
_citation.book_publisher_city       ? 
_citation.book_title                ? 
_citation.coordinate_linkage        ? 
_citation.country                   UK 
_citation.database_id_Medline       ? 
_citation.details                   ? 
_citation.id                        primary 
_citation.journal_abbrev            'Nat Commun' 
_citation.journal_id_ASTM           ? 
_citation.journal_id_CSD            ? 
_citation.journal_id_ISSN           2041-1723 
_citation.journal_full              ? 
_citation.journal_issue             ? 
_citation.journal_volume            16 
_citation.language                  ? 
_citation.page_first                1889 
_citation.page_last                 1889 
_citation.title                     'Phage parasites targeting phage homologous recombinases provide antiviral immunity.' 
_citation.year                      2025 
_citation.database_id_CSD           ? 
_citation.pdbx_database_id_DOI      10.1038/s41467-025-57156-3 
_citation.pdbx_database_id_PubMed   39987160 
_citation.pdbx_database_id_patent   ? 
_citation.unpublished_flag          ? 
# 
loop_
_citation_author.citation_id 
_citation_author.name 
_citation_author.ordinal 
_citation_author.identifier_ORCID 
primary 'Debiasi-Anders, G.' 1 0000-0003-0545-6579 
primary 'Qiao, C.'           2 0000-0002-2642-3672 
primary 'Salim, A.'          3 ?                   
primary 'Li, N.'             4 ?                   
primary 'Mir-Sanchis, I.'    5 0000-0002-6536-0045 
# 
loop_
_entity.id 
_entity.type 
_entity.src_method 
_entity.pdbx_description 
_entity.formula_weight 
_entity.pdbx_number_of_molecules 
_entity.pdbx_ec 
_entity.pdbx_mutation 
_entity.pdbx_fragment 
_entity.details 
1 polymer man Topoisomerase 19417.621 1 ? 'Truncation of CTD at N142' ? ? 
2 water   nat water         18.015    9 ? ?                           ? ? 
# 
_entity_name_com.entity_id   1 
_entity_name_com.name        'Sak Single-Strand Annealing Protein' 
# 
_entity_poly.entity_id                      1 
_entity_poly.type                           'polypeptide(L)' 
_entity_poly.nstd_linkage                   no 
_entity_poly.nstd_monomer                   no 
_entity_poly.pdbx_seq_one_letter_code       
;MKHHHHHHPMSDYDIPTTENLYFQGAMGMTEQTLFEQLNSKNVNDHTEQKNGLTYLAWSYAHQELKKIDPNYTVKVHEFP
HPDINTENYFVPYLATPEGYFVQVSVTVKDSTETEWLPVLDFRNKSLAKGSATTFDINKAQKRCFVKASALHGLGLYIYN
GEELPSASD
;
_entity_poly.pdbx_seq_one_letter_code_can   
;MKHHHHHHPMSDYDIPTTENLYFQGAMGMTEQTLFEQLNSKNVNDHTEQKNGLTYLAWSYAHQELKKIDPNYTVKVHEFP
HPDINTENYFVPYLATPEGYFVQVSVTVKDSTETEWLPVLDFRNKSLAKGSATTFDINKAQKRCFVKASALHGLGLYIYN
GEELPSASD
;
_entity_poly.pdbx_strand_id                 A 
_entity_poly.pdbx_target_identifier         ? 
# 
_pdbx_entity_nonpoly.entity_id   2 
_pdbx_entity_nonpoly.name        water 
_pdbx_entity_nonpoly.comp_id     HOH 
# 
loop_
_entity_poly_seq.entity_id 
_entity_poly_seq.num 
_entity_poly_seq.mon_id 
_entity_poly_seq.hetero 
1 1   MET n 
1 2   LYS n 
1 3   HIS n 
1 4   HIS n 
1 5   HIS n 
1 6   HIS n 
1 7   HIS n 
1 8   HIS n 
1 9   PRO n 
1 10  MET n 
1 11  SER n 
1 12  ASP n 
1 13  TYR n 
1 14  ASP n 
1 15  ILE n 
1 16  PRO n 
1 17  THR n 
1 18  THR n 
1 19  GLU n 
1 20  ASN n 
1 21  LEU n 
1 22  TYR n 
1 23  PHE n 
1 24  GLN n 
1 25  GLY n 
1 26  ALA n 
1 27  MET n 
1 28  GLY n 
1 29  MET n 
1 30  THR n 
1 31  GLU n 
1 32  GLN n 
1 33  THR n 
1 34  LEU n 
1 35  PHE n 
1 36  GLU n 
1 37  GLN n 
1 38  LEU n 
1 39  ASN n 
1 40  SER n 
1 41  LYS n 
1 42  ASN n 
1 43  VAL n 
1 44  ASN n 
1 45  ASP n 
1 46  HIS n 
1 47  THR n 
1 48  GLU n 
1 49  GLN n 
1 50  LYS n 
1 51  ASN n 
1 52  GLY n 
1 53  LEU n 
1 54  THR n 
1 55  TYR n 
1 56  LEU n 
1 57  ALA n 
1 58  TRP n 
1 59  SER n 
1 60  TYR n 
1 61  ALA n 
1 62  HIS n 
1 63  GLN n 
1 64  GLU n 
1 65  LEU n 
1 66  LYS n 
1 67  LYS n 
1 68  ILE n 
1 69  ASP n 
1 70  PRO n 
1 71  ASN n 
1 72  TYR n 
1 73  THR n 
1 74  VAL n 
1 75  LYS n 
1 76  VAL n 
1 77  HIS n 
1 78  GLU n 
1 79  PHE n 
1 80  PRO n 
1 81  HIS n 
1 82  PRO n 
1 83  ASP n 
1 84  ILE n 
1 85  ASN n 
1 86  THR n 
1 87  GLU n 
1 88  ASN n 
1 89  TYR n 
1 90  PHE n 
1 91  VAL n 
1 92  PRO n 
1 93  TYR n 
1 94  LEU n 
1 95  ALA n 
1 96  THR n 
1 97  PRO n 
1 98  GLU n 
1 99  GLY n 
1 100 TYR n 
1 101 PHE n 
1 102 VAL n 
1 103 GLN n 
1 104 VAL n 
1 105 SER n 
1 106 VAL n 
1 107 THR n 
1 108 VAL n 
1 109 LYS n 
1 110 ASP n 
1 111 SER n 
1 112 THR n 
1 113 GLU n 
1 114 THR n 
1 115 GLU n 
1 116 TRP n 
1 117 LEU n 
1 118 PRO n 
1 119 VAL n 
1 120 LEU n 
1 121 ASP n 
1 122 PHE n 
1 123 ARG n 
1 124 ASN n 
1 125 LYS n 
1 126 SER n 
1 127 LEU n 
1 128 ALA n 
1 129 LYS n 
1 130 GLY n 
1 131 SER n 
1 132 ALA n 
1 133 THR n 
1 134 THR n 
1 135 PHE n 
1 136 ASP n 
1 137 ILE n 
1 138 ASN n 
1 139 LYS n 
1 140 ALA n 
1 141 GLN n 
1 142 LYS n 
1 143 ARG n 
1 144 CYS n 
1 145 PHE n 
1 146 VAL n 
1 147 LYS n 
1 148 ALA n 
1 149 SER n 
1 150 ALA n 
1 151 LEU n 
1 152 HIS n 
1 153 GLY n 
1 154 LEU n 
1 155 GLY n 
1 156 LEU n 
1 157 TYR n 
1 158 ILE n 
1 159 TYR n 
1 160 ASN n 
1 161 GLY n 
1 162 GLU n 
1 163 GLU n 
1 164 LEU n 
1 165 PRO n 
1 166 SER n 
1 167 ALA n 
1 168 SER n 
1 169 ASP n 
# 
_entity_src_gen.entity_id                          1 
_entity_src_gen.pdbx_src_id                        1 
_entity_src_gen.pdbx_alt_source_flag               sample 
_entity_src_gen.pdbx_seq_type                      'Biological sequence' 
_entity_src_gen.pdbx_beg_seq_num                   1 
_entity_src_gen.pdbx_end_seq_num                   169 
_entity_src_gen.gene_src_common_name               ? 
_entity_src_gen.gene_src_genus                     ? 
_entity_src_gen.pdbx_gene_src_gene                 ? 
_entity_src_gen.gene_src_species                   ? 
_entity_src_gen.gene_src_strain                    ? 
_entity_src_gen.gene_src_tissue                    ? 
_entity_src_gen.gene_src_tissue_fraction           ? 
_entity_src_gen.gene_src_details                   ? 
_entity_src_gen.pdbx_gene_src_fragment             ? 
_entity_src_gen.pdbx_gene_src_scientific_name      'Staphylococcus phage 80alpha' 
_entity_src_gen.pdbx_gene_src_ncbi_taxonomy_id     2911440 
_entity_src_gen.pdbx_gene_src_variant              ? 
_entity_src_gen.pdbx_gene_src_cell_line            ? 
_entity_src_gen.pdbx_gene_src_atcc                 ? 
_entity_src_gen.pdbx_gene_src_organ                ? 
_entity_src_gen.pdbx_gene_src_organelle            ? 
_entity_src_gen.pdbx_gene_src_cell                 ? 
_entity_src_gen.pdbx_gene_src_cellular_location    ? 
_entity_src_gen.host_org_common_name               ? 
_entity_src_gen.pdbx_host_org_scientific_name      'Escherichia coli BL21(DE3)' 
_entity_src_gen.pdbx_host_org_ncbi_taxonomy_id     469008 
_entity_src_gen.host_org_genus                     ? 
_entity_src_gen.pdbx_host_org_gene                 ? 
_entity_src_gen.pdbx_host_org_organ                NA 
_entity_src_gen.host_org_species                   ? 
_entity_src_gen.pdbx_host_org_tissue               NA 
_entity_src_gen.pdbx_host_org_tissue_fraction      ? 
_entity_src_gen.pdbx_host_org_strain               'BL21(DE3)' 
_entity_src_gen.pdbx_host_org_variant              ? 
_entity_src_gen.pdbx_host_org_cell_line            ? 
_entity_src_gen.pdbx_host_org_atcc                 ? 
_entity_src_gen.pdbx_host_org_culture_collection   ? 
_entity_src_gen.pdbx_host_org_cell                 NA 
_entity_src_gen.pdbx_host_org_organelle            ? 
_entity_src_gen.pdbx_host_org_cellular_location    ? 
_entity_src_gen.pdbx_host_org_vector_type          Plasmid 
_entity_src_gen.pdbx_host_org_vector               ? 
_entity_src_gen.host_org_details                   ? 
_entity_src_gen.expression_system_id               ? 
_entity_src_gen.plasmid_name                       ? 
_entity_src_gen.plasmid_details                    ? 
_entity_src_gen.pdbx_description                   ? 
# 
loop_
_chem_comp.id 
_chem_comp.type 
_chem_comp.mon_nstd_flag 
_chem_comp.name 
_chem_comp.pdbx_synonyms 
_chem_comp.formula 
_chem_comp.formula_weight 
ALA 'L-peptide linking' y ALANINE         ? 'C3 H7 N O2'     89.093  
ARG 'L-peptide linking' y ARGININE        ? 'C6 H15 N4 O2 1' 175.209 
ASN 'L-peptide linking' y ASPARAGINE      ? 'C4 H8 N2 O3'    132.118 
ASP 'L-peptide linking' y 'ASPARTIC ACID' ? 'C4 H7 N O4'     133.103 
CYS 'L-peptide linking' y CYSTEINE        ? 'C3 H7 N O2 S'   121.158 
GLN 'L-peptide linking' y GLUTAMINE       ? 'C5 H10 N2 O3'   146.144 
GLU 'L-peptide linking' y 'GLUTAMIC ACID' ? 'C5 H9 N O4'     147.129 
GLY 'peptide linking'   y GLYCINE         ? 'C2 H5 N O2'     75.067  
HIS 'L-peptide linking' y HISTIDINE       ? 'C6 H10 N3 O2 1' 156.162 
HOH non-polymer         . WATER           ? 'H2 O'           18.015  
ILE 'L-peptide linking' y ISOLEUCINE      ? 'C6 H13 N O2'    131.173 
LEU 'L-peptide linking' y LEUCINE         ? 'C6 H13 N O2'    131.173 
LYS 'L-peptide linking' y LYSINE          ? 'C6 H15 N2 O2 1' 147.195 
MET 'L-peptide linking' y METHIONINE      ? 'C5 H11 N O2 S'  149.211 
PHE 'L-peptide linking' y PHENYLALANINE   ? 'C9 H11 N O2'    165.189 
PRO 'L-peptide linking' y PROLINE         ? 'C5 H9 N O2'     115.130 
SER 'L-peptide linking' y SERINE          ? 'C3 H7 N O3'     105.093 
THR 'L-peptide linking' y THREONINE       ? 'C4 H9 N O3'     119.119 
TRP 'L-peptide linking' y TRYPTOPHAN      ? 'C11 H12 N2 O2'  204.225 
TYR 'L-peptide linking' y TYROSINE        ? 'C9 H11 N O3'    181.189 
VAL 'L-peptide linking' y VALINE          ? 'C5 H11 N O2'    117.146 
# 
loop_
_pdbx_poly_seq_scheme.asym_id 
_pdbx_poly_seq_scheme.entity_id 
_pdbx_poly_seq_scheme.seq_id 
_pdbx_poly_seq_scheme.mon_id 
_pdbx_poly_seq_scheme.ndb_seq_num 
_pdbx_poly_seq_scheme.pdb_seq_num 
_pdbx_poly_seq_scheme.auth_seq_num 
_pdbx_poly_seq_scheme.pdb_mon_id 
_pdbx_poly_seq_scheme.auth_mon_id 
_pdbx_poly_seq_scheme.pdb_strand_id 
_pdbx_poly_seq_scheme.pdb_ins_code 
_pdbx_poly_seq_scheme.hetero 
A 1 1   MET 1   -27 ?   ?   ?   A . n 
A 1 2   LYS 2   -26 ?   ?   ?   A . n 
A 1 3   HIS 3   -25 ?   ?   ?   A . n 
A 1 4   HIS 4   -24 ?   ?   ?   A . n 
A 1 5   HIS 5   -23 ?   ?   ?   A . n 
A 1 6   HIS 6   -22 ?   ?   ?   A . n 
A 1 7   HIS 7   -21 ?   ?   ?   A . n 
A 1 8   HIS 8   -20 ?   ?   ?   A . n 
A 1 9   PRO 9   -19 ?   ?   ?   A . n 
A 1 10  MET 10  -18 ?   ?   ?   A . n 
A 1 11  SER 11  -17 ?   ?   ?   A . n 
A 1 12  ASP 12  -16 ?   ?   ?   A . n 
A 1 13  TYR 13  -15 ?   ?   ?   A . n 
A 1 14  ASP 14  -14 ?   ?   ?   A . n 
A 1 15  ILE 15  -13 ?   ?   ?   A . n 
A 1 16  PRO 16  -12 ?   ?   ?   A . n 
A 1 17  THR 17  -11 ?   ?   ?   A . n 
A 1 18  THR 18  -10 ?   ?   ?   A . n 
A 1 19  GLU 19  -9  ?   ?   ?   A . n 
A 1 20  ASN 20  -8  ?   ?   ?   A . n 
A 1 21  LEU 21  -7  ?   ?   ?   A . n 
A 1 22  TYR 22  -6  ?   ?   ?   A . n 
A 1 23  PHE 23  -5  ?   ?   ?   A . n 
A 1 24  GLN 24  -4  ?   ?   ?   A . n 
A 1 25  GLY 25  -3  ?   ?   ?   A . n 
A 1 26  ALA 26  -2  ?   ?   ?   A . n 
A 1 27  MET 27  -1  ?   ?   ?   A . n 
A 1 28  GLY 28  0   ?   ?   ?   A . n 
A 1 29  MET 29  1   ?   ?   ?   A . n 
A 1 30  THR 30  2   ?   ?   ?   A . n 
A 1 31  GLU 31  3   ?   ?   ?   A . n 
A 1 32  GLN 32  4   4   GLN GLN A . n 
A 1 33  THR 33  5   5   THR THR A . n 
A 1 34  LEU 34  6   6   LEU LEU A . n 
A 1 35  PHE 35  7   7   PHE PHE A . n 
A 1 36  GLU 36  8   8   GLU GLU A . n 
A 1 37  GLN 37  9   9   GLN GLN A . n 
A 1 38  LEU 38  10  10  LEU LEU A . n 
A 1 39  ASN 39  11  11  ASN ASN A . n 
A 1 40  SER 40  12  12  SER SER A . n 
A 1 41  LYS 41  13  13  LYS LYS A . n 
A 1 42  ASN 42  14  14  ASN ASN A . n 
A 1 43  VAL 43  15  15  VAL VAL A . n 
A 1 44  ASN 44  16  16  ASN ASN A . n 
A 1 45  ASP 45  17  17  ASP ASP A . n 
A 1 46  HIS 46  18  18  HIS HIS A . n 
A 1 47  THR 47  19  19  THR THR A . n 
A 1 48  GLU 48  20  20  GLU GLU A . n 
A 1 49  GLN 49  21  21  GLN GLN A . n 
A 1 50  LYS 50  22  22  LYS LYS A . n 
A 1 51  ASN 51  23  23  ASN ASN A . n 
A 1 52  GLY 52  24  24  GLY GLY A . n 
A 1 53  LEU 53  25  25  LEU LEU A . n 
A 1 54  THR 54  26  26  THR THR A . n 
A 1 55  TYR 55  27  27  TYR TYR A . n 
A 1 56  LEU 56  28  28  LEU LEU A . n 
A 1 57  ALA 57  29  29  ALA ALA A . n 
A 1 58  TRP 58  30  30  TRP TRP A . n 
A 1 59  SER 59  31  31  SER SER A . n 
A 1 60  TYR 60  32  32  TYR TYR A . n 
A 1 61  ALA 61  33  33  ALA ALA A . n 
A 1 62  HIS 62  34  34  HIS HIS A . n 
A 1 63  GLN 63  35  35  GLN GLN A . n 
A 1 64  GLU 64  36  36  GLU GLU A . n 
A 1 65  LEU 65  37  37  LEU LEU A . n 
A 1 66  LYS 66  38  38  LYS LYS A . n 
A 1 67  LYS 67  39  39  LYS LYS A . n 
A 1 68  ILE 68  40  40  ILE ILE A . n 
A 1 69  ASP 69  41  41  ASP ASP A . n 
A 1 70  PRO 70  42  42  PRO PRO A . n 
A 1 71  ASN 71  43  43  ASN ASN A . n 
A 1 72  TYR 72  44  44  TYR TYR A . n 
A 1 73  THR 73  45  45  THR THR A . n 
A 1 74  VAL 74  46  46  VAL VAL A . n 
A 1 75  LYS 75  47  47  LYS LYS A . n 
A 1 76  VAL 76  48  48  VAL VAL A . n 
A 1 77  HIS 77  49  49  HIS HIS A . n 
A 1 78  GLU 78  50  50  GLU GLU A . n 
A 1 79  PHE 79  51  51  PHE PHE A . n 
A 1 80  PRO 80  52  52  PRO PRO A . n 
A 1 81  HIS 81  53  53  HIS HIS A . n 
A 1 82  PRO 82  54  54  PRO PRO A . n 
A 1 83  ASP 83  55  55  ASP ASP A . n 
A 1 84  ILE 84  56  56  ILE ILE A . n 
A 1 85  ASN 85  57  57  ASN ASN A . n 
A 1 86  THR 86  58  58  THR THR A . n 
A 1 87  GLU 87  59  59  GLU GLU A . n 
A 1 88  ASN 88  60  60  ASN ASN A . n 
A 1 89  TYR 89  61  61  TYR TYR A . n 
A 1 90  PHE 90  62  62  PHE PHE A . n 
A 1 91  VAL 91  63  63  VAL VAL A . n 
A 1 92  PRO 92  64  64  PRO PRO A . n 
A 1 93  TYR 93  65  65  TYR TYR A . n 
A 1 94  LEU 94  66  66  LEU LEU A . n 
A 1 95  ALA 95  67  67  ALA ALA A . n 
A 1 96  THR 96  68  68  THR THR A . n 
A 1 97  PRO 97  69  69  PRO PRO A . n 
A 1 98  GLU 98  70  70  GLU GLU A . n 
A 1 99  GLY 99  71  71  GLY GLY A . n 
A 1 100 TYR 100 72  72  TYR TYR A . n 
A 1 101 PHE 101 73  73  PHE PHE A . n 
A 1 102 VAL 102 74  74  VAL VAL A . n 
A 1 103 GLN 103 75  75  GLN GLN A . n 
A 1 104 VAL 104 76  76  VAL VAL A . n 
A 1 105 SER 105 77  77  SER SER A . n 
A 1 106 VAL 106 78  78  VAL VAL A . n 
A 1 107 THR 107 79  79  THR THR A . n 
A 1 108 VAL 108 80  80  VAL VAL A . n 
A 1 109 LYS 109 81  81  LYS LYS A . n 
A 1 110 ASP 110 82  82  ASP ASP A . n 
A 1 111 SER 111 83  83  SER SER A . n 
A 1 112 THR 112 84  84  THR THR A . n 
A 1 113 GLU 113 85  85  GLU GLU A . n 
A 1 114 THR 114 86  86  THR THR A . n 
A 1 115 GLU 115 87  87  GLU GLU A . n 
A 1 116 TRP 116 88  88  TRP TRP A . n 
A 1 117 LEU 117 89  89  LEU LEU A . n 
A 1 118 PRO 118 90  90  PRO PRO A . n 
A 1 119 VAL 119 91  91  VAL VAL A . n 
A 1 120 LEU 120 92  92  LEU LEU A . n 
A 1 121 ASP 121 93  93  ASP ASP A . n 
A 1 122 PHE 122 94  94  PHE PHE A . n 
A 1 123 ARG 123 95  95  ARG ARG A . n 
A 1 124 ASN 124 96  96  ASN ASN A . n 
A 1 125 LYS 125 97  97  LYS LYS A . n 
A 1 126 SER 126 98  98  SER SER A . n 
A 1 127 LEU 127 99  99  LEU LEU A . n 
A 1 128 ALA 128 100 100 ALA ALA A . n 
A 1 129 LYS 129 101 101 LYS LYS A . n 
A 1 130 GLY 130 102 102 GLY GLY A . n 
A 1 131 SER 131 103 103 SER SER A . n 
A 1 132 ALA 132 104 104 ALA ALA A . n 
A 1 133 THR 133 105 105 THR THR A . n 
A 1 134 THR 134 106 106 THR THR A . n 
A 1 135 PHE 135 107 107 PHE PHE A . n 
A 1 136 ASP 136 108 108 ASP ASP A . n 
A 1 137 ILE 137 109 109 ILE ILE A . n 
A 1 138 ASN 138 110 110 ASN ASN A . n 
A 1 139 LYS 139 111 111 LYS LYS A . n 
A 1 140 ALA 140 112 112 ALA ALA A . n 
A 1 141 GLN 141 113 113 GLN GLN A . n 
A 1 142 LYS 142 114 114 LYS LYS A . n 
A 1 143 ARG 143 115 115 ARG ARG A . n 
A 1 144 CYS 144 116 116 CYS CYS A . n 
A 1 145 PHE 145 117 117 PHE PHE A . n 
A 1 146 VAL 146 118 118 VAL VAL A . n 
A 1 147 LYS 147 119 119 LYS LYS A . n 
A 1 148 ALA 148 120 120 ALA ALA A . n 
A 1 149 SER 149 121 121 SER SER A . n 
A 1 150 ALA 150 122 122 ALA ALA A . n 
A 1 151 LEU 151 123 123 LEU LEU A . n 
A 1 152 HIS 152 124 124 HIS HIS A . n 
A 1 153 GLY 153 125 125 GLY GLY A . n 
A 1 154 LEU 154 126 126 LEU LEU A . n 
A 1 155 GLY 155 127 127 GLY GLY A . n 
A 1 156 LEU 156 128 128 LEU LEU A . n 
A 1 157 TYR 157 129 129 TYR TYR A . n 
A 1 158 ILE 158 130 130 ILE ILE A . n 
A 1 159 TYR 159 131 131 TYR TYR A . n 
A 1 160 ASN 160 132 ?   ?   ?   A . n 
A 1 161 GLY 161 133 ?   ?   ?   A . n 
A 1 162 GLU 162 134 ?   ?   ?   A . n 
A 1 163 GLU 163 135 ?   ?   ?   A . n 
A 1 164 LEU 164 136 ?   ?   ?   A . n 
A 1 165 PRO 165 137 ?   ?   ?   A . n 
A 1 166 SER 166 138 ?   ?   ?   A . n 
A 1 167 ALA 167 139 ?   ?   ?   A . n 
A 1 168 SER 168 140 ?   ?   ?   A . n 
A 1 169 ASP 169 141 ?   ?   ?   A . n 
# 
loop_
_pdbx_nonpoly_scheme.asym_id 
_pdbx_nonpoly_scheme.entity_id 
_pdbx_nonpoly_scheme.mon_id 
_pdbx_nonpoly_scheme.ndb_seq_num 
_pdbx_nonpoly_scheme.pdb_seq_num 
_pdbx_nonpoly_scheme.auth_seq_num 
_pdbx_nonpoly_scheme.pdb_mon_id 
_pdbx_nonpoly_scheme.auth_mon_id 
_pdbx_nonpoly_scheme.pdb_strand_id 
_pdbx_nonpoly_scheme.pdb_ins_code 
B 2 HOH 1 201 134 HOH HOH A . 
B 2 HOH 2 202 133 HOH HOH A . 
B 2 HOH 3 203 132 HOH HOH A . 
B 2 HOH 4 204 136 HOH HOH A . 
B 2 HOH 5 205 135 HOH HOH A . 
B 2 HOH 6 206 140 HOH HOH A . 
B 2 HOH 7 207 139 HOH HOH A . 
B 2 HOH 8 208 137 HOH HOH A . 
B 2 HOH 9 209 138 HOH HOH A . 
# 
_exptl.absorpt_coefficient_mu     ? 
_exptl.absorpt_correction_T_max   ? 
_exptl.absorpt_correction_T_min   ? 
_exptl.absorpt_correction_type    ? 
_exptl.absorpt_process_details    ? 
_exptl.entry_id                   8PQ8 
_exptl.crystals_number            ? 
_exptl.details                    ? 
_exptl.method                     'ELECTRON MICROSCOPY' 
_exptl.method_details             ? 
# 
_struct.entry_id                     8PQ8 
_struct.title                        'Sak Single Strand Annealing Protein from Staphylococcal Bacteriophage 80a - dCTD' 
_struct.pdbx_model_details           ? 
_struct.pdbx_formula_weight          ? 
_struct.pdbx_formula_weight_method   ? 
_struct.pdbx_model_type_details      ? 
_struct.pdbx_CASP_flag               N 
# 
_struct_keywords.entry_id        8PQ8 
_struct_keywords.text            
;Annealase, SSAP, Single Strand Annealing, Single Strand Binding, Recombineering, Recombination, SaPI, Bacteriophage, Staphylococcal, Complex, SaPI induction, SaPI2, Mobile Genetic Element, MGE, PICI, Phage-Inducible Chromosomal Island, C18, Ring
;
_struct_keywords.pdbx_keywords   RECOMBINATION 
# 
loop_
_struct_asym.id 
_struct_asym.pdbx_blank_PDB_chainid_flag 
_struct_asym.pdbx_modified 
_struct_asym.entity_id 
_struct_asym.details 
A N N 1 ? 
B N N 2 ? 
# 
_struct_ref.id                         1 
_struct_ref.db_name                    UNP 
_struct_ref.db_code                    C8CGY8_9CAUD 
_struct_ref.pdbx_db_accession          C8CGY8 
_struct_ref.pdbx_db_isoform            ? 
_struct_ref.entity_id                  1 
_struct_ref.pdbx_seq_one_letter_code   
;MTEQTLFEQLNSKNVNDHTEQKNGLTYLAWSYAHQELKKIDPNYTVKVHEFPHPDINTENYFVPYLATPEGYFVQVSVTV
KDSTETEWLPVLDFRNKSLAKGSATTFDINKAQKRCFVKASALHGLGLYIYNGEELPSASD
;
_struct_ref.pdbx_align_begin           1 
# 
_struct_ref_seq.align_id                      1 
_struct_ref_seq.ref_id                        1 
_struct_ref_seq.pdbx_PDB_id_code              8PQ8 
_struct_ref_seq.pdbx_strand_id                A 
_struct_ref_seq.seq_align_beg                 29 
_struct_ref_seq.pdbx_seq_align_beg_ins_code   ? 
_struct_ref_seq.seq_align_end                 169 
_struct_ref_seq.pdbx_seq_align_end_ins_code   ? 
_struct_ref_seq.pdbx_db_accession             C8CGY8 
_struct_ref_seq.db_align_beg                  1 
_struct_ref_seq.pdbx_db_align_beg_ins_code    ? 
_struct_ref_seq.db_align_end                  141 
_struct_ref_seq.pdbx_db_align_end_ins_code    ? 
_struct_ref_seq.pdbx_auth_seq_align_beg       1 
_struct_ref_seq.pdbx_auth_seq_align_end       141 
# 
loop_
_struct_ref_seq_dif.align_id 
_struct_ref_seq_dif.pdbx_pdb_id_code 
_struct_ref_seq_dif.mon_id 
_struct_ref_seq_dif.pdbx_pdb_strand_id 
_struct_ref_seq_dif.seq_num 
_struct_ref_seq_dif.pdbx_pdb_ins_code 
_struct_ref_seq_dif.pdbx_seq_db_name 
_struct_ref_seq_dif.pdbx_seq_db_accession_code 
_struct_ref_seq_dif.db_mon_id 
_struct_ref_seq_dif.pdbx_seq_db_seq_num 
_struct_ref_seq_dif.details 
_struct_ref_seq_dif.pdbx_auth_seq_num 
_struct_ref_seq_dif.pdbx_ordinal 
1 8PQ8 MET A 1  ? UNP C8CGY8 ? ? 'initiating methionine' -27 1  
1 8PQ8 LYS A 2  ? UNP C8CGY8 ? ? 'expression tag'        -26 2  
1 8PQ8 HIS A 3  ? UNP C8CGY8 ? ? 'expression tag'        -25 3  
1 8PQ8 HIS A 4  ? UNP C8CGY8 ? ? 'expression tag'        -24 4  
1 8PQ8 HIS A 5  ? UNP C8CGY8 ? ? 'expression tag'        -23 5  
1 8PQ8 HIS A 6  ? UNP C8CGY8 ? ? 'expression tag'        -22 6  
1 8PQ8 HIS A 7  ? UNP C8CGY8 ? ? 'expression tag'        -21 7  
1 8PQ8 HIS A 8  ? UNP C8CGY8 ? ? 'expression tag'        -20 8  
1 8PQ8 PRO A 9  ? UNP C8CGY8 ? ? 'expression tag'        -19 9  
1 8PQ8 MET A 10 ? UNP C8CGY8 ? ? 'expression tag'        -18 10 
1 8PQ8 SER A 11 ? UNP C8CGY8 ? ? 'expression tag'        -17 11 
1 8PQ8 ASP A 12 ? UNP C8CGY8 ? ? 'expression tag'        -16 12 
1 8PQ8 TYR A 13 ? UNP C8CGY8 ? ? 'expression tag'        -15 13 
1 8PQ8 ASP A 14 ? UNP C8CGY8 ? ? 'expression tag'        -14 14 
1 8PQ8 ILE A 15 ? UNP C8CGY8 ? ? 'expression tag'        -13 15 
1 8PQ8 PRO A 16 ? UNP C8CGY8 ? ? 'expression tag'        -12 16 
1 8PQ8 THR A 17 ? UNP C8CGY8 ? ? 'expression tag'        -11 17 
1 8PQ8 THR A 18 ? UNP C8CGY8 ? ? 'expression tag'        -10 18 
1 8PQ8 GLU A 19 ? UNP C8CGY8 ? ? 'expression tag'        -9  19 
1 8PQ8 ASN A 20 ? UNP C8CGY8 ? ? 'expression tag'        -8  20 
1 8PQ8 LEU A 21 ? UNP C8CGY8 ? ? 'expression tag'        -7  21 
1 8PQ8 TYR A 22 ? UNP C8CGY8 ? ? 'expression tag'        -6  22 
1 8PQ8 PHE A 23 ? UNP C8CGY8 ? ? 'expression tag'        -5  23 
1 8PQ8 GLN A 24 ? UNP C8CGY8 ? ? 'expression tag'        -4  24 
1 8PQ8 GLY A 25 ? UNP C8CGY8 ? ? 'expression tag'        -3  25 
1 8PQ8 ALA A 26 ? UNP C8CGY8 ? ? 'expression tag'        -2  26 
1 8PQ8 MET A 27 ? UNP C8CGY8 ? ? 'expression tag'        -1  27 
1 8PQ8 GLY A 28 ? UNP C8CGY8 ? ? 'expression tag'        0   28 
# 
_pdbx_struct_assembly.id                   1 
_pdbx_struct_assembly.details              author_and_software_defined_assembly 
_pdbx_struct_assembly.method_details       ? 
_pdbx_struct_assembly.oligomeric_details   18-meric 
_pdbx_struct_assembly.oligomeric_count     18 
# 
_pdbx_struct_assembly_gen.assembly_id       1 
_pdbx_struct_assembly_gen.oper_expression   1,2,3,4,5,6,7,8,9,10,11,12,13,14,15,16,17,18 
_pdbx_struct_assembly_gen.asym_id_list      A,B 
# 
_pdbx_struct_assembly_auth_evidence.id                     1 
_pdbx_struct_assembly_auth_evidence.assembly_id            1 
_pdbx_struct_assembly_auth_evidence.experimental_support   microscopy 
_pdbx_struct_assembly_auth_evidence.details                'not applicable' 
# 
loop_
_pdbx_struct_oper_list.id 
_pdbx_struct_oper_list.type 
_pdbx_struct_oper_list.name 
_pdbx_struct_oper_list.symmetry_operation 
_pdbx_struct_oper_list.matrix[1][1] 
_pdbx_struct_oper_list.matrix[1][2] 
_pdbx_struct_oper_list.matrix[1][3] 
_pdbx_struct_oper_list.vector[1] 
_pdbx_struct_oper_list.matrix[2][1] 
_pdbx_struct_oper_list.matrix[2][2] 
_pdbx_struct_oper_list.matrix[2][3] 
_pdbx_struct_oper_list.vector[2] 
_pdbx_struct_oper_list.matrix[3][1] 
_pdbx_struct_oper_list.matrix[3][2] 
_pdbx_struct_oper_list.matrix[3][3] 
_pdbx_struct_oper_list.vector[3] 
1  'identity operation'       1_555 x,y,z 1.00000000  0.00000000  -0.00000000 0.00000000   -0.00000000 1.00000000 -0.00000000 0.00000000   0.00000000  0.00000000  1.00000000  0.00000000   
2  'point symmetry operation' ?     ?     0.94568881  0.08561368  0.31359680  -13.17258075 -0.05034495 0.99162916 -0.11889909 7.16485011   -0.32115113 0.09665352  0.94208282  12.56623259  
3  'point symmetry operation' ?     ?     0.78925679  0.19620475  0.58187405  -21.07653906 -0.05935054 0.96751755 -0.24573827 13.44354396  -0.61118837 0.15941606  0.77526466  29.34824187  
4  'point symmetry operation' ?     ?     0.54966585  0.31836337  0.77234205  -22.75417281 -0.02592402 0.93058996 -0.36514418 18.06718642  -0.83498228 0.18068507  0.51976677  48.27465879  
5  'point symmetry operation' ?     ?     0.25567310  0.43743167  0.86213967  -17.99698152 0.04591963  0.88527813 -0.46278940 20.48758160  -0.96567213 0.15791193  0.20625510  67.11672330  
6  'point symmetry operation' ?     ?     -0.05705307 0.53896993  0.84039060  -7.40103658  0.14745820  0.83707872 -0.52683516 20.40691504  -0.98742140 0.09386492  -0.12723345 83.53901382  
7  'point symmetry operation' ?     ?     -0.35104452 0.61081263  0.70970112  7.78300924   0.26652790  0.79176615 -0.54960826 17.84099480  -0.89762499 -0.00378182 -0.44074377 95.63255323  
8  'point symmetry operation' ?     ?     -0.59063657 0.64423719  0.48590830  25.69944521  0.38868541  0.75483944 -0.52833802 13.09458821  -0.70715776 -0.12319029 -0.69624138 101.87812320 
9  'point symmetry operation' ?     ?     -0.74706789 0.63523498  0.19587265  44.21625743  0.49927451  0.73072979 -0.46557377 6.73961931   -0.43887873 -0.25002100 -0.86306139 101.56572018 
10 'point symmetry operation' ?     ?     -0.80137964 0.58488933  -0.12528027 61.06836750  0.58488933  0.72235881 -0.36892035 -0.45350550  -0.12528027 -0.36892035 -0.92097917 94.70103038  
11 'point symmetry operation' ?     ?     -0.74706779 0.49927507  -0.43887826 74.23841849  0.63523540  0.73072925 -0.25002149 -7.61919138  0.19587168  -0.46557401 -0.86306149 82.12687998  
12 'point symmetry operation' ?     ?     -0.59063850 0.38868506  -0.70715634 82.14013509  0.64423586  0.75484048 -0.12319098 -13.89142571 0.48590774  -0.52833680 -0.69624270 65.37148049  
13 'point symmetry operation' ?     ?     -0.35104628 0.26652612  -0.89762484 83.81285807  0.61080883  0.79176907 -0.00378223 -18.51780504 0.70970352  -0.54960492 -0.44074410 46.42449734  
14 'point symmetry operation' ?     ?     -0.05713926 0.14749208  -0.98741136 79.06386822  0.53899280  0.83706630 0.09384438  -20.93930352 0.84037008  -0.52684541 -0.12732652 27.59029163  
15 'point symmetry operation' ?     ?     0.25567083  0.04591921  -0.96567275 68.45780660  0.43742830  0.88528020 0.15790963  -20.85982495 0.86214205  -0.46278547 0.20625396  11.14641566  
16 'point symmetry operation' ?     ?     0.54966348  -0.02592311 -0.83498386 53.27907990  0.31835892  0.93059210 0.18068186  -18.29050215 0.77234555  -0.36513878 0.51976535  -0.92280855  
17 'point symmetry operation' ?     ?     0.78925608  -0.05934849 -0.61118951 35.35458464  0.19619823  0.96751985 0.15941014  -13.54560310 0.58187723  -0.24572972 0.77526499  -7.18818657  
18 'point symmetry operation' ?     ?     0.94568875  -0.05034565 -0.32115121 16.85536481  0.08561422  0.99162918 0.09665286  -7.19209337  0.31359685  -0.11889864 0.94208287  -6.85471163  
# 
loop_
_struct_conf.conf_type_id 
_struct_conf.id 
_struct_conf.pdbx_PDB_helix_id 
_struct_conf.beg_label_comp_id 
_struct_conf.beg_label_asym_id 
_struct_conf.beg_label_seq_id 
_struct_conf.pdbx_beg_PDB_ins_code 
_struct_conf.end_label_comp_id 
_struct_conf.end_label_asym_id 
_struct_conf.end_label_seq_id 
_struct_conf.pdbx_end_PDB_ins_code 
_struct_conf.beg_auth_comp_id 
_struct_conf.beg_auth_asym_id 
_struct_conf.beg_auth_seq_id 
_struct_conf.end_auth_comp_id 
_struct_conf.end_auth_asym_id 
_struct_conf.end_auth_seq_id 
_struct_conf.pdbx_PDB_helix_class 
_struct_conf.details 
_struct_conf.pdbx_PDB_helix_length 
HELX_P HELX_P1 AA1 THR A 33  ? SER A 40  ? THR A 5   SER A 12  1 ? 8  
HELX_P HELX_P2 AA2 ALA A 57  ? ASP A 69  ? ALA A 29  ASP A 41  1 ? 13 
HELX_P HELX_P3 AA3 THR A 133 ? ALA A 150 ? THR A 105 ALA A 122 1 ? 18 
HELX_P HELX_P4 AA4 GLY A 155 ? TYR A 159 ? GLY A 127 TYR A 131 5 ? 5  
# 
_struct_conf_type.id          HELX_P 
_struct_conf_type.criteria    ? 
_struct_conf_type.reference   ? 
# 
loop_
_struct_sheet.id 
_struct_sheet.type 
_struct_sheet.number_strands 
_struct_sheet.details 
AA1 ? 2 ? 
AA2 ? 3 ? 
AA3 ? 3 ? 
AA4 ? 2 ? 
# 
loop_
_struct_sheet_order.sheet_id 
_struct_sheet_order.range_id_1 
_struct_sheet_order.range_id_2 
_struct_sheet_order.offset 
_struct_sheet_order.sense 
AA1 1 2 ? anti-parallel 
AA2 1 2 ? anti-parallel 
AA2 2 3 ? anti-parallel 
AA3 1 2 ? anti-parallel 
AA3 2 3 ? anti-parallel 
AA4 1 2 ? anti-parallel 
# 
loop_
_struct_sheet_range.sheet_id 
_struct_sheet_range.id 
_struct_sheet_range.beg_label_comp_id 
_struct_sheet_range.beg_label_asym_id 
_struct_sheet_range.beg_label_seq_id 
_struct_sheet_range.pdbx_beg_PDB_ins_code 
_struct_sheet_range.end_label_comp_id 
_struct_sheet_range.end_label_asym_id 
_struct_sheet_range.end_label_seq_id 
_struct_sheet_range.pdbx_end_PDB_ins_code 
_struct_sheet_range.beg_auth_comp_id 
_struct_sheet_range.beg_auth_asym_id 
_struct_sheet_range.beg_auth_seq_id 
_struct_sheet_range.end_auth_comp_id 
_struct_sheet_range.end_auth_asym_id 
_struct_sheet_range.end_auth_seq_id 
AA1 1 THR A 47  ? LYS A 50  ? THR A 19 LYS A 22 
AA1 2 LEU A 53  ? LEU A 56  ? LEU A 25 LEU A 28 
AA2 1 THR A 73  ? VAL A 76  ? THR A 45 VAL A 48 
AA2 2 GLY A 99  ? VAL A 108 ? GLY A 71 VAL A 80 
AA2 3 LEU A 94  ? THR A 96  ? LEU A 66 THR A 68 
AA3 1 THR A 73  ? VAL A 76  ? THR A 45 VAL A 48 
AA3 2 GLY A 99  ? VAL A 108 ? GLY A 71 VAL A 80 
AA3 3 SER A 111 ? PRO A 118 ? SER A 83 PRO A 90 
AA4 1 PHE A 79  ? PRO A 80  ? PHE A 51 PRO A 52 
AA4 2 PHE A 90  ? VAL A 91  ? PHE A 62 VAL A 63 
# 
loop_
_pdbx_struct_sheet_hbond.sheet_id 
_pdbx_struct_sheet_hbond.range_id_1 
_pdbx_struct_sheet_hbond.range_id_2 
_pdbx_struct_sheet_hbond.range_1_label_atom_id 
_pdbx_struct_sheet_hbond.range_1_label_comp_id 
_pdbx_struct_sheet_hbond.range_1_label_asym_id 
_pdbx_struct_sheet_hbond.range_1_label_seq_id 
_pdbx_struct_sheet_hbond.range_1_PDB_ins_code 
_pdbx_struct_sheet_hbond.range_1_auth_atom_id 
_pdbx_struct_sheet_hbond.range_1_auth_comp_id 
_pdbx_struct_sheet_hbond.range_1_auth_asym_id 
_pdbx_struct_sheet_hbond.range_1_auth_seq_id 
_pdbx_struct_sheet_hbond.range_2_label_atom_id 
_pdbx_struct_sheet_hbond.range_2_label_comp_id 
_pdbx_struct_sheet_hbond.range_2_label_asym_id 
_pdbx_struct_sheet_hbond.range_2_label_seq_id 
_pdbx_struct_sheet_hbond.range_2_PDB_ins_code 
_pdbx_struct_sheet_hbond.range_2_auth_atom_id 
_pdbx_struct_sheet_hbond.range_2_auth_comp_id 
_pdbx_struct_sheet_hbond.range_2_auth_asym_id 
_pdbx_struct_sheet_hbond.range_2_auth_seq_id 
AA1 1 2 N GLU A 48  ? N GLU A 20 O TYR A 55  ? O TYR A 27 
AA2 1 2 N LYS A 75  ? N LYS A 47 O SER A 105 ? O SER A 77 
AA2 2 3 O PHE A 101 ? O PHE A 73 N LEU A 94  ? N LEU A 66 
AA3 1 2 N LYS A 75  ? N LYS A 47 O SER A 105 ? O SER A 77 
AA3 2 3 N VAL A 106 ? N VAL A 78 O GLU A 113 ? O GLU A 85 
AA4 1 2 N PHE A 79  ? N PHE A 51 O VAL A 91  ? O VAL A 63 
# 
_pdbx_entry_details.entry_id                   8PQ8 
_pdbx_entry_details.compound_details           ? 
_pdbx_entry_details.source_details             ? 
_pdbx_entry_details.nonpolymer_details         ? 
_pdbx_entry_details.sequence_details           ? 
_pdbx_entry_details.has_ligand_of_interest     ? 
_pdbx_entry_details.has_protein_modification   N 
# 
_em_3d_fitting.id                1 
_em_3d_fitting.entry_id          8PQ8 
_em_3d_fitting.method            ? 
_em_3d_fitting.target_criteria   ? 
_em_3d_fitting.details           
;Fitting of the truncated AlphaFold prediction was done with ChimeraX and then subjected to real space refinement in PHENIX. The output was then repeatedly adjusted with Coot and verified in PHENIX.
;
_em_3d_fitting.overall_b_value   ? 
_em_3d_fitting.ref_space         REAL 
_em_3d_fitting.ref_protocol      'RIGID BODY FIT' 
# 
_em_3d_fitting_list.id                            1 
_em_3d_fitting_list.3d_fitting_id                 1 
_em_3d_fitting_list.pdb_entry_id                  . 
_em_3d_fitting_list.pdb_chain_id                  . 
_em_3d_fitting_list.pdb_chain_residue_range       . 
_em_3d_fitting_list.details                       
;AlphaFold prediction was done locally. CTD residues of the full-length AlphaFold prediction were deleted before fiting with ChimeraX.
;
_em_3d_fitting_list.chain_id                      A 
_em_3d_fitting_list.chain_residue_range           1-141 
_em_3d_fitting_list.source_name                   AlphaFold 
_em_3d_fitting_list.type                          'in silico model' 
_em_3d_fitting_list.accession_code                ? 
_em_3d_fitting_list.initial_refinement_model_id   ? 
# 
_em_3d_reconstruction.entry_id                    8PQ8 
_em_3d_reconstruction.id                          1 
_em_3d_reconstruction.method                      ? 
_em_3d_reconstruction.algorithm                   ? 
_em_3d_reconstruction.citation_id                 ? 
_em_3d_reconstruction.details                     
'Symmetry expanded to C18, multiplying the stack by 18, from 75703 to 1365300 particles.' 
_em_3d_reconstruction.resolution                  3.21 
_em_3d_reconstruction.resolution_method           'FSC 0.143 CUT-OFF' 
_em_3d_reconstruction.magnification_calibration   ? 
_em_3d_reconstruction.nominal_pixel_size          ? 
_em_3d_reconstruction.actual_pixel_size           ? 
_em_3d_reconstruction.num_particles               75703 
_em_3d_reconstruction.euler_angles_details        ? 
_em_3d_reconstruction.num_class_averages          ? 
_em_3d_reconstruction.refinement_type             ? 
_em_3d_reconstruction.image_processing_id         1 
_em_3d_reconstruction.symmetry_type               POINT 
# 
_em_buffer.id            1 
_em_buffer.specimen_id   1 
_em_buffer.name          ? 
_em_buffer.details       '20mM Tris-HCl pH 7.6, 100mM NaCl, 1mM DTT' 
_em_buffer.pH            8.1 
# 
_em_entity_assembly.id                   1 
_em_entity_assembly.parent_id            0 
_em_entity_assembly.source               RECOMBINANT 
_em_entity_assembly.type                 COMPLEX 
_em_entity_assembly.name                 '18-mer ring cryoEM structure of the 80a-Sak NTD in apo state' 
_em_entity_assembly.details              ? 
_em_entity_assembly.synonym              ? 
_em_entity_assembly.oligomeric_details   ? 
_em_entity_assembly.entity_id_list       1 
# 
_em_imaging.entry_id                        8PQ8 
_em_imaging.id                              1 
_em_imaging.astigmatism                     ? 
_em_imaging.electron_beam_tilt_params       ? 
_em_imaging.residual_tilt                   ? 
_em_imaging.microscope_model                'TFS GLACIOS' 
_em_imaging.specimen_holder_type            ? 
_em_imaging.specimen_holder_model           ? 
_em_imaging.details                         ? 
_em_imaging.date                            ? 
_em_imaging.accelerating_voltage            200 
_em_imaging.illumination_mode               'FLOOD BEAM' 
_em_imaging.mode                            'BRIGHT FIELD' 
_em_imaging.nominal_cs                      2.7 
_em_imaging.nominal_defocus_min             1600 
_em_imaging.nominal_defocus_max             2900 
_em_imaging.calibrated_defocus_min          ? 
_em_imaging.calibrated_defocus_max          ? 
_em_imaging.tilt_angle_min                  ? 
_em_imaging.tilt_angle_max                  ? 
_em_imaging.nominal_magnification           190000 
_em_imaging.calibrated_magnification        ? 
_em_imaging.electron_source                 'FIELD EMISSION GUN' 
_em_imaging.citation_id                     ? 
_em_imaging.temperature                     ? 
_em_imaging.detector_distance               ? 
_em_imaging.recording_temperature_minimum   ? 
_em_imaging.recording_temperature_maximum   ? 
_em_imaging.alignment_procedure             ? 
_em_imaging.c2_aperture_diameter            ? 
_em_imaging.specimen_id                     1 
_em_imaging.cryogen                         NITROGEN 
# 
_em_sample_support.id               1 
_em_sample_support.film_material    ? 
_em_sample_support.method           ? 
_em_sample_support.grid_material    COPPER 
_em_sample_support.grid_mesh_size   300 
_em_sample_support.grid_type        'Quantifoil R2/1' 
_em_sample_support.details          ? 
_em_sample_support.specimen_id      1 
_em_sample_support.citation_id      ? 
# 
_em_vitrification.entry_id              8PQ8 
_em_vitrification.id                    1 
_em_vitrification.specimen_id           1 
_em_vitrification.cryogen_name          ETHANE 
_em_vitrification.humidity              100 
_em_vitrification.temp                  ? 
_em_vitrification.chamber_temperature   277 
_em_vitrification.instrument            'FEI VITROBOT MARK IV' 
_em_vitrification.method                ? 
_em_vitrification.time_resolved_state   ? 
_em_vitrification.citation_id           ? 
_em_vitrification.details               ? 
# 
_em_experiment.entry_id                8PQ8 
_em_experiment.id                      1 
_em_experiment.reconstruction_method   'SINGLE PARTICLE' 
_em_experiment.aggregation_state       PARTICLE 
_em_experiment.entity_assembly_id      1 
# 
_em_single_particle_entity.entry_id              8PQ8 
_em_single_particle_entity.id                    1 
_em_single_particle_entity.image_processing_id   1 
_em_single_particle_entity.point_symmetry        C18 
# 
loop_
_pdbx_unobs_or_zero_occ_residues.id 
_pdbx_unobs_or_zero_occ_residues.PDB_model_num 
_pdbx_unobs_or_zero_occ_residues.polymer_flag 
_pdbx_unobs_or_zero_occ_residues.occupancy_flag 
_pdbx_unobs_or_zero_occ_residues.auth_asym_id 
_pdbx_unobs_or_zero_occ_residues.auth_comp_id 
_pdbx_unobs_or_zero_occ_residues.auth_seq_id 
_pdbx_unobs_or_zero_occ_residues.PDB_ins_code 
_pdbx_unobs_or_zero_occ_residues.label_asym_id 
_pdbx_unobs_or_zero_occ_residues.label_comp_id 
_pdbx_unobs_or_zero_occ_residues.label_seq_id 
1  1 Y 1 A MET -27 ? A MET 1   
2  1 Y 1 A LYS -26 ? A LYS 2   
3  1 Y 1 A HIS -25 ? A HIS 3   
4  1 Y 1 A HIS -24 ? A HIS 4   
5  1 Y 1 A HIS -23 ? A HIS 5   
6  1 Y 1 A HIS -22 ? A HIS 6   
7  1 Y 1 A HIS -21 ? A HIS 7   
8  1 Y 1 A HIS -20 ? A HIS 8   
9  1 Y 1 A PRO -19 ? A PRO 9   
10 1 Y 1 A MET -18 ? A MET 10  
11 1 Y 1 A SER -17 ? A SER 11  
12 1 Y 1 A ASP -16 ? A ASP 12  
13 1 Y 1 A TYR -15 ? A TYR 13  
14 1 Y 1 A ASP -14 ? A ASP 14  
15 1 Y 1 A ILE -13 ? A ILE 15  
16 1 Y 1 A PRO -12 ? A PRO 16  
17 1 Y 1 A THR -11 ? A THR 17  
18 1 Y 1 A THR -10 ? A THR 18  
19 1 Y 1 A GLU -9  ? A GLU 19  
20 1 Y 1 A ASN -8  ? A ASN 20  
21 1 Y 1 A LEU -7  ? A LEU 21  
22 1 Y 1 A TYR -6  ? A TYR 22  
23 1 Y 1 A PHE -5  ? A PHE 23  
24 1 Y 1 A GLN -4  ? A GLN 24  
25 1 Y 1 A GLY -3  ? A GLY 25  
26 1 Y 1 A ALA -2  ? A ALA 26  
27 1 Y 1 A MET -1  ? A MET 27  
28 1 Y 1 A GLY 0   ? A GLY 28  
29 1 Y 1 A MET 1   ? A MET 29  
30 1 Y 1 A THR 2   ? A THR 30  
31 1 Y 1 A GLU 3   ? A GLU 31  
32 1 Y 1 A ASN 132 ? A ASN 160 
33 1 Y 1 A GLY 133 ? A GLY 161 
34 1 Y 1 A GLU 134 ? A GLU 162 
35 1 Y 1 A GLU 135 ? A GLU 163 
36 1 Y 1 A LEU 136 ? A LEU 164 
37 1 Y 1 A PRO 137 ? A PRO 165 
38 1 Y 1 A SER 138 ? A SER 166 
39 1 Y 1 A ALA 139 ? A ALA 167 
40 1 Y 1 A SER 140 ? A SER 168 
41 1 Y 1 A ASP 141 ? A ASP 169 
# 
loop_
_chem_comp_atom.comp_id 
_chem_comp_atom.atom_id 
_chem_comp_atom.type_symbol 
_chem_comp_atom.pdbx_aromatic_flag 
_chem_comp_atom.pdbx_stereo_config 
_chem_comp_atom.pdbx_ordinal 
ALA N    N N N 1   
ALA CA   C N S 2   
ALA C    C N N 3   
ALA O    O N N 4   
ALA CB   C N N 5   
ALA OXT  O N N 6   
ALA H    H N N 7   
ALA H2   H N N 8   
ALA HA   H N N 9   
ALA HB1  H N N 10  
ALA HB2  H N N 11  
ALA HB3  H N N 12  
ALA HXT  H N N 13  
ARG N    N N N 14  
ARG CA   C N S 15  
ARG C    C N N 16  
ARG O    O N N 17  
ARG CB   C N N 18  
ARG CG   C N N 19  
ARG CD   C N N 20  
ARG NE   N N N 21  
ARG CZ   C N N 22  
ARG NH1  N N N 23  
ARG NH2  N N N 24  
ARG OXT  O N N 25  
ARG H    H N N 26  
ARG H2   H N N 27  
ARG HA   H N N 28  
ARG HB2  H N N 29  
ARG HB3  H N N 30  
ARG HG2  H N N 31  
ARG HG3  H N N 32  
ARG HD2  H N N 33  
ARG HD3  H N N 34  
ARG HE   H N N 35  
ARG HH11 H N N 36  
ARG HH12 H N N 37  
ARG HH21 H N N 38  
ARG HH22 H N N 39  
ARG HXT  H N N 40  
ASN N    N N N 41  
ASN CA   C N S 42  
ASN C    C N N 43  
ASN O    O N N 44  
ASN CB   C N N 45  
ASN CG   C N N 46  
ASN OD1  O N N 47  
ASN ND2  N N N 48  
ASN OXT  O N N 49  
ASN H    H N N 50  
ASN H2   H N N 51  
ASN HA   H N N 52  
ASN HB2  H N N 53  
ASN HB3  H N N 54  
ASN HD21 H N N 55  
ASN HD22 H N N 56  
ASN HXT  H N N 57  
ASP N    N N N 58  
ASP CA   C N S 59  
ASP C    C N N 60  
ASP O    O N N 61  
ASP CB   C N N 62  
ASP CG   C N N 63  
ASP OD1  O N N 64  
ASP OD2  O N N 65  
ASP OXT  O N N 66  
ASP H    H N N 67  
ASP H2   H N N 68  
ASP HA   H N N 69  
ASP HB2  H N N 70  
ASP HB3  H N N 71  
ASP HD2  H N N 72  
ASP HXT  H N N 73  
CYS N    N N N 74  
CYS CA   C N R 75  
CYS C    C N N 76  
CYS O    O N N 77  
CYS CB   C N N 78  
CYS SG   S N N 79  
CYS OXT  O N N 80  
CYS H    H N N 81  
CYS H2   H N N 82  
CYS HA   H N N 83  
CYS HB2  H N N 84  
CYS HB3  H N N 85  
CYS HG   H N N 86  
CYS HXT  H N N 87  
GLN N    N N N 88  
GLN CA   C N S 89  
GLN C    C N N 90  
GLN O    O N N 91  
GLN CB   C N N 92  
GLN CG   C N N 93  
GLN CD   C N N 94  
GLN OE1  O N N 95  
GLN NE2  N N N 96  
GLN OXT  O N N 97  
GLN H    H N N 98  
GLN H2   H N N 99  
GLN HA   H N N 100 
GLN HB2  H N N 101 
GLN HB3  H N N 102 
GLN HG2  H N N 103 
GLN HG3  H N N 104 
GLN HE21 H N N 105 
GLN HE22 H N N 106 
GLN HXT  H N N 107 
GLU N    N N N 108 
GLU CA   C N S 109 
GLU C    C N N 110 
GLU O    O N N 111 
GLU CB   C N N 112 
GLU CG   C N N 113 
GLU CD   C N N 114 
GLU OE1  O N N 115 
GLU OE2  O N N 116 
GLU OXT  O N N 117 
GLU H    H N N 118 
GLU H2   H N N 119 
GLU HA   H N N 120 
GLU HB2  H N N 121 
GLU HB3  H N N 122 
GLU HG2  H N N 123 
GLU HG3  H N N 124 
GLU HE2  H N N 125 
GLU HXT  H N N 126 
GLY N    N N N 127 
GLY CA   C N N 128 
GLY C    C N N 129 
GLY O    O N N 130 
GLY OXT  O N N 131 
GLY H    H N N 132 
GLY H2   H N N 133 
GLY HA2  H N N 134 
GLY HA3  H N N 135 
GLY HXT  H N N 136 
HIS N    N N N 137 
HIS CA   C N S 138 
HIS C    C N N 139 
HIS O    O N N 140 
HIS CB   C N N 141 
HIS CG   C Y N 142 
HIS ND1  N Y N 143 
HIS CD2  C Y N 144 
HIS CE1  C Y N 145 
HIS NE2  N Y N 146 
HIS OXT  O N N 147 
HIS H    H N N 148 
HIS H2   H N N 149 
HIS HA   H N N 150 
HIS HB2  H N N 151 
HIS HB3  H N N 152 
HIS HD1  H N N 153 
HIS HD2  H N N 154 
HIS HE1  H N N 155 
HIS HE2  H N N 156 
HIS HXT  H N N 157 
HOH O    O N N 158 
HOH H1   H N N 159 
HOH H2   H N N 160 
ILE N    N N N 161 
ILE CA   C N S 162 
ILE C    C N N 163 
ILE O    O N N 164 
ILE CB   C N S 165 
ILE CG1  C N N 166 
ILE CG2  C N N 167 
ILE CD1  C N N 168 
ILE OXT  O N N 169 
ILE H    H N N 170 
ILE H2   H N N 171 
ILE HA   H N N 172 
ILE HB   H N N 173 
ILE HG12 H N N 174 
ILE HG13 H N N 175 
ILE HG21 H N N 176 
ILE HG22 H N N 177 
ILE HG23 H N N 178 
ILE HD11 H N N 179 
ILE HD12 H N N 180 
ILE HD13 H N N 181 
ILE HXT  H N N 182 
LEU N    N N N 183 
LEU CA   C N S 184 
LEU C    C N N 185 
LEU O    O N N 186 
LEU CB   C N N 187 
LEU CG   C N N 188 
LEU CD1  C N N 189 
LEU CD2  C N N 190 
LEU OXT  O N N 191 
LEU H    H N N 192 
LEU H2   H N N 193 
LEU HA   H N N 194 
LEU HB2  H N N 195 
LEU HB3  H N N 196 
LEU HG   H N N 197 
LEU HD11 H N N 198 
LEU HD12 H N N 199 
LEU HD13 H N N 200 
LEU HD21 H N N 201 
LEU HD22 H N N 202 
LEU HD23 H N N 203 
LEU HXT  H N N 204 
LYS N    N N N 205 
LYS CA   C N S 206 
LYS C    C N N 207 
LYS O    O N N 208 
LYS CB   C N N 209 
LYS CG   C N N 210 
LYS CD   C N N 211 
LYS CE   C N N 212 
LYS NZ   N N N 213 
LYS OXT  O N N 214 
LYS H    H N N 215 
LYS H2   H N N 216 
LYS HA   H N N 217 
LYS HB2  H N N 218 
LYS HB3  H N N 219 
LYS HG2  H N N 220 
LYS HG3  H N N 221 
LYS HD2  H N N 222 
LYS HD3  H N N 223 
LYS HE2  H N N 224 
LYS HE3  H N N 225 
LYS HZ1  H N N 226 
LYS HZ2  H N N 227 
LYS HZ3  H N N 228 
LYS HXT  H N N 229 
MET N    N N N 230 
MET CA   C N S 231 
MET C    C N N 232 
MET O    O N N 233 
MET CB   C N N 234 
MET CG   C N N 235 
MET SD   S N N 236 
MET CE   C N N 237 
MET OXT  O N N 238 
MET H    H N N 239 
MET H2   H N N 240 
MET HA   H N N 241 
MET HB2  H N N 242 
MET HB3  H N N 243 
MET HG2  H N N 244 
MET HG3  H N N 245 
MET HE1  H N N 246 
MET HE2  H N N 247 
MET HE3  H N N 248 
MET HXT  H N N 249 
PHE N    N N N 250 
PHE CA   C N S 251 
PHE C    C N N 252 
PHE O    O N N 253 
PHE CB   C N N 254 
PHE CG   C Y N 255 
PHE CD1  C Y N 256 
PHE CD2  C Y N 257 
PHE CE1  C Y N 258 
PHE CE2  C Y N 259 
PHE CZ   C Y N 260 
PHE OXT  O N N 261 
PHE H    H N N 262 
PHE H2   H N N 263 
PHE HA   H N N 264 
PHE HB2  H N N 265 
PHE HB3  H N N 266 
PHE HD1  H N N 267 
PHE HD2  H N N 268 
PHE HE1  H N N 269 
PHE HE2  H N N 270 
PHE HZ   H N N 271 
PHE HXT  H N N 272 
PRO N    N N N 273 
PRO CA   C N S 274 
PRO C    C N N 275 
PRO O    O N N 276 
PRO CB   C N N 277 
PRO CG   C N N 278 
PRO CD   C N N 279 
PRO OXT  O N N 280 
PRO H    H N N 281 
PRO HA   H N N 282 
PRO HB2  H N N 283 
PRO HB3  H N N 284 
PRO HG2  H N N 285 
PRO HG3  H N N 286 
PRO HD2  H N N 287 
PRO HD3  H N N 288 
PRO HXT  H N N 289 
SER N    N N N 290 
SER CA   C N S 291 
SER C    C N N 292 
SER O    O N N 293 
SER CB   C N N 294 
SER OG   O N N 295 
SER OXT  O N N 296 
SER H    H N N 297 
SER H2   H N N 298 
SER HA   H N N 299 
SER HB2  H N N 300 
SER HB3  H N N 301 
SER HG   H N N 302 
SER HXT  H N N 303 
THR N    N N N 304 
THR CA   C N S 305 
THR C    C N N 306 
THR O    O N N 307 
THR CB   C N R 308 
THR OG1  O N N 309 
THR CG2  C N N 310 
THR OXT  O N N 311 
THR H    H N N 312 
THR H2   H N N 313 
THR HA   H N N 314 
THR HB   H N N 315 
THR HG1  H N N 316 
THR HG21 H N N 317 
THR HG22 H N N 318 
THR HG23 H N N 319 
THR HXT  H N N 320 
TRP N    N N N 321 
TRP CA   C N S 322 
TRP C    C N N 323 
TRP O    O N N 324 
TRP CB   C N N 325 
TRP CG   C Y N 326 
TRP CD1  C Y N 327 
TRP CD2  C Y N 328 
TRP NE1  N Y N 329 
TRP CE2  C Y N 330 
TRP CE3  C Y N 331 
TRP CZ2  C Y N 332 
TRP CZ3  C Y N 333 
TRP CH2  C Y N 334 
TRP OXT  O N N 335 
TRP H    H N N 336 
TRP H2   H N N 337 
TRP HA   H N N 338 
TRP HB2  H N N 339 
TRP HB3  H N N 340 
TRP HD1  H N N 341 
TRP HE1  H N N 342 
TRP HE3  H N N 343 
TRP HZ2  H N N 344 
TRP HZ3  H N N 345 
TRP HH2  H N N 346 
TRP HXT  H N N 347 
TYR N    N N N 348 
TYR CA   C N S 349 
TYR C    C N N 350 
TYR O    O N N 351 
TYR CB   C N N 352 
TYR CG   C Y N 353 
TYR CD1  C Y N 354 
TYR CD2  C Y N 355 
TYR CE1  C Y N 356 
TYR CE2  C Y N 357 
TYR CZ   C Y N 358 
TYR OH   O N N 359 
TYR OXT  O N N 360 
TYR H    H N N 361 
TYR H2   H N N 362 
TYR HA   H N N 363 
TYR HB2  H N N 364 
TYR HB3  H N N 365 
TYR HD1  H N N 366 
TYR HD2  H N N 367 
TYR HE1  H N N 368 
TYR HE2  H N N 369 
TYR HH   H N N 370 
TYR HXT  H N N 371 
VAL N    N N N 372 
VAL CA   C N S 373 
VAL C    C N N 374 
VAL O    O N N 375 
VAL CB   C N N 376 
VAL CG1  C N N 377 
VAL CG2  C N N 378 
VAL OXT  O N N 379 
VAL H    H N N 380 
VAL H2   H N N 381 
VAL HA   H N N 382 
VAL HB   H N N 383 
VAL HG11 H N N 384 
VAL HG12 H N N 385 
VAL HG13 H N N 386 
VAL HG21 H N N 387 
VAL HG22 H N N 388 
VAL HG23 H N N 389 
VAL HXT  H N N 390 
# 
loop_
_chem_comp_bond.comp_id 
_chem_comp_bond.atom_id_1 
_chem_comp_bond.atom_id_2 
_chem_comp_bond.value_order 
_chem_comp_bond.pdbx_aromatic_flag 
_chem_comp_bond.pdbx_stereo_config 
_chem_comp_bond.pdbx_ordinal 
ALA N   CA   sing N N 1   
ALA N   H    sing N N 2   
ALA N   H2   sing N N 3   
ALA CA  C    sing N N 4   
ALA CA  CB   sing N N 5   
ALA CA  HA   sing N N 6   
ALA C   O    doub N N 7   
ALA C   OXT  sing N N 8   
ALA CB  HB1  sing N N 9   
ALA CB  HB2  sing N N 10  
ALA CB  HB3  sing N N 11  
ALA OXT HXT  sing N N 12  
ARG N   CA   sing N N 13  
ARG N   H    sing N N 14  
ARG N   H2   sing N N 15  
ARG CA  C    sing N N 16  
ARG CA  CB   sing N N 17  
ARG CA  HA   sing N N 18  
ARG C   O    doub N N 19  
ARG C   OXT  sing N N 20  
ARG CB  CG   sing N N 21  
ARG CB  HB2  sing N N 22  
ARG CB  HB3  sing N N 23  
ARG CG  CD   sing N N 24  
ARG CG  HG2  sing N N 25  
ARG CG  HG3  sing N N 26  
ARG CD  NE   sing N N 27  
ARG CD  HD2  sing N N 28  
ARG CD  HD3  sing N N 29  
ARG NE  CZ   sing N N 30  
ARG NE  HE   sing N N 31  
ARG CZ  NH1  sing N N 32  
ARG CZ  NH2  doub N N 33  
ARG NH1 HH11 sing N N 34  
ARG NH1 HH12 sing N N 35  
ARG NH2 HH21 sing N N 36  
ARG NH2 HH22 sing N N 37  
ARG OXT HXT  sing N N 38  
ASN N   CA   sing N N 39  
ASN N   H    sing N N 40  
ASN N   H2   sing N N 41  
ASN CA  C    sing N N 42  
ASN CA  CB   sing N N 43  
ASN CA  HA   sing N N 44  
ASN C   O    doub N N 45  
ASN C   OXT  sing N N 46  
ASN CB  CG   sing N N 47  
ASN CB  HB2  sing N N 48  
ASN CB  HB3  sing N N 49  
ASN CG  OD1  doub N N 50  
ASN CG  ND2  sing N N 51  
ASN ND2 HD21 sing N N 52  
ASN ND2 HD22 sing N N 53  
ASN OXT HXT  sing N N 54  
ASP N   CA   sing N N 55  
ASP N   H    sing N N 56  
ASP N   H2   sing N N 57  
ASP CA  C    sing N N 58  
ASP CA  CB   sing N N 59  
ASP CA  HA   sing N N 60  
ASP C   O    doub N N 61  
ASP C   OXT  sing N N 62  
ASP CB  CG   sing N N 63  
ASP CB  HB2  sing N N 64  
ASP CB  HB3  sing N N 65  
ASP CG  OD1  doub N N 66  
ASP CG  OD2  sing N N 67  
ASP OD2 HD2  sing N N 68  
ASP OXT HXT  sing N N 69  
CYS N   CA   sing N N 70  
CYS N   H    sing N N 71  
CYS N   H2   sing N N 72  
CYS CA  C    sing N N 73  
CYS CA  CB   sing N N 74  
CYS CA  HA   sing N N 75  
CYS C   O    doub N N 76  
CYS C   OXT  sing N N 77  
CYS CB  SG   sing N N 78  
CYS CB  HB2  sing N N 79  
CYS CB  HB3  sing N N 80  
CYS SG  HG   sing N N 81  
CYS OXT HXT  sing N N 82  
GLN N   CA   sing N N 83  
GLN N   H    sing N N 84  
GLN N   H2   sing N N 85  
GLN CA  C    sing N N 86  
GLN CA  CB   sing N N 87  
GLN CA  HA   sing N N 88  
GLN C   O    doub N N 89  
GLN C   OXT  sing N N 90  
GLN CB  CG   sing N N 91  
GLN CB  HB2  sing N N 92  
GLN CB  HB3  sing N N 93  
GLN CG  CD   sing N N 94  
GLN CG  HG2  sing N N 95  
GLN CG  HG3  sing N N 96  
GLN CD  OE1  doub N N 97  
GLN CD  NE2  sing N N 98  
GLN NE2 HE21 sing N N 99  
GLN NE2 HE22 sing N N 100 
GLN OXT HXT  sing N N 101 
GLU N   CA   sing N N 102 
GLU N   H    sing N N 103 
GLU N   H2   sing N N 104 
GLU CA  C    sing N N 105 
GLU CA  CB   sing N N 106 
GLU CA  HA   sing N N 107 
GLU C   O    doub N N 108 
GLU C   OXT  sing N N 109 
GLU CB  CG   sing N N 110 
GLU CB  HB2  sing N N 111 
GLU CB  HB3  sing N N 112 
GLU CG  CD   sing N N 113 
GLU CG  HG2  sing N N 114 
GLU CG  HG3  sing N N 115 
GLU CD  OE1  doub N N 116 
GLU CD  OE2  sing N N 117 
GLU OE2 HE2  sing N N 118 
GLU OXT HXT  sing N N 119 
GLY N   CA   sing N N 120 
GLY N   H    sing N N 121 
GLY N   H2   sing N N 122 
GLY CA  C    sing N N 123 
GLY CA  HA2  sing N N 124 
GLY CA  HA3  sing N N 125 
GLY C   O    doub N N 126 
GLY C   OXT  sing N N 127 
GLY OXT HXT  sing N N 128 
HIS N   CA   sing N N 129 
HIS N   H    sing N N 130 
HIS N   H2   sing N N 131 
HIS CA  C    sing N N 132 
HIS CA  CB   sing N N 133 
HIS CA  HA   sing N N 134 
HIS C   O    doub N N 135 
HIS C   OXT  sing N N 136 
HIS CB  CG   sing N N 137 
HIS CB  HB2  sing N N 138 
HIS CB  HB3  sing N N 139 
HIS CG  ND1  sing Y N 140 
HIS CG  CD2  doub Y N 141 
HIS ND1 CE1  doub Y N 142 
HIS ND1 HD1  sing N N 143 
HIS CD2 NE2  sing Y N 144 
HIS CD2 HD2  sing N N 145 
HIS CE1 NE2  sing Y N 146 
HIS CE1 HE1  sing N N 147 
HIS NE2 HE2  sing N N 148 
HIS OXT HXT  sing N N 149 
HOH O   H1   sing N N 150 
HOH O   H2   sing N N 151 
ILE N   CA   sing N N 152 
ILE N   H    sing N N 153 
ILE N   H2   sing N N 154 
ILE CA  C    sing N N 155 
ILE CA  CB   sing N N 156 
ILE CA  HA   sing N N 157 
ILE C   O    doub N N 158 
ILE C   OXT  sing N N 159 
ILE CB  CG1  sing N N 160 
ILE CB  CG2  sing N N 161 
ILE CB  HB   sing N N 162 
ILE CG1 CD1  sing N N 163 
ILE CG1 HG12 sing N N 164 
ILE CG1 HG13 sing N N 165 
ILE CG2 HG21 sing N N 166 
ILE CG2 HG22 sing N N 167 
ILE CG2 HG23 sing N N 168 
ILE CD1 HD11 sing N N 169 
ILE CD1 HD12 sing N N 170 
ILE CD1 HD13 sing N N 171 
ILE OXT HXT  sing N N 172 
LEU N   CA   sing N N 173 
LEU N   H    sing N N 174 
LEU N   H2   sing N N 175 
LEU CA  C    sing N N 176 
LEU CA  CB   sing N N 177 
LEU CA  HA   sing N N 178 
LEU C   O    doub N N 179 
LEU C   OXT  sing N N 180 
LEU CB  CG   sing N N 181 
LEU CB  HB2  sing N N 182 
LEU CB  HB3  sing N N 183 
LEU CG  CD1  sing N N 184 
LEU CG  CD2  sing N N 185 
LEU CG  HG   sing N N 186 
LEU CD1 HD11 sing N N 187 
LEU CD1 HD12 sing N N 188 
LEU CD1 HD13 sing N N 189 
LEU CD2 HD21 sing N N 190 
LEU CD2 HD22 sing N N 191 
LEU CD2 HD23 sing N N 192 
LEU OXT HXT  sing N N 193 
LYS N   CA   sing N N 194 
LYS N   H    sing N N 195 
LYS N   H2   sing N N 196 
LYS CA  C    sing N N 197 
LYS CA  CB   sing N N 198 
LYS CA  HA   sing N N 199 
LYS C   O    doub N N 200 
LYS C   OXT  sing N N 201 
LYS CB  CG   sing N N 202 
LYS CB  HB2  sing N N 203 
LYS CB  HB3  sing N N 204 
LYS CG  CD   sing N N 205 
LYS CG  HG2  sing N N 206 
LYS CG  HG3  sing N N 207 
LYS CD  CE   sing N N 208 
LYS CD  HD2  sing N N 209 
LYS CD  HD3  sing N N 210 
LYS CE  NZ   sing N N 211 
LYS CE  HE2  sing N N 212 
LYS CE  HE3  sing N N 213 
LYS NZ  HZ1  sing N N 214 
LYS NZ  HZ2  sing N N 215 
LYS NZ  HZ3  sing N N 216 
LYS OXT HXT  sing N N 217 
MET N   CA   sing N N 218 
MET N   H    sing N N 219 
MET N   H2   sing N N 220 
MET CA  C    sing N N 221 
MET CA  CB   sing N N 222 
MET CA  HA   sing N N 223 
MET C   O    doub N N 224 
MET C   OXT  sing N N 225 
MET CB  CG   sing N N 226 
MET CB  HB2  sing N N 227 
MET CB  HB3  sing N N 228 
MET CG  SD   sing N N 229 
MET CG  HG2  sing N N 230 
MET CG  HG3  sing N N 231 
MET SD  CE   sing N N 232 
MET CE  HE1  sing N N 233 
MET CE  HE2  sing N N 234 
MET CE  HE3  sing N N 235 
MET OXT HXT  sing N N 236 
PHE N   CA   sing N N 237 
PHE N   H    sing N N 238 
PHE N   H2   sing N N 239 
PHE CA  C    sing N N 240 
PHE CA  CB   sing N N 241 
PHE CA  HA   sing N N 242 
PHE C   O    doub N N 243 
PHE C   OXT  sing N N 244 
PHE CB  CG   sing N N 245 
PHE CB  HB2  sing N N 246 
PHE CB  HB3  sing N N 247 
PHE CG  CD1  doub Y N 248 
PHE CG  CD2  sing Y N 249 
PHE CD1 CE1  sing Y N 250 
PHE CD1 HD1  sing N N 251 
PHE CD2 CE2  doub Y N 252 
PHE CD2 HD2  sing N N 253 
PHE CE1 CZ   doub Y N 254 
PHE CE1 HE1  sing N N 255 
PHE CE2 CZ   sing Y N 256 
PHE CE2 HE2  sing N N 257 
PHE CZ  HZ   sing N N 258 
PHE OXT HXT  sing N N 259 
PRO N   CA   sing N N 260 
PRO N   CD   sing N N 261 
PRO N   H    sing N N 262 
PRO CA  C    sing N N 263 
PRO CA  CB   sing N N 264 
PRO CA  HA   sing N N 265 
PRO C   O    doub N N 266 
PRO C   OXT  sing N N 267 
PRO CB  CG   sing N N 268 
PRO CB  HB2  sing N N 269 
PRO CB  HB3  sing N N 270 
PRO CG  CD   sing N N 271 
PRO CG  HG2  sing N N 272 
PRO CG  HG3  sing N N 273 
PRO CD  HD2  sing N N 274 
PRO CD  HD3  sing N N 275 
PRO OXT HXT  sing N N 276 
SER N   CA   sing N N 277 
SER N   H    sing N N 278 
SER N   H2   sing N N 279 
SER CA  C    sing N N 280 
SER CA  CB   sing N N 281 
SER CA  HA   sing N N 282 
SER C   O    doub N N 283 
SER C   OXT  sing N N 284 
SER CB  OG   sing N N 285 
SER CB  HB2  sing N N 286 
SER CB  HB3  sing N N 287 
SER OG  HG   sing N N 288 
SER OXT HXT  sing N N 289 
THR N   CA   sing N N 290 
THR N   H    sing N N 291 
THR N   H2   sing N N 292 
THR CA  C    sing N N 293 
THR CA  CB   sing N N 294 
THR CA  HA   sing N N 295 
THR C   O    doub N N 296 
THR C   OXT  sing N N 297 
THR CB  OG1  sing N N 298 
THR CB  CG2  sing N N 299 
THR CB  HB   sing N N 300 
THR OG1 HG1  sing N N 301 
THR CG2 HG21 sing N N 302 
THR CG2 HG22 sing N N 303 
THR CG2 HG23 sing N N 304 
THR OXT HXT  sing N N 305 
TRP N   CA   sing N N 306 
TRP N   H    sing N N 307 
TRP N   H2   sing N N 308 
TRP CA  C    sing N N 309 
TRP CA  CB   sing N N 310 
TRP CA  HA   sing N N 311 
TRP C   O    doub N N 312 
TRP C   OXT  sing N N 313 
TRP CB  CG   sing N N 314 
TRP CB  HB2  sing N N 315 
TRP CB  HB3  sing N N 316 
TRP CG  CD1  doub Y N 317 
TRP CG  CD2  sing Y N 318 
TRP CD1 NE1  sing Y N 319 
TRP CD1 HD1  sing N N 320 
TRP CD2 CE2  doub Y N 321 
TRP CD2 CE3  sing Y N 322 
TRP NE1 CE2  sing Y N 323 
TRP NE1 HE1  sing N N 324 
TRP CE2 CZ2  sing Y N 325 
TRP CE3 CZ3  doub Y N 326 
TRP CE3 HE3  sing N N 327 
TRP CZ2 CH2  doub Y N 328 
TRP CZ2 HZ2  sing N N 329 
TRP CZ3 CH2  sing Y N 330 
TRP CZ3 HZ3  sing N N 331 
TRP CH2 HH2  sing N N 332 
TRP OXT HXT  sing N N 333 
TYR N   CA   sing N N 334 
TYR N   H    sing N N 335 
TYR N   H2   sing N N 336 
TYR CA  C    sing N N 337 
TYR CA  CB   sing N N 338 
TYR CA  HA   sing N N 339 
TYR C   O    doub N N 340 
TYR C   OXT  sing N N 341 
TYR CB  CG   sing N N 342 
TYR CB  HB2  sing N N 343 
TYR CB  HB3  sing N N 344 
TYR CG  CD1  doub Y N 345 
TYR CG  CD2  sing Y N 346 
TYR CD1 CE1  sing Y N 347 
TYR CD1 HD1  sing N N 348 
TYR CD2 CE2  doub Y N 349 
TYR CD2 HD2  sing N N 350 
TYR CE1 CZ   doub Y N 351 
TYR CE1 HE1  sing N N 352 
TYR CE2 CZ   sing Y N 353 
TYR CE2 HE2  sing N N 354 
TYR CZ  OH   sing N N 355 
TYR OH  HH   sing N N 356 
TYR OXT HXT  sing N N 357 
VAL N   CA   sing N N 358 
VAL N   H    sing N N 359 
VAL N   H2   sing N N 360 
VAL CA  C    sing N N 361 
VAL CA  CB   sing N N 362 
VAL CA  HA   sing N N 363 
VAL C   O    doub N N 364 
VAL C   OXT  sing N N 365 
VAL CB  CG1  sing N N 366 
VAL CB  CG2  sing N N 367 
VAL CB  HB   sing N N 368 
VAL CG1 HG11 sing N N 369 
VAL CG1 HG12 sing N N 370 
VAL CG1 HG13 sing N N 371 
VAL CG2 HG21 sing N N 372 
VAL CG2 HG22 sing N N 373 
VAL CG2 HG23 sing N N 374 
VAL OXT HXT  sing N N 375 
# 
_em_admin.current_status     REL 
_em_admin.deposition_date    2023-07-10 
_em_admin.deposition_site    PDBE 
_em_admin.entry_id           8PQ8 
_em_admin.last_update        2025-03-05 
_em_admin.map_release_date   2025-02-12 
_em_admin.title              'Sak Single Strand Annealing Protein from Staphylococcal Bacteriophage 80a - dCTD' 
# 
loop_
_em_buffer_component.buffer_id 
_em_buffer_component.concentration 
_em_buffer_component.concentration_units 
_em_buffer_component.formula 
_em_buffer_component.id 
_em_buffer_component.name 
1 20  mM Tris-HCl 1 'Tris-HCl pH 7.6' 
1 100 mM NaCl     2 'Sodium Chloride' 
1 1   mM DTT      3 Dithiothreitol    
# 
_em_ctf_correction.details                  'CTF correction was applied on-the-fly during data collection with CryoSPARC Live.' 
_em_ctf_correction.em_image_processing_id   1 
_em_ctf_correction.id                       1 
_em_ctf_correction.type                     'PHASE FLIPPING AND AMPLITUDE CORRECTION' 
# 
_em_entity_assembly_molwt.entity_assembly_id   1 
_em_entity_assembly_molwt.experimental_flag    YES 
_em_entity_assembly_molwt.id                   1 
_em_entity_assembly_molwt.units                MEGADALTONS 
_em_entity_assembly_molwt.value                0.46 
# 
_em_entity_assembly_naturalsource.cell                 ? 
_em_entity_assembly_naturalsource.cellular_location    NA 
_em_entity_assembly_naturalsource.entity_assembly_id   1 
_em_entity_assembly_naturalsource.id                   2 
_em_entity_assembly_naturalsource.ncbi_tax_id          2911440 
_em_entity_assembly_naturalsource.organism             'Staphylococcus phage 80alpha' 
_em_entity_assembly_naturalsource.organelle            NA 
_em_entity_assembly_naturalsource.organ                NA 
_em_entity_assembly_naturalsource.strain               ? 
_em_entity_assembly_naturalsource.tissue               NA 
_em_entity_assembly_naturalsource.details              ? 
# 
_em_entity_assembly_recombinant.cell                 ? 
_em_entity_assembly_recombinant.entity_assembly_id   1 
_em_entity_assembly_recombinant.id                   2 
_em_entity_assembly_recombinant.ncbi_tax_id          469008 
_em_entity_assembly_recombinant.organism             'Escherichia coli BL21(DE3)' 
_em_entity_assembly_recombinant.plasmid              ? 
_em_entity_assembly_recombinant.strain               ? 
# 
_em_image_processing.details              ? 
_em_image_processing.id                   1 
_em_image_processing.image_recording_id   1 
# 
_em_image_recording.average_exposure_time               2.99 
_em_image_recording.avg_electron_dose_per_subtomogram   ? 
_em_image_recording.avg_electron_dose_per_image         50 
_em_image_recording.details                             ? 
_em_image_recording.detector_mode                       ? 
_em_image_recording.film_or_detector_model              'TFS FALCON 4i (4k x 4k)' 
_em_image_recording.id                                  1 
_em_image_recording.imaging_id                          1 
_em_image_recording.num_diffraction_images              ? 
_em_image_recording.num_grids_imaged                    1 
_em_image_recording.num_real_images                     4344 
# 
loop_
_em_software.category 
_em_software.details 
_em_software.id 
_em_software.image_processing_id 
_em_software.fitting_id 
_em_software.imaging_id 
_em_software.name 
_em_software.version 
'PARTICLE SELECTION'            ?                                               1  1 ? ? cryoSPARC       4.2.1        
'IMAGE ACQUISITION'             ?                                               2  ? ? 1 EPU             2.13.0       
MASKING                         ?                                               3  ? ? ? ?               ?            
'CTF CORRECTION'                'CTF correct on-the-fly with cryoSPARC Live'    4  1 ? ? cryoSPARC       4.2.1        
'LAYERLINE INDEXING'            ?                                               5  ? ? ? ?               ?            
'DIFFRACTION INDEXING'          ?                                               6  ? ? ? ?               ?            
'MODEL FITTING'                 ?                                               7  ? 1 ? 'UCSF ChimeraX' 1.4          
OTHER                           ?                                               8  ? ? ? ?               ?            
'MODEL REFINEMENT'              ?                                               9  ? 1 ? PHENIX          1.20.1       
'MODEL REFINEMENT'              ?                                               10 ? 1 ? Coot            '0.9.8.4 EL' 
'INITIAL EULER ASSIGNMENT'      ?                                               11 1 ? ? cryoSPARC       4.2.1        
'FINAL EULER ASSIGNMENT'        ?                                               12 1 ? ? cryoSPARC       4.2.1        
CLASSIFICATION                  ?                                               13 1 ? ? ?               ?            
RECONSTRUCTION                  'Local refinement job after symmetry expansion' 14 1 ? ? cryoSPARC       4.2.1        
'VOLUME SELECTION'              ?                                               15 1 1 1 ?               ?            
'SERIES ALIGNMENT'              ?                                               16 1 1 1 ?               ?            
'MOLECULAR REPLACEMENT'         ?                                               17 1 1 1 ?               ?            
'LATTICE DISTORTION CORRECTION' ?                                               18 1 1 1 ?               ?            
'SYMMETRY DETERMINATION'        ?                                               19 1 1 1 ?               ?            
'CRYSTALLOGRAPHY MERGING'       ?                                               20 1 1 1 ?               ?            
# 
_em_specimen.concentration           1 
_em_specimen.details                 'Monodisperse sample' 
_em_specimen.embedding_applied       NO 
_em_specimen.experiment_id           1 
_em_specimen.id                      1 
_em_specimen.shadowing_applied       NO 
_em_specimen.staining_applied        NO 
_em_specimen.vitrification_applied   YES 
# 
_pdbx_audit_support.funding_organization   'Knut and Alice Wallenberg Foundation' 
_pdbx_audit_support.country                Sweden 
_pdbx_audit_support.grant_number           ? 
_pdbx_audit_support.ordinal                1 
# 
_pdbx_initial_refinement_model.id               1 
_pdbx_initial_refinement_model.type             'in silico model' 
_pdbx_initial_refinement_model.source_name      AlphaFold 
_pdbx_initial_refinement_model.accession_code   ? 
# 
_atom_sites.entry_id                    8PQ8 
_atom_sites.Cartn_transf_matrix[1][1]   ? 
_atom_sites.Cartn_transf_matrix[1][2]   ? 
_atom_sites.Cartn_transf_matrix[1][3]   ? 
_atom_sites.Cartn_transf_matrix[2][1]   ? 
_atom_sites.Cartn_transf_matrix[2][2]   ? 
_atom_sites.Cartn_transf_matrix[2][3]   ? 
_atom_sites.Cartn_transf_matrix[3][1]   ? 
_atom_sites.Cartn_transf_matrix[3][2]   ? 
_atom_sites.Cartn_transf_matrix[3][3]   ? 
_atom_sites.Cartn_transf_vector[1]      ? 
_atom_sites.Cartn_transf_vector[2]      ? 
_atom_sites.Cartn_transf_vector[3]      ? 
_atom_sites.Cartn_transform_axes        ? 
_atom_sites.fract_transf_matrix[1][1]   1.000000 
_atom_sites.fract_transf_matrix[1][2]   0.000000 
_atom_sites.fract_transf_matrix[1][3]   0.000000 
_atom_sites.fract_transf_matrix[2][1]   0.000000 
_atom_sites.fract_transf_matrix[2][2]   1.000000 
_atom_sites.fract_transf_matrix[2][3]   0.000000 
_atom_sites.fract_transf_matrix[3][1]   0.000000 
_atom_sites.fract_transf_matrix[3][2]   0.000000 
_atom_sites.fract_transf_matrix[3][3]   1.000000 
_atom_sites.fract_transf_vector[1]      0.00000 
_atom_sites.fract_transf_vector[2]      0.00000 
_atom_sites.fract_transf_vector[3]      0.00000 
_atom_sites.solution_primary            ? 
_atom_sites.solution_secondary          ? 
_atom_sites.solution_hydrogens          ? 
_atom_sites.special_details             ? 
# 
loop_
_atom_type.symbol 
C 
N 
O 
S 
# 
loop_
_atom_site.group_PDB 
_atom_site.id 
_atom_site.type_symbol 
_atom_site.label_atom_id 
_atom_site.label_alt_id 
_atom_site.label_comp_id 
_atom_site.label_asym_id 
_atom_site.label_entity_id 
_atom_site.label_seq_id 
_atom_site.pdbx_PDB_ins_code 
_atom_site.Cartn_x 
_atom_site.Cartn_y 
_atom_site.Cartn_z 
_atom_site.occupancy 
_atom_site.B_iso_or_equiv 
_atom_site.pdbx_formal_charge 
_atom_site.auth_seq_id 
_atom_site.auth_comp_id 
_atom_site.auth_asym_id 
_atom_site.auth_atom_id 
_atom_site.pdbx_PDB_model_num 
ATOM   1    N N   . GLN A 1 32  ? -9.273  -23.626 -10.636 1.00 161.12 ? 4   GLN A N   1 
ATOM   2    C CA  . GLN A 1 32  ? -7.946  -23.135 -11.092 1.00 161.61 ? 4   GLN A CA  1 
ATOM   3    C C   . GLN A 1 32  ? -7.086  -22.790 -9.876  1.00 161.58 ? 4   GLN A C   1 
ATOM   4    O O   . GLN A 1 32  ? -6.801  -23.704 -9.077  1.00 160.94 ? 4   GLN A O   1 
ATOM   5    C CB  . GLN A 1 32  ? -8.103  -21.883 -11.955 1.00 161.30 ? 4   GLN A CB  1 
ATOM   6    C CG  . GLN A 1 32  ? -9.127  -22.019 -13.072 1.00 161.89 ? 4   GLN A CG  1 
ATOM   7    C CD  . GLN A 1 32  ? -9.411  -20.690 -13.726 1.00 162.02 ? 4   GLN A CD  1 
ATOM   8    O OE1 . GLN A 1 32  ? -10.189 -20.593 -14.671 1.00 161.00 ? 4   GLN A OE1 1 
ATOM   9    N NE2 . GLN A 1 32  ? -8.777  -19.645 -13.220 1.00 162.46 ? 4   GLN A NE2 1 
ATOM   10   N N   . THR A 1 33  ? -6.694  -21.520 -9.746  1.00 157.28 ? 5   THR A N   1 
ATOM   11   C CA  . THR A 1 33  ? -5.835  -21.072 -8.619  1.00 156.89 ? 5   THR A CA  1 
ATOM   12   C C   . THR A 1 33  ? -6.113  -19.592 -8.341  1.00 156.25 ? 5   THR A C   1 
ATOM   13   O O   . THR A 1 33  ? -6.680  -18.926 -9.227  1.00 157.23 ? 5   THR A O   1 
ATOM   14   C CB  . THR A 1 33  ? -4.353  -21.346 -8.907  1.00 156.37 ? 5   THR A CB  1 
ATOM   15   O OG1 . THR A 1 33  ? -3.587  -20.849 -7.810  1.00 155.94 ? 5   THR A OG1 1 
ATOM   16   C CG2 . THR A 1 33  ? -3.876  -20.708 -10.193 1.00 155.62 ? 5   THR A CG2 1 
ATOM   17   N N   . LEU A 1 34  ? -5.717  -19.100 -7.165  1.00 150.42 ? 6   LEU A N   1 
ATOM   18   C CA  . LEU A 1 34  ? -6.029  -17.695 -6.786  1.00 150.95 ? 6   LEU A CA  1 
ATOM   19   C C   . LEU A 1 34  ? -5.328  -16.731 -7.747  1.00 150.61 ? 6   LEU A C   1 
ATOM   20   O O   . LEU A 1 34  ? -6.002  -15.816 -8.248  1.00 151.53 ? 6   LEU A O   1 
ATOM   21   C CB  . LEU A 1 34  ? -5.590  -17.456 -5.338  1.00 150.32 ? 6   LEU A CB  1 
ATOM   22   C CG  . LEU A 1 34  ? -4.096  -17.613 -5.057  1.00 149.61 ? 6   LEU A CG  1 
ATOM   23   C CD1 . LEU A 1 34  ? -3.400  -16.259 -5.055  1.00 148.36 ? 6   LEU A CD1 1 
ATOM   24   C CD2 . LEU A 1 34  ? -3.871  -18.320 -3.730  1.00 149.15 ? 6   LEU A CD2 1 
ATOM   25   N N   . PHE A 1 35  ? -4.044  -16.953 -8.037  1.00 144.82 ? 7   PHE A N   1 
ATOM   26   C CA  . PHE A 1 35  ? -3.303  -15.982 -8.879  1.00 144.25 ? 7   PHE A CA  1 
ATOM   27   C C   . PHE A 1 35  ? -4.005  -15.858 -10.232 1.00 144.49 ? 7   PHE A C   1 
ATOM   28   O O   . PHE A 1 35  ? -4.335  -14.730 -10.625 1.00 143.95 ? 7   PHE A O   1 
ATOM   29   C CB  . PHE A 1 35  ? -1.844  -16.402 -9.069  1.00 143.13 ? 7   PHE A CB  1 
ATOM   30   C CG  . PHE A 1 35  ? -1.015  -15.399 -9.827  1.00 142.96 ? 7   PHE A CG  1 
ATOM   31   C CD1 . PHE A 1 35  ? -0.838  -14.116 -9.338  1.00 141.84 ? 7   PHE A CD1 1 
ATOM   32   C CD2 . PHE A 1 35  ? -0.438  -15.724 -11.044 1.00 143.73 ? 7   PHE A CD2 1 
ATOM   33   C CE1 . PHE A 1 35  ? -0.085  -13.186 -10.036 1.00 142.03 ? 7   PHE A CE1 1 
ATOM   34   C CE2 . PHE A 1 35  ? 0.312   -14.792 -11.744 1.00 143.29 ? 7   PHE A CE2 1 
ATOM   35   C CZ  . PHE A 1 35  ? 0.488   -13.526 -11.238 1.00 142.43 ? 7   PHE A CZ  1 
ATOM   36   N N   . GLU A 1 36  ? -4.240  -16.982 -10.911 1.00 151.48 ? 8   GLU A N   1 
ATOM   37   C CA  . GLU A 1 36  ? -4.827  -16.905 -12.276 1.00 151.79 ? 8   GLU A CA  1 
ATOM   38   C C   . GLU A 1 36  ? -6.224  -16.274 -12.226 1.00 152.72 ? 8   GLU A C   1 
ATOM   39   O O   . GLU A 1 36  ? -6.494  -15.398 -13.069 1.00 152.52 ? 8   GLU A O   1 
ATOM   40   C CB  . GLU A 1 36  ? -4.885  -18.296 -12.908 1.00 152.21 ? 8   GLU A CB  1 
ATOM   41   C CG  . GLU A 1 36  ? -5.492  -18.307 -14.300 1.00 153.35 ? 8   GLU A CG  1 
ATOM   42   C CD  . GLU A 1 36  ? -4.752  -17.524 -15.372 1.00 152.82 ? 8   GLU A CD  1 
ATOM   43   O OE1 . GLU A 1 36  ? -3.699  -16.932 -15.062 1.00 151.77 ? 8   GLU A OE1 1 
ATOM   44   O OE2 . GLU A 1 36  ? -5.238  -17.501 -16.520 1.00 152.64 ? 8   GLU A OE2 1 
ATOM   45   N N   . GLN A 1 37  ? -7.106  -16.751 -11.346 1.00 154.24 ? 9   GLN A N   1 
ATOM   46   C CA  . GLN A 1 37  ? -8.465  -16.158 -11.231 1.00 153.51 ? 9   GLN A CA  1 
ATOM   47   C C   . GLN A 1 37  ? -8.344  -14.643 -11.051 1.00 153.48 ? 9   GLN A C   1 
ATOM   48   O O   . GLN A 1 37  ? -8.922  -13.904 -11.870 1.00 153.76 ? 9   GLN A O   1 
ATOM   49   C CB  . GLN A 1 37  ? -9.226  -16.780 -10.059 1.00 153.52 ? 9   GLN A CB  1 
ATOM   50   C CG  . GLN A 1 37  ? -9.468  -18.273 -10.217 1.00 154.82 ? 9   GLN A CG  1 
ATOM   51   C CD  . GLN A 1 37  ? -10.221 -18.859 -9.048  1.00 155.62 ? 9   GLN A CD  1 
ATOM   52   O OE1 . GLN A 1 37  ? -10.577 -18.162 -8.100  1.00 154.92 ? 9   GLN A OE1 1 
ATOM   53   N NE2 . GLN A 1 37  ? -10.470 -20.157 -9.109  1.00 154.56 ? 9   GLN A NE2 1 
ATOM   54   N N   . LEU A 1 38  ? -7.613  -14.202 -10.029 1.00 143.43 ? 10  LEU A N   1 
ATOM   55   C CA  . LEU A 1 38  ? -7.468  -12.755 -9.719  1.00 142.68 ? 10  LEU A CA  1 
ATOM   56   C C   . LEU A 1 38  ? -6.777  -12.047 -10.888 1.00 144.54 ? 10  LEU A C   1 
ATOM   57   O O   . LEU A 1 38  ? -7.187  -10.919 -11.215 1.00 144.14 ? 10  LEU A O   1 
ATOM   58   C CB  . LEU A 1 38  ? -6.672  -12.596 -8.420  1.00 141.90 ? 10  LEU A CB  1 
ATOM   59   C CG  . LEU A 1 38  ? -7.313  -13.193 -7.170  1.00 142.99 ? 10  LEU A CG  1 
ATOM   60   C CD1 . LEU A 1 38  ? -6.622  -12.682 -5.916  1.00 143.12 ? 10  LEU A CD1 1 
ATOM   61   C CD2 . LEU A 1 38  ? -8.799  -12.875 -7.122  1.00 142.66 ? 10  LEU A CD2 1 
ATOM   62   N N   . ASN A 1 39  ? -5.765  -12.682 -11.487 1.00 148.46 ? 11  ASN A N   1 
ATOM   63   C CA  . ASN A 1 39  ? -4.986  -12.016 -12.566 1.00 148.66 ? 11  ASN A CA  1 
ATOM   64   C C   . ASN A 1 39  ? -5.922  -11.732 -13.744 1.00 148.36 ? 11  ASN A C   1 
ATOM   65   O O   . ASN A 1 39  ? -5.807  -10.644 -14.339 1.00 147.70 ? 11  ASN A O   1 
ATOM   66   C CB  . ASN A 1 39  ? -3.752  -12.832 -12.963 1.00 146.65 ? 11  ASN A CB  1 
ATOM   67   C CG  . ASN A 1 39  ? -2.876  -12.146 -13.989 1.00 147.55 ? 11  ASN A CG  1 
ATOM   68   O OD1 . ASN A 1 39  ? -3.308  -11.871 -15.106 1.00 148.20 ? 11  ASN A OD1 1 
ATOM   69   N ND2 . ASN A 1 39  ? -1.631  -11.885 -13.626 1.00 148.22 ? 11  ASN A ND2 1 
ATOM   70   N N   . SER A 1 40  ? -6.821  -12.669 -14.051 1.00 151.71 ? 12  SER A N   1 
ATOM   71   C CA  . SER A 1 40  ? -7.723  -12.504 -15.217 1.00 152.00 ? 12  SER A CA  1 
ATOM   72   C C   . SER A 1 40  ? -8.948  -11.667 -14.830 1.00 153.01 ? 12  SER A C   1 
ATOM   73   O O   . SER A 1 40  ? -10.050 -12.243 -14.756 1.00 152.09 ? 12  SER A O   1 
ATOM   74   C CB  . SER A 1 40  ? -8.122  -13.848 -15.766 1.00 151.35 ? 12  SER A CB  1 
ATOM   75   O OG  . SER A 1 40  ? -8.973  -13.700 -16.892 1.00 152.42 ? 12  SER A OG  1 
ATOM   76   N N   . LYS A 1 41  ? -8.756  -10.368 -14.582 1.00 151.33 ? 13  LYS A N   1 
ATOM   77   C CA  . LYS A 1 41  ? -9.885  -9.446  -14.284 1.00 150.20 ? 13  LYS A CA  1 
ATOM   78   C C   . LYS A 1 41  ? -9.576  -8.112  -14.969 1.00 151.01 ? 13  LYS A C   1 
ATOM   79   O O   . LYS A 1 41  ? -8.383  -7.853  -15.215 1.00 150.62 ? 13  LYS A O   1 
ATOM   80   C CB  . LYS A 1 41  ? -10.053 -9.241  -12.777 1.00 149.54 ? 13  LYS A CB  1 
ATOM   81   C CG  . LYS A 1 41  ? -10.379 -10.495 -11.976 1.00 150.39 ? 13  LYS A CG  1 
ATOM   82   C CD  . LYS A 1 41  ? -10.521 -10.228 -10.495 1.00 149.66 ? 13  LYS A CD  1 
ATOM   83   C CE  . LYS A 1 41  ? -11.605 -9.219  -10.186 1.00 148.89 ? 13  LYS A CE  1 
ATOM   84   N NZ  . LYS A 1 41  ? -12.930 -9.672  -10.670 1.00 149.31 ? 13  LYS A NZ  1 
ATOM   85   N N   . ASN A 1 42  ? -10.591 -7.296  -15.269 1.00 153.53 ? 14  ASN A N   1 
ATOM   86   C CA  . ASN A 1 42  ? -10.294 -5.962  -15.858 1.00 152.69 ? 14  ASN A CA  1 
ATOM   87   C C   . ASN A 1 42  ? -10.557 -4.887  -14.801 1.00 151.95 ? 14  ASN A C   1 
ATOM   88   O O   . ASN A 1 42  ? -11.735 -4.651  -14.479 1.00 152.61 ? 14  ASN A O   1 
ATOM   89   C CB  . ASN A 1 42  ? -11.095 -5.692  -17.132 1.00 152.66 ? 14  ASN A CB  1 
ATOM   90   C CG  . ASN A 1 42  ? -10.796 -6.679  -18.239 1.00 154.05 ? 14  ASN A CG  1 
ATOM   91   O OD1 . ASN A 1 42  ? -9.975  -7.578  -18.069 1.00 155.04 ? 14  ASN A OD1 1 
ATOM   92   N ND2 . ASN A 1 42  ? -11.449 -6.516  -19.378 1.00 153.25 ? 14  ASN A ND2 1 
ATOM   93   N N   . VAL A 1 43  ? -9.493  -4.304  -14.249 1.00 147.50 ? 15  VAL A N   1 
ATOM   94   C CA  . VAL A 1 43  ? -9.642  -3.222  -13.234 1.00 148.48 ? 15  VAL A CA  1 
ATOM   95   C C   . VAL A 1 43  ? -9.424  -1.888  -13.950 1.00 147.50 ? 15  VAL A C   1 
ATOM   96   O O   . VAL A 1 43  ? -9.279  -0.868  -13.258 1.00 147.09 ? 15  VAL A O   1 
ATOM   97   C CB  . VAL A 1 43  ? -8.655  -3.415  -12.068 1.00 147.67 ? 15  VAL A CB  1 
ATOM   98   C CG1 . VAL A 1 43  ? -8.928  -4.708  -11.318 1.00 145.94 ? 15  VAL A CG1 1 
ATOM   99   C CG2 . VAL A 1 43  ? -7.210  -3.369  -12.537 1.00 146.38 ? 15  VAL A CG2 1 
ATOM   100  N N   . ASN A 1 44  ? -9.426  -1.907  -15.285 1.00 147.34 ? 16  ASN A N   1 
ATOM   101  C CA  . ASN A 1 44  ? -9.182  -0.677  -16.086 1.00 146.86 ? 16  ASN A CA  1 
ATOM   102  C C   . ASN A 1 44  ? -10.277 0.359   -15.826 1.00 147.59 ? 16  ASN A C   1 
ATOM   103  O O   . ASN A 1 44  ? -9.946  1.555   -15.751 1.00 147.75 ? 16  ASN A O   1 
ATOM   104  C CB  . ASN A 1 44  ? -9.100  -0.984  -17.582 1.00 145.87 ? 16  ASN A CB  1 
ATOM   105  C CG  . ASN A 1 44  ? -7.968  -1.924  -17.935 1.00 146.79 ? 16  ASN A CG  1 
ATOM   106  O OD1 . ASN A 1 44  ? -7.209  -2.338  -17.064 1.00 147.57 ? 16  ASN A OD1 1 
ATOM   107  N ND2 . ASN A 1 44  ? -7.836  -2.247  -19.211 1.00 147.78 ? 16  ASN A ND2 1 
ATOM   108  N N   . ASP A 1 45  ? -11.533 -0.075  -15.712 1.00 152.01 ? 17  ASP A N   1 
ATOM   109  C CA  . ASP A 1 45  ? -12.643 0.904   -15.571 1.00 151.91 ? 17  ASP A CA  1 
ATOM   110  C C   . ASP A 1 45  ? -12.459 1.716   -14.286 1.00 152.14 ? 17  ASP A C   1 
ATOM   111  O O   . ASP A 1 45  ? -12.645 2.944   -14.341 1.00 151.84 ? 17  ASP A O   1 
ATOM   112  C CB  . ASP A 1 45  ? -14.000 0.198   -15.604 1.00 151.84 ? 17  ASP A CB  1 
ATOM   113  C CG  . ASP A 1 45  ? -14.246 -0.559  -16.898 1.00 152.77 ? 17  ASP A CG  1 
ATOM   114  O OD1 . ASP A 1 45  ? -13.453 -1.473  -17.201 1.00 153.24 ? 17  ASP A OD1 1 
ATOM   115  O OD2 . ASP A 1 45  ? -15.221 -0.221  -17.595 1.00 152.77 ? 17  ASP A OD2 1 
ATOM   116  N N   . HIS A 1 46  ? -12.106 1.051   -13.182 1.00 149.81 ? 18  HIS A N   1 
ATOM   117  C CA  . HIS A 1 46  ? -11.896 1.753   -11.886 1.00 148.74 ? 18  HIS A CA  1 
ATOM   118  C C   . HIS A 1 46  ? -10.434 2.194   -11.760 1.00 148.05 ? 18  HIS A C   1 
ATOM   119  O O   . HIS A 1 46  ? -9.711  1.628   -10.915 1.00 147.74 ? 18  HIS A O   1 
ATOM   120  C CB  . HIS A 1 46  ? -12.323 0.856   -10.722 1.00 148.36 ? 18  HIS A CB  1 
ATOM   121  C CG  . HIS A 1 46  ? -13.750 0.426   -10.805 1.00 149.32 ? 18  HIS A CG  1 
ATOM   122  N ND1 . HIS A 1 46  ? -14.241 -0.342  -11.839 1.00 147.83 ? 18  HIS A ND1 1 
ATOM   123  C CD2 . HIS A 1 46  ? -14.781 0.631   -9.975  1.00 148.37 ? 18  HIS A CD2 1 
ATOM   124  C CE1 . HIS A 1 46  ? -15.530 -0.576  -11.636 1.00 148.04 ? 18  HIS A CE1 1 
ATOM   125  N NE2 . HIS A 1 46  ? -15.879 0.005   -10.509 1.00 149.60 ? 18  HIS A NE2 1 
ATOM   126  N N   . THR A 1 47  ? -10.016 3.177   -12.562 1.00 152.79 ? 19  THR A N   1 
ATOM   127  C CA  . THR A 1 47  ? -8.629  3.705   -12.475 1.00 153.42 ? 19  THR A CA  1 
ATOM   128  C C   . THR A 1 47  ? -8.636  5.230   -12.596 1.00 152.84 ? 19  THR A C   1 
ATOM   129  O O   . THR A 1 47  ? -9.578  5.766   -13.207 1.00 151.92 ? 19  THR A O   1 
ATOM   130  C CB  . THR A 1 47  ? -7.709  3.108   -13.547 1.00 151.83 ? 19  THR A CB  1 
ATOM   131  O OG1 . THR A 1 47  ? -8.254  3.434   -14.826 1.00 152.55 ? 19  THR A OG1 1 
ATOM   132  C CG2 . THR A 1 47  ? -7.536  1.611   -13.424 1.00 150.31 ? 19  THR A CG2 1 
ATOM   133  N N   . GLU A 1 48  ? -7.625  5.894   -12.034 1.00 155.98 ? 20  GLU A N   1 
ATOM   134  C CA  . GLU A 1 48  ? -7.503  7.369   -12.154 1.00 154.93 ? 20  GLU A CA  1 
ATOM   135  C C   . GLU A 1 48  ? -6.177  7.695   -12.844 1.00 156.09 ? 20  GLU A C   1 
ATOM   136  O O   . GLU A 1 48  ? -5.141  7.162   -12.401 1.00 154.55 ? 20  GLU A O   1 
ATOM   137  C CB  . GLU A 1 48  ? -7.550  8.012   -10.770 1.00 154.14 ? 20  GLU A CB  1 
ATOM   138  C CG  . GLU A 1 48  ? -7.375  9.520   -10.798 1.00 154.81 ? 20  GLU A CG  1 
ATOM   139  C CD  . GLU A 1 48  ? -7.371  10.183  -9.432  1.00 154.81 ? 20  GLU A CD  1 
ATOM   140  O OE1 . GLU A 1 48  ? -7.510  9.460   -8.425  1.00 153.60 ? 20  GLU A OE1 1 
ATOM   141  O OE2 . GLU A 1 48  ? -7.215  11.419  -9.376  1.00 154.21 ? 20  GLU A OE2 1 
ATOM   142  N N   . GLN A 1 49  ? -6.207  8.541   -13.878 1.00 160.64 ? 21  GLN A N   1 
ATOM   143  C CA  . GLN A 1 49  ? -4.960  8.951   -14.579 1.00 160.81 ? 21  GLN A CA  1 
ATOM   144  C C   . GLN A 1 49  ? -4.436  10.247  -13.949 1.00 160.83 ? 21  GLN A C   1 
ATOM   145  O O   . GLN A 1 49  ? -4.895  11.327  -14.362 1.00 161.64 ? 21  GLN A O   1 
ATOM   146  C CB  . GLN A 1 49  ? -5.220  9.133   -16.075 1.00 159.78 ? 21  GLN A CB  1 
ATOM   147  C CG  . GLN A 1 49  ? -5.715  7.873   -16.774 1.00 159.83 ? 21  GLN A CG  1 
ATOM   148  C CD  . GLN A 1 49  ? -4.712  6.745   -16.790 1.00 161.19 ? 21  GLN A CD  1 
ATOM   149  O OE1 . GLN A 1 49  ? -3.586  6.874   -16.318 1.00 161.80 ? 21  GLN A OE1 1 
ATOM   150  N NE2 . GLN A 1 49  ? -5.108  5.627   -17.378 1.00 161.47 ? 21  GLN A NE2 1 
ATOM   151  N N   . LYS A 1 50  ? -3.519  10.134  -12.984 1.00 158.87 ? 22  LYS A N   1 
ATOM   152  C CA  . LYS A 1 50  ? -2.921  11.336  -12.344 1.00 159.12 ? 22  LYS A CA  1 
ATOM   153  C C   . LYS A 1 50  ? -1.412  11.329  -12.601 1.00 158.99 ? 22  LYS A C   1 
ATOM   154  O O   . LYS A 1 50  ? -0.778  10.301  -12.288 1.00 158.92 ? 22  LYS A O   1 
ATOM   155  C CB  . LYS A 1 50  ? -3.217  11.349  -10.843 1.00 158.23 ? 22  LYS A CB  1 
ATOM   156  C CG  . LYS A 1 50  ? -2.606  12.513  -10.075 1.00 158.58 ? 22  LYS A CG  1 
ATOM   157  C CD  . LYS A 1 50  ? -3.058  13.867  -10.578 1.00 158.92 ? 22  LYS A CD  1 
ATOM   158  C CE  . LYS A 1 50  ? -2.443  15.017  -9.810  1.00 159.14 ? 22  LYS A CE  1 
ATOM   159  N NZ  . LYS A 1 50  ? -2.896  16.328  -10.329 1.00 159.21 ? 22  LYS A NZ  1 
ATOM   160  N N   . ASN A 1 51  ? -0.879  12.405  -13.190 1.00 157.15 ? 23  ASN A N   1 
ATOM   161  C CA  . ASN A 1 51  ? 0.580   12.510  -13.475 1.00 156.67 ? 23  ASN A CA  1 
ATOM   162  C C   . ASN A 1 51  ? 0.945   11.557  -14.619 1.00 156.11 ? 23  ASN A C   1 
ATOM   163  O O   . ASN A 1 51  ? 2.150   11.326  -14.828 1.00 157.09 ? 23  ASN A O   1 
ATOM   164  C CB  . ASN A 1 51  ? 1.445   12.253  -12.237 1.00 156.60 ? 23  ASN A CB  1 
ATOM   165  C CG  . ASN A 1 51  ? 1.209   13.245  -11.120 1.00 156.34 ? 23  ASN A CG  1 
ATOM   166  O OD1 . ASN A 1 51  ? 0.400   14.160  -11.253 1.00 156.25 ? 23  ASN A OD1 1 
ATOM   167  N ND2 . ASN A 1 51  ? 1.922   13.078  -10.018 1.00 156.29 ? 23  ASN A ND2 1 
ATOM   168  N N   . GLY A 1 52  ? -0.052  11.057  -15.352 1.00 158.76 ? 24  GLY A N   1 
ATOM   169  C CA  . GLY A 1 52  ? 0.216   10.092  -16.435 1.00 159.47 ? 24  GLY A CA  1 
ATOM   170  C C   . GLY A 1 52  ? 0.425   8.678   -15.923 1.00 158.72 ? 24  GLY A C   1 
ATOM   171  O O   . GLY A 1 52  ? 0.929   7.847   -16.703 1.00 158.52 ? 24  GLY A O   1 
ATOM   172  N N   . LEU A 1 53  ? 0.072   8.402   -14.664 1.00 155.05 ? 25  LEU A N   1 
ATOM   173  C CA  . LEU A 1 53  ? 0.167   7.006   -14.155 1.00 154.53 ? 25  LEU A CA  1 
ATOM   174  C C   . LEU A 1 53  ? -1.240  6.453   -13.920 1.00 154.99 ? 25  LEU A C   1 
ATOM   175  O O   . LEU A 1 53  ? -2.172  7.262   -13.776 1.00 156.15 ? 25  LEU A O   1 
ATOM   176  C CB  . LEU A 1 53  ? 0.999   6.947   -12.868 1.00 154.47 ? 25  LEU A CB  1 
ATOM   177  C CG  . LEU A 1 53  ? 2.477   7.319   -12.991 1.00 154.01 ? 25  LEU A CG  1 
ATOM   178  C CD1 . LEU A 1 53  ? 2.678   8.825   -13.022 1.00 153.37 ? 25  LEU A CD1 1 
ATOM   179  C CD2 . LEU A 1 53  ? 3.290   6.694   -11.869 1.00 153.84 ? 25  LEU A CD2 1 
ATOM   180  N N   . THR A 1 54  ? -1.372  5.128   -13.866 1.00 153.02 ? 26  THR A N   1 
ATOM   181  C CA  . THR A 1 54  ? -2.702  4.493   -13.685 1.00 152.31 ? 26  THR A CA  1 
ATOM   182  C C   . THR A 1 54  ? -2.783  3.910   -12.272 1.00 150.20 ? 26  THR A C   1 
ATOM   183  O O   . THR A 1 54  ? -1.854  3.176   -11.888 1.00 151.83 ? 26  THR A O   1 
ATOM   184  C CB  . THR A 1 54  ? -2.942  3.433   -14.766 1.00 153.01 ? 26  THR A CB  1 
ATOM   185  O OG1 . THR A 1 54  ? -2.837  4.071   -16.039 1.00 153.14 ? 26  THR A OG1 1 
ATOM   186  C CG2 . THR A 1 54  ? -4.288  2.756   -14.643 1.00 152.35 ? 26  THR A CG2 1 
ATOM   187  N N   . TYR A 1 55  ? -3.837  4.250   -11.526 1.00 146.19 ? 27  TYR A N   1 
ATOM   188  C CA  . TYR A 1 55  ? -3.982  3.775   -10.129 1.00 145.18 ? 27  TYR A CA  1 
ATOM   189  C C   . TYR A 1 55  ? -5.362  3.140   -9.952  1.00 144.92 ? 27  TYR A C   1 
ATOM   190  O O   . TYR A 1 55  ? -6.339  3.767   -10.383 1.00 147.34 ? 27  TYR A O   1 
ATOM   191  C CB  . TYR A 1 55  ? -3.868  4.971   -9.187  1.00 145.99 ? 27  TYR A CB  1 
ATOM   192  C CG  . TYR A 1 55  ? -2.620  5.799   -9.350  1.00 147.25 ? 27  TYR A CG  1 
ATOM   193  C CD1 . TYR A 1 55  ? -1.362  5.252   -9.164  1.00 146.95 ? 27  TYR A CD1 1 
ATOM   194  C CD2 . TYR A 1 55  ? -2.699  7.135   -9.706  1.00 147.38 ? 27  TYR A CD2 1 
ATOM   195  C CE1 . TYR A 1 55  ? -0.214  6.014   -9.315  1.00 147.51 ? 27  TYR A CE1 1 
ATOM   196  C CE2 . TYR A 1 55  ? -1.564  7.910   -9.864  1.00 147.38 ? 27  TYR A CE2 1 
ATOM   197  C CZ  . TYR A 1 55  ? -0.316  7.348   -9.667  1.00 148.41 ? 27  TYR A CZ  1 
ATOM   198  O OH  . TYR A 1 55  ? 0.813   8.114   -9.821  1.00 148.09 ? 27  TYR A OH  1 
ATOM   199  N N   . LEU A 1 56  ? -5.453  1.964   -9.327  1.00 126.58 ? 28  LEU A N   1 
ATOM   200  C CA  . LEU A 1 56  ? -6.797  1.391   -9.041  1.00 127.49 ? 28  LEU A CA  1 
ATOM   201  C C   . LEU A 1 56  ? -7.193  1.811   -7.620  1.00 129.30 ? 28  LEU A C   1 
ATOM   202  O O   . LEU A 1 56  ? -6.327  1.753   -6.732  1.00 131.14 ? 28  LEU A O   1 
ATOM   203  C CB  . LEU A 1 56  ? -6.794  -0.130  -9.256  1.00 124.67 ? 28  LEU A CB  1 
ATOM   204  C CG  . LEU A 1 56  ? -5.877  -0.980  -8.376  1.00 126.86 ? 28  LEU A CG  1 
ATOM   205  C CD1 . LEU A 1 56  ? -6.525  -1.292  -7.037  1.00 128.15 ? 28  LEU A CD1 1 
ATOM   206  C CD2 . LEU A 1 56  ? -5.490  -2.267  -9.087  1.00 129.21 ? 28  LEU A CD2 1 
ATOM   207  N N   . ALA A 1 57  ? -8.426  2.281   -7.426  1.00 109.72 ? 29  ALA A N   1 
ATOM   208  C CA  . ALA A 1 57  ? -8.844  2.803   -6.104  1.00 108.16 ? 29  ALA A CA  1 
ATOM   209  C C   . ALA A 1 57  ? -8.865  1.678   -5.067  1.00 109.56 ? 29  ALA A C   1 
ATOM   210  O O   . ALA A 1 57  ? -9.196  0.540   -5.436  1.00 108.25 ? 29  ALA A O   1 
ATOM   211  C CB  . ALA A 1 57  ? -10.191 3.462   -6.233  1.00 110.49 ? 29  ALA A CB  1 
ATOM   212  N N   . TRP A 1 58  ? -8.528  1.998   -3.814  1.00 102.42 ? 30  TRP A N   1 
ATOM   213  C CA  . TRP A 1 58  ? -8.504  0.973   -2.737  1.00 101.17 ? 30  TRP A CA  1 
ATOM   214  C C   . TRP A 1 58  ? -9.908  0.405   -2.522  1.00 103.64 ? 30  TRP A C   1 
ATOM   215  O O   . TRP A 1 58  ? -10.017 -0.808  -2.292  1.00 106.18 ? 30  TRP A O   1 
ATOM   216  C CB  . TRP A 1 58  ? -7.951  1.543   -1.428  1.00 100.75 ? 30  TRP A CB  1 
ATOM   217  C CG  . TRP A 1 58  ? -8.738  2.685   -0.868  1.00 98.69  ? 30  TRP A CG  1 
ATOM   218  C CD1 . TRP A 1 58  ? -8.955  3.904   -1.440  1.00 99.89  ? 30  TRP A CD1 1 
ATOM   219  C CD2 . TRP A 1 58  ? -9.488  2.677   0.357   1.00 97.00  ? 30  TRP A CD2 1 
ATOM   220  N NE1 . TRP A 1 58  ? -9.750  4.671   -0.633  1.00 102.07 ? 30  TRP A NE1 1 
ATOM   221  C CE2 . TRP A 1 58  ? -10.096 3.944   0.474   1.00 100.88 ? 30  TRP A CE2 1 
ATOM   222  C CE3 . TRP A 1 58  ? -9.691  1.734   1.369   1.00 96.33  ? 30  TRP A CE3 1 
ATOM   223  C CZ2 . TRP A 1 58  ? -10.892 4.286   1.566   1.00 101.20 ? 30  TRP A CZ2 1 
ATOM   224  C CZ3 . TRP A 1 58  ? -10.476 2.074   2.447   1.00 100.36 ? 30  TRP A CZ3 1 
ATOM   225  C CH2 . TRP A 1 58  ? -11.067 3.332   2.542   1.00 101.08 ? 30  TRP A CH2 1 
ATOM   226  N N   . SER A 1 59  ? -10.933 1.257   -2.563  1.00 105.10 ? 31  SER A N   1 
ATOM   227  C CA  . SER A 1 59  ? -12.323 0.800   -2.318  1.00 104.98 ? 31  SER A CA  1 
ATOM   228  C C   . SER A 1 59  ? -12.612 -0.444  -3.162  1.00 104.93 ? 31  SER A C   1 
ATOM   229  O O   . SER A 1 59  ? -13.155 -1.417  -2.608  1.00 101.93 ? 31  SER A O   1 
ATOM   230  C CB  . SER A 1 59  ? -13.290 1.901   -2.613  1.00 103.84 ? 31  SER A CB  1 
ATOM   231  O OG  . SER A 1 59  ? -13.165 2.326   -3.961  1.00 103.27 ? 31  SER A OG  1 
ATOM   232  N N   . TYR A 1 60  ? -12.247 -0.413  -4.446  1.00 116.90 ? 32  TYR A N   1 
ATOM   233  C CA  . TYR A 1 60  ? -12.495 -1.562  -5.359  1.00 117.15 ? 32  TYR A CA  1 
ATOM   234  C C   . TYR A 1 60  ? -11.682 -2.777  -4.893  1.00 117.49 ? 32  TYR A C   1 
ATOM   235  O O   . TYR A 1 60  ? -12.236 -3.885  -4.841  1.00 118.56 ? 32  TYR A O   1 
ATOM   236  C CB  . TYR A 1 60  ? -12.223 -1.131  -6.804  1.00 114.98 ? 32  TYR A CB  1 
ATOM   237  C CG  . TYR A 1 60  ? -12.389 -2.192  -7.863  1.00 117.69 ? 32  TYR A CG  1 
ATOM   238  C CD1 . TYR A 1 60  ? -11.547 -3.290  -7.927  1.00 119.58 ? 32  TYR A CD1 1 
ATOM   239  C CD2 . TYR A 1 60  ? -13.340 -2.054  -8.858  1.00 118.97 ? 32  TYR A CD2 1 
ATOM   240  C CE1 . TYR A 1 60  ? -11.678 -4.247  -8.918  1.00 120.69 ? 32  TYR A CE1 1 
ATOM   241  C CE2 . TYR A 1 60  ? -13.494 -3.009  -9.848  1.00 119.68 ? 32  TYR A CE2 1 
ATOM   242  C CZ  . TYR A 1 60  ? -12.661 -4.110  -9.882  1.00 120.36 ? 32  TYR A CZ  1 
ATOM   243  O OH  . TYR A 1 60  ? -12.799 -5.057  -10.866 1.00 117.44 ? 32  TYR A OH  1 
ATOM   244  N N   . ALA A 1 61  ? -10.421 -2.559  -4.522  1.00 108.94 ? 33  ALA A N   1 
ATOM   245  C CA  . ALA A 1 61  ? -9.560  -3.667  -4.053  1.00 109.12 ? 33  ALA A CA  1 
ATOM   246  C C   . ALA A 1 61  ? -10.148 -4.275  -2.777  1.00 109.68 ? 33  ALA A C   1 
ATOM   247  O O   . ALA A 1 61  ? -10.130 -5.511  -2.652  1.00 110.28 ? 33  ALA A O   1 
ATOM   248  C CB  . ALA A 1 61  ? -8.170  -3.153  -3.808  1.00 108.42 ? 33  ALA A CB  1 
ATOM   249  N N   . HIS A 1 62  ? -10.648 -3.430  -1.872  1.00 107.41 ? 34  HIS A N   1 
ATOM   250  C CA  . HIS A 1 62  ? -11.170 -3.934  -0.575  1.00 107.31 ? 34  HIS A CA  1 
ATOM   251  C C   . HIS A 1 62  ? -12.361 -4.859  -0.827  1.00 107.49 ? 34  HIS A C   1 
ATOM   252  O O   . HIS A 1 62  ? -12.468 -5.874  -0.120  1.00 108.96 ? 34  HIS A O   1 
ATOM   253  C CB  . HIS A 1 62  ? -11.528 -2.780  0.366   1.00 105.31 ? 34  HIS A CB  1 
ATOM   254  C CG  . HIS A 1 62  ? -12.012 -3.237  1.698   1.00 103.85 ? 34  HIS A CG  1 
ATOM   255  N ND1 . HIS A 1 62  ? -12.700 -2.405  2.557   1.00 107.44 ? 34  HIS A ND1 1 
ATOM   256  C CD2 . HIS A 1 62  ? -11.908 -4.428  2.325   1.00 102.75 ? 34  HIS A CD2 1 
ATOM   257  C CE1 . HIS A 1 62  ? -13.000 -3.063  3.657   1.00 106.27 ? 34  HIS A CE1 1 
ATOM   258  N NE2 . HIS A 1 62  ? -12.526 -4.307  3.539   1.00 107.10 ? 34  HIS A NE2 1 
ATOM   259  N N   . GLN A 1 63  ? -13.221 -4.519  -1.791  1.00 106.48 ? 35  GLN A N   1 
ATOM   260  C CA  . GLN A 1 63  ? -14.434 -5.351  -2.010  1.00 107.42 ? 35  GLN A CA  1 
ATOM   261  C C   . GLN A 1 63  ? -14.053 -6.644  -2.746  1.00 108.31 ? 35  GLN A C   1 
ATOM   262  O O   . GLN A 1 63  ? -14.559 -7.703  -2.340  1.00 108.21 ? 35  GLN A O   1 
ATOM   263  C CB  . GLN A 1 63  ? -15.535 -4.558  -2.719  1.00 108.89 ? 35  GLN A CB  1 
ATOM   264  C CG  . GLN A 1 63  ? -15.171 -4.064  -4.108  1.00 111.51 ? 35  GLN A CG  1 
ATOM   265  C CD  . GLN A 1 63  ? -16.301 -3.290  -4.740  1.00 110.05 ? 35  GLN A CD  1 
ATOM   266  O OE1 . GLN A 1 63  ? -17.360 -3.105  -4.144  1.00 107.36 ? 35  GLN A OE1 1 
ATOM   267  N NE2 . GLN A 1 63  ? -16.080 -2.822  -5.957  1.00 108.62 ? 35  GLN A NE2 1 
ATOM   268  N N   . GLU A 1 64  ? -13.186 -6.583  -3.767  1.00 113.94 ? 36  GLU A N   1 
ATOM   269  C CA  . GLU A 1 64  ? -12.888 -7.814  -4.550  1.00 113.39 ? 36  GLU A CA  1 
ATOM   270  C C   . GLU A 1 64  ? -12.275 -8.901  -3.662  1.00 114.02 ? 36  GLU A C   1 
ATOM   271  O O   . GLU A 1 64  ? -12.745 -10.047 -3.736  1.00 114.62 ? 36  GLU A O   1 
ATOM   272  C CB  . GLU A 1 64  ? -11.918 -7.495  -5.687  1.00 112.48 ? 36  GLU A CB  1 
ATOM   273  C CG  . GLU A 1 64  ? -12.446 -6.463  -6.661  1.00 113.37 ? 36  GLU A CG  1 
ATOM   274  C CD  . GLU A 1 64  ? -13.715 -6.858  -7.394  1.00 116.87 ? 36  GLU A CD  1 
ATOM   275  O OE1 . GLU A 1 64  ? -13.690 -7.880  -8.106  1.00 118.21 ? 36  GLU A OE1 1 
ATOM   276  O OE2 . GLU A 1 64  ? -14.723 -6.142  -7.252  1.00 118.12 ? 36  GLU A OE2 1 
ATOM   277  N N   . LEU A 1 65  ? -11.264 -8.563  -2.865  1.00 110.33 ? 37  LEU A N   1 
ATOM   278  C CA  . LEU A 1 65  ? -10.672 -9.557  -1.932  1.00 108.53 ? 37  LEU A CA  1 
ATOM   279  C C   . LEU A 1 65  ? -11.734 -9.984  -0.917  1.00 109.64 ? 37  LEU A C   1 
ATOM   280  O O   . LEU A 1 65  ? -11.762 -11.174 -0.565  1.00 110.32 ? 37  LEU A O   1 
ATOM   281  C CB  . LEU A 1 65  ? -9.458  -8.941  -1.234  1.00 109.14 ? 37  LEU A CB  1 
ATOM   282  C CG  . LEU A 1 65  ? -8.305  -8.530  -2.148  1.00 109.31 ? 37  LEU A CG  1 
ATOM   283  C CD1 . LEU A 1 65  ? -7.046  -8.267  -1.339  1.00 110.44 ? 37  LEU A CD1 1 
ATOM   284  C CD2 . LEU A 1 65  ? -8.041  -9.599  -3.198  1.00 108.83 ? 37  LEU A CD2 1 
ATOM   285  N N   . LYS A 1 66  ? -12.525 -9.036  -0.400  1.00 114.41 ? 38  LYS A N   1 
ATOM   286  C CA  . LYS A 1 66  ? -13.609 -9.383  0.564   1.00 115.38 ? 38  LYS A CA  1 
ATOM   287  C C   . LYS A 1 66  ? -14.529 -10.449 -0.032  1.00 115.74 ? 38  LYS A C   1 
ATOM   288  O O   . LYS A 1 66  ? -14.919 -11.376 0.700   1.00 113.82 ? 38  LYS A O   1 
ATOM   289  C CB  . LYS A 1 66  ? -14.438 -8.170  0.993   1.00 112.87 ? 38  LYS A CB  1 
ATOM   290  C CG  . LYS A 1 66  ? -13.863 -7.341  2.130   1.00 113.49 ? 38  LYS A CG  1 
ATOM   291  C CD  . LYS A 1 66  ? -13.794 -8.142  3.412   1.00 115.40 ? 38  LYS A CD  1 
ATOM   292  C CE  . LYS A 1 66  ? -13.292 -7.353  4.601   1.00 113.59 ? 38  LYS A CE  1 
ATOM   293  N NZ  . LYS A 1 66  ? -13.249 -8.185  5.826   1.00 111.13 ? 38  LYS A NZ  1 
ATOM   294  N N   . LYS A 1 67  ? -14.870 -10.306 -1.308  1.00 118.30 ? 39  LYS A N   1 
ATOM   295  C CA  . LYS A 1 67  ? -15.731 -11.323 -1.967  1.00 117.78 ? 39  LYS A CA  1 
ATOM   296  C C   . LYS A 1 67  ? -15.007 -12.671 -1.947  1.00 117.99 ? 39  LYS A C   1 
ATOM   297  O O   . LYS A 1 67  ? -15.532 -13.610 -1.325  1.00 119.14 ? 39  LYS A O   1 
ATOM   298  C CB  . LYS A 1 67  ? -16.061 -10.896 -3.399  1.00 118.54 ? 39  LYS A CB  1 
ATOM   299  C CG  . LYS A 1 67  ? -16.921 -9.646  -3.516  1.00 118.06 ? 39  LYS A CG  1 
ATOM   300  C CD  . LYS A 1 67  ? -16.800 -8.961  -4.860  1.00 119.77 ? 39  LYS A CD  1 
ATOM   301  C CE  . LYS A 1 67  ? -17.084 -9.883  -6.027  1.00 118.01 ? 39  LYS A CE  1 
ATOM   302  N NZ  . LYS A 1 67  ? -16.934 -9.182  -7.324  1.00 116.81 ? 39  LYS A NZ  1 
ATOM   303  N N   . ILE A 1 68  ? -13.841 -12.753 -2.592  1.00 117.63 ? 40  ILE A N   1 
ATOM   304  C CA  . ILE A 1 68  ? -13.063 -14.028 -2.648  1.00 117.62 ? 40  ILE A CA  1 
ATOM   305  C C   . ILE A 1 68  ? -12.986 -14.626 -1.241  1.00 117.13 ? 40  ILE A C   1 
ATOM   306  O O   . ILE A 1 68  ? -13.339 -15.807 -1.084  1.00 117.35 ? 40  ILE A O   1 
ATOM   307  C CB  . ILE A 1 68  ? -11.656 -13.786 -3.227  1.00 117.08 ? 40  ILE A CB  1 
ATOM   308  C CG1 . ILE A 1 68  ? -11.710 -13.114 -4.601  1.00 115.92 ? 40  ILE A CG1 1 
ATOM   309  C CG2 . ILE A 1 68  ? -10.861 -15.081 -3.268  1.00 116.61 ? 40  ILE A CG2 1 
ATOM   310  C CD1 . ILE A 1 68  ? -12.448 -13.914 -5.647  1.00 114.92 ? 40  ILE A CD1 1 
ATOM   311  N N   . ASP A 1 69  ? -12.467 -13.851 -0.285  1.00 121.48 ? 41  ASP A N   1 
ATOM   312  C CA  . ASP A 1 69  ? -12.311 -14.337 1.111   1.00 122.24 ? 41  ASP A CA  1 
ATOM   313  C C   . ASP A 1 69  ? -13.035 -13.369 2.048   1.00 123.46 ? 41  ASP A C   1 
ATOM   314  O O   . ASP A 1 69  ? -12.640 -12.191 2.104   1.00 126.80 ? 41  ASP A O   1 
ATOM   315  C CB  . ASP A 1 69  ? -10.834 -14.476 1.483   1.00 122.78 ? 41  ASP A CB  1 
ATOM   316  C CG  . ASP A 1 69  ? -10.590 -14.941 2.908   1.00 123.52 ? 41  ASP A CG  1 
ATOM   317  O OD1 . ASP A 1 69  ? -11.566 -15.036 3.673   1.00 121.07 ? 41  ASP A OD1 1 
ATOM   318  O OD2 . ASP A 1 69  ? -9.418  -15.205 3.242   1.00 125.34 ? 41  ASP A OD2 1 
ATOM   319  N N   . PRO A 1 70  ? -14.062 -13.824 2.795   1.00 120.44 ? 42  PRO A N   1 
ATOM   320  C CA  . PRO A 1 70  ? -14.809 -12.952 3.696   1.00 120.75 ? 42  PRO A CA  1 
ATOM   321  C C   . PRO A 1 70  ? -13.920 -12.411 4.823   1.00 121.42 ? 42  PRO A C   1 
ATOM   322  O O   . PRO A 1 70  ? -14.103 -11.275 5.207   1.00 119.74 ? 42  PRO A O   1 
ATOM   323  C CB  . PRO A 1 70  ? -15.872 -13.886 4.289   1.00 121.85 ? 42  PRO A CB  1 
ATOM   324  C CG  . PRO A 1 70  ? -15.278 -15.266 4.142   1.00 121.78 ? 42  PRO A CG  1 
ATOM   325  C CD  . PRO A 1 70  ? -14.539 -15.205 2.823   1.00 120.56 ? 42  PRO A CD  1 
ATOM   326  N N   . ASN A 1 71  ? -12.995 -13.233 5.323   1.00 124.86 ? 43  ASN A N   1 
ATOM   327  C CA  . ASN A 1 71  ? -12.135 -12.807 6.460   1.00 123.63 ? 43  ASN A CA  1 
ATOM   328  C C   . ASN A 1 71  ? -10.677 -12.696 6.006   1.00 123.49 ? 43  ASN A C   1 
ATOM   329  O O   . ASN A 1 71  ? -10.004 -13.739 5.937   1.00 124.07 ? 43  ASN A O   1 
ATOM   330  C CB  . ASN A 1 71  ? -12.281 -13.739 7.665   1.00 123.31 ? 43  ASN A CB  1 
ATOM   331  C CG  . ASN A 1 71  ? -12.126 -15.203 7.313   1.00 124.83 ? 43  ASN A CG  1 
ATOM   332  O OD1 . ASN A 1 71  ? -12.289 -15.591 6.159   1.00 124.33 ? 43  ASN A OD1 1 
ATOM   333  N ND2 . ASN A 1 71  ? -11.820 -16.025 8.303   1.00 125.08 ? 43  ASN A ND2 1 
ATOM   334  N N   . TYR A 1 72  ? -10.217 -11.481 5.698   1.00 111.42 ? 44  TYR A N   1 
ATOM   335  C CA  . TYR A 1 72  ? -8.829  -11.260 5.327   1.00 111.01 ? 44  TYR A CA  1 
ATOM   336  C C   . TYR A 1 72  ? -8.294  -10.074 6.115   1.00 110.47 ? 44  TYR A C   1 
ATOM   337  O O   . TYR A 1 72  ? -9.051  -9.196  6.531   1.00 112.05 ? 44  TYR A O   1 
ATOM   338  C CB  . TYR A 1 72  ? -8.678  -11.033 3.816   1.00 109.09 ? 44  TYR A CB  1 
ATOM   339  C CG  . TYR A 1 72  ? -8.864  -9.603  3.377   1.00 109.34 ? 44  TYR A CG  1 
ATOM   340  C CD1 . TYR A 1 72  ? -10.121 -9.015  3.375   1.00 109.49 ? 44  TYR A CD1 1 
ATOM   341  C CD2 . TYR A 1 72  ? -7.786  -8.843  2.951   1.00 109.65 ? 44  TYR A CD2 1 
ATOM   342  C CE1 . TYR A 1 72  ? -10.296 -7.711  2.969   1.00 111.35 ? 44  TYR A CE1 1 
ATOM   343  C CE2 . TYR A 1 72  ? -7.952  -7.538  2.541   1.00 109.05 ? 44  TYR A CE2 1 
ATOM   344  C CZ  . TYR A 1 72  ? -9.209  -6.976  2.554   1.00 112.73 ? 44  TYR A CZ  1 
ATOM   345  O OH  . TYR A 1 72  ? -9.378  -5.674  2.147   1.00 116.65 ? 44  TYR A OH  1 
ATOM   346  N N   . THR A 1 73  ? -6.978  -10.057 6.313   1.00 95.49  ? 45  THR A N   1 
ATOM   347  C CA  . THR A 1 73  ? -6.335  -9.128  7.230   1.00 94.97  ? 45  THR A CA  1 
ATOM   348  C C   . THR A 1 73  ? -5.428  -8.165  6.478   1.00 96.31  ? 45  THR A C   1 
ATOM   349  O O   . THR A 1 73  ? -4.685  -8.569  5.580   1.00 99.49  ? 45  THR A O   1 
ATOM   350  C CB  . THR A 1 73  ? -5.518  -9.882  8.285   1.00 95.26  ? 45  THR A CB  1 
ATOM   351  O OG1 . THR A 1 73  ? -6.311  -10.936 8.844   1.00 97.00  ? 45  THR A OG1 1 
ATOM   352  C CG2 . THR A 1 73  ? -5.079  -8.943  9.398   1.00 92.48  ? 45  THR A CG2 1 
ATOM   353  N N   . VAL A 1 74  ? -5.499  -6.889  6.852   1.00 82.87  ? 46  VAL A N   1 
ATOM   354  C CA  . VAL A 1 74  ? -4.575  -5.863  6.389   1.00 78.09  ? 46  VAL A CA  1 
ATOM   355  C C   . VAL A 1 74  ? -3.886  -5.275  7.610   1.00 75.12  ? 46  VAL A C   1 
ATOM   356  O O   . VAL A 1 74  ? -4.555  -4.805  8.537   1.00 83.63  ? 46  VAL A O   1 
ATOM   357  C CB  . VAL A 1 74  ? -5.291  -4.762  5.588   1.00 80.04  ? 46  VAL A CB  1 
ATOM   358  C CG1 . VAL A 1 74  ? -4.326  -3.641  5.249   1.00 74.82  ? 46  VAL A CG1 1 
ATOM   359  C CG2 . VAL A 1 74  ? -5.904  -5.338  4.331   1.00 80.05  ? 46  VAL A CG2 1 
ATOM   360  N N   . LYS A 1 75  ? -2.557  -5.300  7.612   1.00 63.08  ? 47  LYS A N   1 
ATOM   361  C CA  . LYS A 1 75  ? -1.769  -4.841  8.749   1.00 64.59  ? 47  LYS A CA  1 
ATOM   362  C C   . LYS A 1 75  ? -0.757  -3.816  8.267   1.00 76.49  ? 47  LYS A C   1 
ATOM   363  O O   . LYS A 1 75  ? 0.011   -4.090  7.340   1.00 86.35  ? 47  LYS A O   1 
ATOM   364  C CB  . LYS A 1 75  ? -1.063  -6.012  9.437   1.00 68.38  ? 47  LYS A CB  1 
ATOM   365  C CG  . LYS A 1 75  ? 0.018   -5.601  10.418  1.00 72.34  ? 47  LYS A CG  1 
ATOM   366  C CD  . LYS A 1 75  ? 0.663   -6.813  11.064  1.00 73.53  ? 47  LYS A CD  1 
ATOM   367  C CE  . LYS A 1 75  ? 1.884   -6.424  11.877  1.00 72.69  ? 47  LYS A CE  1 
ATOM   368  N NZ  . LYS A 1 75  ? 1.579   -5.327  12.836  1.00 71.84  ? 47  LYS A NZ  1 
ATOM   369  N N   . VAL A 1 76  ? -0.756  -2.644  8.891   1.00 55.25  ? 48  VAL A N   1 
ATOM   370  C CA  . VAL A 1 76  ? 0.217   -1.602  8.591   1.00 51.03  ? 48  VAL A CA  1 
ATOM   371  C C   . VAL A 1 76  ? 1.302   -1.651  9.658   1.00 55.33  ? 48  VAL A C   1 
ATOM   372  O O   . VAL A 1 76  ? 1.039   -1.388  10.835  1.00 64.28  ? 48  VAL A O   1 
ATOM   373  C CB  . VAL A 1 76  ? -0.445  -0.218  8.536   1.00 52.26  ? 48  VAL A CB  1 
ATOM   374  C CG1 . VAL A 1 76  ? 0.589   0.847   8.232   1.00 48.58  ? 48  VAL A CG1 1 
ATOM   375  C CG2 . VAL A 1 76  ? -1.548  -0.203  7.494   1.00 54.21  ? 48  VAL A CG2 1 
ATOM   376  N N   . HIS A 1 77  ? 2.527   -1.959  9.246   1.00 58.14  ? 49  HIS A N   1 
ATOM   377  C CA  . HIS A 1 77  ? 3.612   -2.145  10.243  1.00 59.61  ? 49  HIS A CA  1 
ATOM   378  C C   . HIS A 1 77  ? 3.953   -0.834  10.937  1.00 66.43  ? 49  HIS A C   1 
ATOM   379  O O   . HIS A 1 77  ? 3.879   0.222   10.297  1.00 73.12  ? 49  HIS A O   1 
ATOM   380  C CB  . HIS A 1 77  ? 4.834   -2.798  9.600   1.00 62.85  ? 49  HIS A CB  1 
ATOM   381  C CG  . HIS A 1 77  ? 4.610   -4.204  9.165   1.00 74.15  ? 49  HIS A CG  1 
ATOM   382  N ND1 . HIS A 1 77  ? 5.337   -5.241  9.709   1.00 76.03  ? 49  HIS A ND1 1 
ATOM   383  C CD2 . HIS A 1 77  ? 3.763   -4.758  8.294   1.00 74.15  ? 49  HIS A CD2 1 
ATOM   384  C CE1 . HIS A 1 77  ? 4.940   -6.380  9.168   1.00 73.86  ? 49  HIS A CE1 1 
ATOM   385  N NE2 . HIS A 1 77  ? 3.985   -6.108  8.308   1.00 73.13  ? 49  HIS A NE2 1 
ATOM   386  N N   . GLU A 1 78  ? 4.343   -0.925  12.205  1.00 64.22  ? 50  GLU A N   1 
ATOM   387  C CA  . GLU A 1 78  ? 4.673   0.269   13.018  1.00 57.71  ? 50  GLU A CA  1 
ATOM   388  C C   . GLU A 1 78  ? 6.139   0.170   13.433  1.00 62.60  ? 50  GLU A C   1 
ATOM   389  O O   . GLU A 1 78  ? 6.538   -0.916  13.869  1.00 71.57  ? 50  GLU A O   1 
ATOM   390  C CB  . GLU A 1 78  ? 3.747   0.296   14.230  1.00 56.00  ? 50  GLU A CB  1 
ATOM   391  C CG  . GLU A 1 78  ? 2.281   0.384   13.854  1.00 60.98  ? 50  GLU A CG  1 
ATOM   392  C CD  . GLU A 1 78  ? 1.325   0.378   15.033  1.00 73.20  ? 50  GLU A CD  1 
ATOM   393  O OE1 . GLU A 1 78  ? 1.427   1.287   15.878  1.00 68.78  ? 50  GLU A OE1 1 
ATOM   394  O OE2 . GLU A 1 78  ? 0.478   -0.531  15.095  1.00 75.20  ? 50  GLU A OE2 1 
ATOM   395  N N   . PHE A 1 79  ? 6.905   1.253   13.323  1.00 58.11  ? 51  PHE A N   1 
ATOM   396  C CA  . PHE A 1 79  ? 8.362   1.178   13.576  1.00 59.91  ? 51  PHE A CA  1 
ATOM   397  C C   . PHE A 1 79  ? 8.769   2.211   14.625  1.00 67.65  ? 51  PHE A C   1 
ATOM   398  O O   . PHE A 1 79  ? 8.119   3.250   14.702  1.00 74.40  ? 51  PHE A O   1 
ATOM   399  C CB  . PHE A 1 79  ? 9.086   1.467   12.263  1.00 61.58  ? 51  PHE A CB  1 
ATOM   400  C CG  . PHE A 1 79  ? 8.739   0.559   11.112  1.00 60.38  ? 51  PHE A CG  1 
ATOM   401  C CD1 . PHE A 1 79  ? 8.971   -0.802  11.178  1.00 58.44  ? 51  PHE A CD1 1 
ATOM   402  C CD2 . PHE A 1 79  ? 8.152   1.070   9.967   1.00 62.31  ? 51  PHE A CD2 1 
ATOM   403  C CE1 . PHE A 1 79  ? 8.645   -1.629  10.114  1.00 61.50  ? 51  PHE A CE1 1 
ATOM   404  C CE2 . PHE A 1 79  ? 7.820   0.242   8.907   1.00 60.93  ? 51  PHE A CE2 1 
ATOM   405  C CZ  . PHE A 1 79  ? 8.070   -1.105  8.982   1.00 61.76  ? 51  PHE A CZ  1 
ATOM   406  N N   . PRO A 1 80  ? 9.843   1.987   15.411  1.00 63.38  ? 52  PRO A N   1 
ATOM   407  C CA  . PRO A 1 80  ? 10.303  2.968   16.388  1.00 56.28  ? 52  PRO A CA  1 
ATOM   408  C C   . PRO A 1 80  ? 10.730  4.258   15.685  1.00 57.37  ? 52  PRO A C   1 
ATOM   409  O O   . PRO A 1 80  ? 11.139  4.169   14.563  1.00 67.24  ? 52  PRO A O   1 
ATOM   410  C CB  . PRO A 1 80  ? 11.545  2.307   16.978  1.00 51.10  ? 52  PRO A CB  1 
ATOM   411  C CG  . PRO A 1 80  ? 11.298  0.835   16.791  1.00 57.08  ? 52  PRO A CG  1 
ATOM   412  C CD  . PRO A 1 80  ? 10.632  0.759   15.436  1.00 59.11  ? 52  PRO A CD  1 
ATOM   413  N N   . HIS A 1 81  ? 10.585  5.414   16.333  1.00 50.14  ? 53  HIS A N   1 
ATOM   414  C CA  . HIS A 1 81  ? 10.896  6.699   15.648  1.00 52.89  ? 53  HIS A CA  1 
ATOM   415  C C   . HIS A 1 81  ? 12.323  7.119   16.008  1.00 59.85  ? 53  HIS A C   1 
ATOM   416  O O   . HIS A 1 81  ? 12.702  7.054   17.188  1.00 66.63  ? 53  HIS A O   1 
ATOM   417  C CB  . HIS A 1 81  ? 9.858   7.778   15.976  1.00 55.66  ? 53  HIS A CB  1 
ATOM   418  C CG  . HIS A 1 81  ? 10.002  9.033   15.181  1.00 59.12  ? 53  HIS A CG  1 
ATOM   419  N ND1 . HIS A 1 81  ? 11.108  9.854   15.213  1.00 56.09  ? 53  HIS A ND1 1 
ATOM   420  C CD2 . HIS A 1 81  ? 9.142   9.608   14.336  1.00 59.49  ? 53  HIS A CD2 1 
ATOM   421  C CE1 . HIS A 1 81  ? 10.913  10.880  14.398  1.00 56.24  ? 53  HIS A CE1 1 
ATOM   422  N NE2 . HIS A 1 81  ? 9.725   10.749  13.855  1.00 55.46  ? 53  HIS A NE2 1 
ATOM   423  N N   . PRO A 1 82  ? 13.143  7.539   15.025  1.00 58.52  ? 54  PRO A N   1 
ATOM   424  C CA  . PRO A 1 82  ? 14.534  7.911   15.277  1.00 55.77  ? 54  PRO A CA  1 
ATOM   425  C C   . PRO A 1 82  ? 14.740  9.094   16.235  1.00 59.21  ? 54  PRO A C   1 
ATOM   426  O O   . PRO A 1 82  ? 15.674  9.030   17.004  1.00 64.42  ? 54  PRO A O   1 
ATOM   427  C CB  . PRO A 1 82  ? 15.029  8.315   13.879  1.00 58.14  ? 54  PRO A CB  1 
ATOM   428  C CG  . PRO A 1 82  ? 13.785  8.640   13.101  1.00 54.81  ? 54  PRO A CG  1 
ATOM   429  C CD  . PRO A 1 82  ? 12.782  7.632   13.611  1.00 60.91  ? 54  PRO A CD  1 
ATOM   430  N N   . ASP A 1 83  ? 13.900  10.132  16.172  1.00 65.55  ? 55  ASP A N   1 
ATOM   431  C CA  . ASP A 1 83  ? 14.108  11.364  16.985  1.00 73.44  ? 55  ASP A CA  1 
ATOM   432  C C   . ASP A 1 83  ? 13.529  11.247  18.404  1.00 75.76  ? 55  ASP A C   1 
ATOM   433  O O   . ASP A 1 83  ? 14.193  11.731  19.329  1.00 76.41  ? 55  ASP A O   1 
ATOM   434  C CB  . ASP A 1 83  ? 13.514  12.578  16.269  1.00 72.97  ? 55  ASP A CB  1 
ATOM   435  C CG  . ASP A 1 83  ? 14.123  12.844  14.906  1.00 72.01  ? 55  ASP A CG  1 
ATOM   436  O OD1 . ASP A 1 83  ? 15.022  12.081  14.509  1.00 73.25  ? 55  ASP A OD1 1 
ATOM   437  O OD2 . ASP A 1 83  ? 13.685  13.806  14.249  1.00 74.97  ? 55  ASP A OD2 1 
ATOM   438  N N   . ILE A 1 84  ? 12.337  10.668  18.578  1.00 69.12  ? 56  ILE A N   1 
ATOM   439  C CA  . ILE A 1 84  ? 11.672  10.604  19.920  1.00 64.99  ? 56  ILE A CA  1 
ATOM   440  C C   . ILE A 1 84  ? 12.198  9.401   20.708  1.00 68.44  ? 56  ILE A C   1 
ATOM   441  O O   . ILE A 1 84  ? 12.148  8.282   20.172  1.00 65.01  ? 56  ILE A O   1 
ATOM   442  C CB  . ILE A 1 84  ? 10.141  10.542  19.768  1.00 65.31  ? 56  ILE A CB  1 
ATOM   443  C CG1 . ILE A 1 84  ? 9.603   11.686  18.906  1.00 61.06  ? 56  ILE A CG1 1 
ATOM   444  C CG2 . ILE A 1 84  ? 9.465   10.498  21.129  1.00 67.21  ? 56  ILE A CG2 1 
ATOM   445  C CD1 . ILE A 1 84  ? 9.898   13.060  19.454  1.00 64.86  ? 56  ILE A CD1 1 
ATOM   446  N N   . ASN A 1 85  ? 12.662  9.626   21.942  1.00 85.12  ? 57  ASN A N   1 
ATOM   447  C CA  . ASN A 1 85  ? 13.256  8.539   22.769  1.00 85.33  ? 57  ASN A CA  1 
ATOM   448  C C   . ASN A 1 85  ? 12.277  8.011   23.828  1.00 85.01  ? 57  ASN A C   1 
ATOM   449  O O   . ASN A 1 85  ? 12.686  7.125   24.596  1.00 85.09  ? 57  ASN A O   1 
ATOM   450  C CB  . ASN A 1 85  ? 14.556  9.002   23.429  1.00 85.15  ? 57  ASN A CB  1 
ATOM   451  C CG  . ASN A 1 85  ? 14.381  10.231  24.294  1.00 87.79  ? 57  ASN A CG  1 
ATOM   452  O OD1 . ASN A 1 85  ? 13.284  10.774  24.405  1.00 84.37  ? 57  ASN A OD1 1 
ATOM   453  N ND2 . ASN A 1 85  ? 15.463  10.689  24.901  1.00 88.04  ? 57  ASN A ND2 1 
ATOM   454  N N   . THR A 1 86  ? 11.049  8.525   23.877  1.00 85.45  ? 58  THR A N   1 
ATOM   455  C CA  . THR A 1 86  ? 10.037  7.997   24.830  1.00 82.58  ? 58  THR A CA  1 
ATOM   456  C C   . THR A 1 86  ? 9.878   6.494   24.609  1.00 84.56  ? 58  THR A C   1 
ATOM   457  O O   . THR A 1 86  ? 9.964   6.065   23.451  1.00 90.81  ? 58  THR A O   1 
ATOM   458  C CB  . THR A 1 86  ? 8.692   8.720   24.690  1.00 78.85  ? 58  THR A CB  1 
ATOM   459  O OG1 . THR A 1 86  ? 8.910   10.109  24.931  1.00 86.51  ? 58  THR A OG1 1 
ATOM   460  C CG2 . THR A 1 86  ? 7.637   8.204   25.644  1.00 79.98  ? 58  THR A CG2 1 
ATOM   461  N N   . GLU A 1 87  ? 9.657   5.730   25.674  1.00 88.13  ? 59  GLU A N   1 
ATOM   462  C CA  . GLU A 1 87  ? 9.475   4.290   25.582  1.00 89.46  ? 59  GLU A CA  1 
ATOM   463  C C   . GLU A 1 87  ? 8.073   3.948   25.093  1.00 91.63  ? 59  GLU A C   1 
ATOM   464  O O   . GLU A 1 87  ? 7.104   4.665   25.359  1.00 91.83  ? 59  GLU A O   1 
ATOM   465  C CB  . GLU A 1 87  ? 9.733   3.631   26.937  1.00 90.70  ? 59  GLU A CB  1 
ATOM   466  C CG  . GLU A 1 87  ? 10.270  2.215   26.842  1.00 90.19  ? 59  GLU A CG  1 
ATOM   467  C CD  . GLU A 1 87  ? 11.317  2.062   25.757  1.00 91.85  ? 59  GLU A CD  1 
ATOM   468  O OE1 . GLU A 1 87  ? 12.362  2.739   25.835  1.00 91.63  ? 59  GLU A OE1 1 
ATOM   469  O OE2 . GLU A 1 87  ? 11.092  1.262   24.823  1.00 92.76  ? 59  GLU A OE2 1 
ATOM   470  N N   . ASN A 1 88  ? 7.977   2.832   24.367  1.00 85.81  ? 60  ASN A N   1 
ATOM   471  C CA  . ASN A 1 88  ? 6.711   2.336   23.818  1.00 85.97  ? 60  ASN A CA  1 
ATOM   472  C C   . ASN A 1 88  ? 6.050   3.363   22.902  1.00 84.93  ? 60  ASN A C   1 
ATOM   473  O O   . ASN A 1 88  ? 4.829   3.527   22.903  1.00 86.46  ? 60  ASN A O   1 
ATOM   474  C CB  . ASN A 1 88  ? 5.754   1.910   24.934  1.00 83.22  ? 60  ASN A CB  1 
ATOM   475  C CG  . ASN A 1 88  ? 6.433   1.077   25.998  1.00 84.33  ? 60  ASN A CG  1 
ATOM   476  O OD1 . ASN A 1 88  ? 7.080   1.608   26.898  1.00 84.95  ? 60  ASN A OD1 1 
ATOM   477  N ND2 . ASN A 1 88  ? 6.285   -0.239  25.903  1.00 85.22  ? 60  ASN A ND2 1 
ATOM   478  N N   . TYR A 1 89  ? 6.875   4.078   22.131  1.00 62.68  ? 61  TYR A N   1 
ATOM   479  C CA  . TYR A 1 89  ? 6.346   5.064   21.157  1.00 58.29  ? 61  TYR A CA  1 
ATOM   480  C C   . TYR A 1 89  ? 6.583   4.510   19.751  1.00 64.66  ? 61  TYR A C   1 
ATOM   481  O O   . TYR A 1 89  ? 7.748   4.459   19.342  1.00 72.28  ? 61  TYR A O   1 
ATOM   482  C CB  . TYR A 1 89  ? 7.018   6.424   21.348  1.00 56.93  ? 61  TYR A CB  1 
ATOM   483  C CG  . TYR A 1 89  ? 6.508   7.503   20.431  1.00 56.75  ? 61  TYR A CG  1 
ATOM   484  C CD1 . TYR A 1 89  ? 5.181   7.893   20.455  1.00 59.27  ? 61  TYR A CD1 1 
ATOM   485  C CD2 . TYR A 1 89  ? 7.348   8.116   19.521  1.00 59.43  ? 61  TYR A CD2 1 
ATOM   486  C CE1 . TYR A 1 89  ? 4.704   8.878   19.609  1.00 59.53  ? 61  TYR A CE1 1 
ATOM   487  C CE2 . TYR A 1 89  ? 6.888   9.099   18.664  1.00 61.88  ? 61  TYR A CE2 1 
ATOM   488  C CZ  . TYR A 1 89  ? 5.563   9.481   18.710  1.00 61.93  ? 61  TYR A CZ  1 
ATOM   489  O OH  . TYR A 1 89  ? 5.115   10.456  17.858  1.00 62.14  ? 61  TYR A OH  1 
ATOM   490  N N   . PHE A 1 90  ? 5.522   4.110   19.045  1.00 64.95  ? 62  PHE A N   1 
ATOM   491  C CA  . PHE A 1 90  ? 5.664   3.472   17.715  1.00 60.67  ? 62  PHE A CA  1 
ATOM   492  C C   . PHE A 1 90  ? 4.792   4.179   16.680  1.00 59.41  ? 62  PHE A C   1 
ATOM   493  O O   . PHE A 1 90  ? 3.568   4.035   16.750  1.00 67.91  ? 62  PHE A O   1 
ATOM   494  C CB  . PHE A 1 90  ? 5.289   1.993   17.780  1.00 67.69  ? 62  PHE A CB  1 
ATOM   495  C CG  . PHE A 1 90  ? 6.184   1.107   18.606  1.00 69.77  ? 62  PHE A CG  1 
ATOM   496  C CD1 . PHE A 1 90  ? 6.362   1.323   19.962  1.00 66.41  ? 62  PHE A CD1 1 
ATOM   497  C CD2 . PHE A 1 90  ? 6.855   0.048   18.019  1.00 69.53  ? 62  PHE A CD2 1 
ATOM   498  C CE1 . PHE A 1 90  ? 7.189   0.503   20.710  1.00 68.18  ? 62  PHE A CE1 1 
ATOM   499  C CE2 . PHE A 1 90  ? 7.683   -0.772  18.767  1.00 69.45  ? 62  PHE A CE2 1 
ATOM   500  C CZ  . PHE A 1 90  ? 7.849   -0.543  20.112  1.00 73.68  ? 62  PHE A CZ  1 
ATOM   501  N N   . VAL A 1 91  ? 5.411   4.895   15.746  1.00 47.36  ? 63  VAL A N   1 
ATOM   502  C CA  . VAL A 1 91  ? 4.671   5.577   14.649  1.00 51.65  ? 63  VAL A CA  1 
ATOM   503  C C   . VAL A 1 91  ? 4.304   4.547   13.573  1.00 55.38  ? 63  VAL A C   1 
ATOM   504  O O   . VAL A 1 91  ? 4.882   3.460   13.594  1.00 64.86  ? 63  VAL A O   1 
ATOM   505  C CB  . VAL A 1 91  ? 5.512   6.731   14.081  1.00 53.63  ? 63  VAL A CB  1 
ATOM   506  C CG1 . VAL A 1 91  ? 5.730   7.821   15.118  1.00 53.79  ? 63  VAL A CG1 1 
ATOM   507  C CG2 . VAL A 1 91  ? 6.843   6.242   13.538  1.00 53.49  ? 63  VAL A CG2 1 
ATOM   508  N N   . PRO A 1 92  ? 3.369   4.834   12.645  1.00 42.75  ? 64  PRO A N   1 
ATOM   509  C CA  . PRO A 1 92  ? 2.945   3.872   11.629  1.00 41.42  ? 64  PRO A CA  1 
ATOM   510  C C   . PRO A 1 92  ? 3.779   3.888   10.335  1.00 55.42  ? 64  PRO A C   1 
ATOM   511  O O   . PRO A 1 92  ? 3.338   3.292   9.375   1.00 60.92  ? 64  PRO A O   1 
ATOM   512  C CB  . PRO A 1 92  ? 1.537   4.375   11.323  1.00 37.32  ? 64  PRO A CB  1 
ATOM   513  C CG  . PRO A 1 92  ? 1.670   5.868   11.402  1.00 47.83  ? 64  PRO A CG  1 
ATOM   514  C CD  . PRO A 1 92  ? 2.613   6.085   12.562  1.00 50.46  ? 64  PRO A CD  1 
ATOM   515  N N   . TYR A 1 93  ? 4.913   4.594   10.311  1.00 57.42  ? 65  TYR A N   1 
ATOM   516  C CA  . TYR A 1 93  ? 5.773   4.722   9.106   1.00 44.13  ? 65  TYR A CA  1 
ATOM   517  C C   . TYR A 1 93  ? 7.235   4.649   9.531   1.00 54.79  ? 65  TYR A C   1 
ATOM   518  O O   . TYR A 1 93  ? 7.491   4.761   10.732  1.00 59.48  ? 65  TYR A O   1 
ATOM   519  C CB  . TYR A 1 93  ? 5.532   6.057   8.404   1.00 44.38  ? 65  TYR A CB  1 
ATOM   520  C CG  . TYR A 1 93  ? 5.812   7.291   9.225   1.00 49.46  ? 65  TYR A CG  1 
ATOM   521  C CD1 . TYR A 1 93  ? 5.112   7.558   10.388  1.00 52.22  ? 65  TYR A CD1 1 
ATOM   522  C CD2 . TYR A 1 93  ? 6.798   8.183   8.849   1.00 50.84  ? 65  TYR A CD2 1 
ATOM   523  C CE1 . TYR A 1 93  ? 5.372   8.684   11.149  1.00 47.47  ? 65  TYR A CE1 1 
ATOM   524  C CE2 . TYR A 1 93  ? 7.074   9.312   9.600   1.00 55.72  ? 65  TYR A CE2 1 
ATOM   525  C CZ  . TYR A 1 93  ? 6.359   9.565   10.753  1.00 52.97  ? 65  TYR A CZ  1 
ATOM   526  O OH  . TYR A 1 93  ? 6.628   10.683  11.502  1.00 56.80  ? 65  TYR A OH  1 
ATOM   527  N N   . LEU A 1 94  ? 8.165   4.514   8.581   1.00 54.14  ? 66  LEU A N   1 
ATOM   528  C CA  . LEU A 1 94  ? 9.617   4.487   8.912   1.00 48.85  ? 66  LEU A CA  1 
ATOM   529  C C   . LEU A 1 94  ? 10.267  5.798   8.478   1.00 52.90  ? 66  LEU A C   1 
ATOM   530  O O   . LEU A 1 94  ? 10.271  6.076   7.274   1.00 57.06  ? 66  LEU A O   1 
ATOM   531  C CB  . LEU A 1 94  ? 10.292  3.311   8.208   1.00 47.68  ? 66  LEU A CB  1 
ATOM   532  C CG  . LEU A 1 94  ? 11.779  3.125   8.492   1.00 48.88  ? 66  LEU A CG  1 
ATOM   533  C CD1 . LEU A 1 94  ? 11.988  2.580   9.895   1.00 49.45  ? 66  LEU A CD1 1 
ATOM   534  C CD2 . LEU A 1 94  ? 12.397  2.187   7.471   1.00 44.26  ? 66  LEU A CD2 1 
ATOM   535  N N   . ALA A 1 95  ? 10.798  6.560   9.431   1.00 50.20  ? 67  ALA A N   1 
ATOM   536  C CA  . ALA A 1 95  ? 11.516  7.793   9.073   1.00 47.52  ? 67  ALA A CA  1 
ATOM   537  C C   . ALA A 1 95  ? 13.001  7.465   9.077   1.00 55.00  ? 67  ALA A C   1 
ATOM   538  O O   . ALA A 1 95  ? 13.507  7.051   10.132  1.00 57.85  ? 67  ALA A O   1 
ATOM   539  C CB  . ALA A 1 95  ? 11.205  8.868   10.064  1.00 50.96  ? 67  ALA A CB  1 
ATOM   540  N N   . THR A 1 96  ? 13.666  7.655   7.943   1.00 56.11  ? 68  THR A N   1 
ATOM   541  C CA  . THR A 1 96  ? 15.100  7.301   7.820   1.00 56.14  ? 68  THR A CA  1 
ATOM   542  C C   . THR A 1 96  ? 15.844  8.575   7.436   1.00 65.62  ? 68  THR A C   1 
ATOM   543  O O   . THR A 1 96  ? 15.194  9.473   6.880   1.00 64.25  ? 68  THR A O   1 
ATOM   544  C CB  . THR A 1 96  ? 15.286  6.215   6.762   1.00 52.73  ? 68  THR A CB  1 
ATOM   545  O OG1 . THR A 1 96  ? 14.794  6.726   5.525   1.00 57.56  ? 68  THR A OG1 1 
ATOM   546  C CG2 . THR A 1 96  ? 14.565  4.930   7.094   1.00 57.91  ? 68  THR A CG2 1 
ATOM   547  N N   . PRO A 1 97  ? 17.158  8.705   7.691   1.00 68.20  ? 69  PRO A N   1 
ATOM   548  C CA  . PRO A 1 97  ? 17.847  9.949   7.397   1.00 64.10  ? 69  PRO A CA  1 
ATOM   549  C C   . PRO A 1 97  ? 17.719  10.280  5.904   1.00 66.48  ? 69  PRO A C   1 
ATOM   550  O O   . PRO A 1 97  ? 17.846  11.433  5.568   1.00 70.47  ? 69  PRO A O   1 
ATOM   551  C CB  . PRO A 1 97  ? 19.286  9.631   7.788   1.00 58.39  ? 69  PRO A CB  1 
ATOM   552  C CG  . PRO A 1 97  ? 19.147  8.575   8.851   1.00 61.09  ? 69  PRO A CG  1 
ATOM   553  C CD  . PRO A 1 97  ? 18.005  7.718   8.355   1.00 62.02  ? 69  PRO A CD  1 
ATOM   554  N N   . GLU A 1 98  ? 17.421  9.280   5.070   1.00 66.41  ? 70  GLU A N   1 
ATOM   555  C CA  . GLU A 1 98  ? 17.347  9.486   3.597   1.00 68.22  ? 70  GLU A CA  1 
ATOM   556  C C   . GLU A 1 98  ? 15.905  9.726   3.119   1.00 70.36  ? 70  GLU A C   1 
ATOM   557  O O   . GLU A 1 98  ? 15.730  9.980   1.919   1.00 72.40  ? 70  GLU A O   1 
ATOM   558  C CB  . GLU A 1 98  ? 17.969  8.308   2.840   1.00 66.65  ? 70  GLU A CB  1 
ATOM   559  C CG  . GLU A 1 98  ? 19.476  8.167   2.989   1.00 68.04  ? 70  GLU A CG  1 
ATOM   560  C CD  . GLU A 1 98  ? 20.052  7.800   4.345   1.00 75.59  ? 70  GLU A CD  1 
ATOM   561  O OE1 . GLU A 1 98  ? 21.289  7.709   4.449   1.00 79.74  ? 70  GLU A OE1 1 
ATOM   562  O OE2 . GLU A 1 98  ? 19.271  7.551   5.276   1.00 71.53  ? 70  GLU A OE2 1 
ATOM   563  N N   . GLY A 1 99  ? 14.907  9.629   4.001   1.00 54.61  ? 71  GLY A N   1 
ATOM   564  C CA  . GLY A 1 99  ? 13.510  9.806   3.552   1.00 60.54  ? 71  GLY A CA  1 
ATOM   565  C C   . GLY A 1 99  ? 12.483  9.039   4.370   1.00 66.97  ? 71  GLY A C   1 
ATOM   566  O O   . GLY A 1 99  ? 12.774  8.766   5.540   1.00 70.28  ? 71  GLY A O   1 
ATOM   567  N N   . TYR A 1 100 ? 11.327  8.698   3.780   1.00 55.29  ? 72  TYR A N   1 
ATOM   568  C CA  . TYR A 1 100 ? 10.233  8.007   4.517   1.00 52.40  ? 72  TYR A CA  1 
ATOM   569  C C   . TYR A 1 100 ? 9.810   6.706   3.833   1.00 53.97  ? 72  TYR A C   1 
ATOM   570  O O   . TYR A 1 100 ? 9.756   6.698   2.601   1.00 66.99  ? 72  TYR A O   1 
ATOM   571  C CB  . TYR A 1 100 ? 9.032   8.941   4.638   1.00 57.29  ? 72  TYR A CB  1 
ATOM   572  C CG  . TYR A 1 100 ? 9.238   10.122  5.550   1.00 58.60  ? 72  TYR A CG  1 
ATOM   573  C CD1 . TYR A 1 100 ? 9.500   9.939   6.896   1.00 49.29  ? 72  TYR A CD1 1 
ATOM   574  C CD2 . TYR A 1 100 ? 9.209   11.418  5.067   1.00 64.96  ? 72  TYR A CD2 1 
ATOM   575  C CE1 . TYR A 1 100 ? 9.697   11.013  7.747   1.00 56.67  ? 72  TYR A CE1 1 
ATOM   576  C CE2 . TYR A 1 100 ? 9.416   12.501  5.901   1.00 63.12  ? 72  TYR A CE2 1 
ATOM   577  C CZ  . TYR A 1 100 ? 9.654   12.298  7.246   1.00 59.93  ? 72  TYR A CZ  1 
ATOM   578  O OH  . TYR A 1 100 ? 9.854   13.367  8.080   1.00 61.62  ? 72  TYR A OH  1 
ATOM   579  N N   . PHE A 1 101 ? 9.481   5.667   4.608   1.00 39.34  ? 73  PHE A N   1 
ATOM   580  C CA  . PHE A 1 101 ? 9.074   4.371   4.087   1.00 33.96  ? 73  PHE A CA  1 
ATOM   581  C C   . PHE A 1 101 ? 7.811   3.908   4.796   1.00 42.95  ? 73  PHE A C   1 
ATOM   582  O O   . PHE A 1 101 ? 7.595   4.209   5.971   1.00 58.72  ? 73  PHE A O   1 
ATOM   583  C CB  . PHE A 1 101 ? 10.176  3.315   4.270   1.00 42.47  ? 73  PHE A CB  1 
ATOM   584  C CG  . PHE A 1 101 ? 11.132  3.217   3.114   1.00 50.00  ? 73  PHE A CG  1 
ATOM   585  C CD1 . PHE A 1 101 ? 10.882  2.354   2.061   1.00 47.05  ? 73  PHE A CD1 1 
ATOM   586  C CD2 . PHE A 1 101 ? 12.287  3.977   3.086   1.00 43.47  ? 73  PHE A CD2 1 
ATOM   587  C CE1 . PHE A 1 101 ? 11.759  2.256   1.003   1.00 38.72  ? 73  PHE A CE1 1 
ATOM   588  C CE2 . PHE A 1 101 ? 13.167  3.883   2.029   1.00 40.96  ? 73  PHE A CE2 1 
ATOM   589  C CZ  . PHE A 1 101 ? 12.902  3.021   0.986   1.00 42.42  ? 73  PHE A CZ  1 
ATOM   590  N N   . VAL A 1 102 ? 6.972   3.168   4.067   1.00 48.02  ? 74  VAL A N   1 
ATOM   591  C CA  . VAL A 1 102 ? 5.766   2.566   4.618   1.00 48.42  ? 74  VAL A CA  1 
ATOM   592  C C   . VAL A 1 102 ? 5.759   1.086   4.258   1.00 53.20  ? 74  VAL A C   1 
ATOM   593  O O   . VAL A 1 102 ? 6.405   0.652   3.301   1.00 72.01  ? 74  VAL A O   1 
ATOM   594  C CB  . VAL A 1 102 ? 4.473   3.249   4.113   1.00 36.36  ? 74  VAL A CB  1 
ATOM   595  C CG1 . VAL A 1 102 ? 4.550   4.753   4.305   1.00 46.89  ? 74  VAL A CG1 1 
ATOM   596  C CG2 . VAL A 1 102 ? 4.217   2.903   2.659   1.00 38.76  ? 74  VAL A CG2 1 
ATOM   597  N N   . GLN A 1 103 ? 5.021   0.307   5.042   1.00 53.01  ? 75  GLN A N   1 
ATOM   598  C CA  . GLN A 1 103 ? 4.920   -1.128  4.827   1.00 54.68  ? 75  GLN A CA  1 
ATOM   599  C C   . GLN A 1 103 ? 3.493   -1.587  5.088   1.00 58.26  ? 75  GLN A C   1 
ATOM   600  O O   . GLN A 1 103 ? 2.865   -1.157  6.058   1.00 75.44  ? 75  GLN A O   1 
ATOM   601  C CB  . GLN A 1 103 ? 5.890   -1.898  5.728   1.00 57.45  ? 75  GLN A CB  1 
ATOM   602  C CG  . GLN A 1 103 ? 6.249   -3.277  5.214   1.00 59.45  ? 75  GLN A CG  1 
ATOM   603  C CD  . GLN A 1 103 ? 7.215   -4.005  6.125   1.00 68.58  ? 75  GLN A CD  1 
ATOM   604  O OE1 . GLN A 1 103 ? 7.072   -3.982  7.345   1.00 72.22  ? 75  GLN A OE1 1 
ATOM   605  N NE2 . GLN A 1 103 ? 8.209   -4.653  5.535   1.00 66.13  ? 75  GLN A NE2 1 
ATOM   606  N N   . VAL A 1 104 ? 2.988   -2.458  4.218   1.00 59.78  ? 76  VAL A N   1 
ATOM   607  C CA  . VAL A 1 104 ? 1.638   -2.999  4.337   1.00 58.95  ? 76  VAL A CA  1 
ATOM   608  C C   . VAL A 1 104 ? 1.694   -4.494  4.063   1.00 68.79  ? 76  VAL A C   1 
ATOM   609  O O   . VAL A 1 104 ? 2.295   -4.925  3.072   1.00 84.89  ? 76  VAL A O   1 
ATOM   610  C CB  . VAL A 1 104 ? 0.657   -2.309  3.368   1.00 62.04  ? 76  VAL A CB  1 
ATOM   611  C CG1 . VAL A 1 104 ? -0.669  -3.047  3.337   1.00 66.80  ? 76  VAL A CG1 1 
ATOM   612  C CG2 . VAL A 1 104 ? 0.448   -0.860  3.767   1.00 65.59  ? 76  VAL A CG2 1 
ATOM   613  N N   . SER A 1 105 ? 1.086   -5.287  4.949   1.00 58.81  ? 77  SER A N   1 
ATOM   614  C CA  . SER A 1 105 ? 1.051   -6.765  4.788   1.00 65.46  ? 77  SER A CA  1 
ATOM   615  C C   . SER A 1 105 ? -0.386  -7.252  4.615   1.00 68.02  ? 77  SER A C   1 
ATOM   616  O O   . SER A 1 105 ? -1.143  -7.183  5.586   1.00 72.85  ? 77  SER A O   1 
ATOM   617  C CB  . SER A 1 105 ? 1.713   -7.446  5.943   1.00 66.15  ? 77  SER A CB  1 
ATOM   618  O OG  . SER A 1 105 ? 3.083   -7.085  6.007   1.00 67.72  ? 77  SER A OG  1 
ATOM   619  N N   . VAL A 1 106 ? -0.728  -7.773  3.443   1.00 80.58  ? 78  VAL A N   1 
ATOM   620  C CA  . VAL A 1 106 ? -2.076  -8.218  3.109   1.00 83.09  ? 78  VAL A CA  1 
ATOM   621  C C   . VAL A 1 106 ? -2.099  -9.740  3.138   1.00 86.08  ? 78  VAL A C   1 
ATOM   622  O O   . VAL A 1 106 ? -1.355  -10.395 2.399   1.00 88.85  ? 78  VAL A O   1 
ATOM   623  C CB  . VAL A 1 106 ? -2.519  -7.685  1.738   1.00 82.33  ? 78  VAL A CB  1 
ATOM   624  C CG1 . VAL A 1 106 ? -3.873  -8.254  1.361   1.00 81.88  ? 78  VAL A CG1 1 
ATOM   625  C CG2 . VAL A 1 106 ? -2.563  -6.171  1.752   1.00 84.28  ? 78  VAL A CG2 1 
ATOM   626  N N   . THR A 1 107 ? -2.953  -10.312 3.991   1.00 99.09  ? 79  THR A N   1 
ATOM   627  C CA  . THR A 1 107 ? -3.047  -11.788 4.111   1.00 98.13  ? 79  THR A CA  1 
ATOM   628  C C   . THR A 1 107 ? -4.399  -12.267 3.593   1.00 98.19  ? 79  THR A C   1 
ATOM   629  O O   . THR A 1 107 ? -5.410  -11.943 4.230   1.00 99.36  ? 79  THR A O   1 
ATOM   630  C CB  . THR A 1 107 ? -2.917  -12.237 5.568   1.00 98.37  ? 79  THR A CB  1 
ATOM   631  O OG1 . THR A 1 107 ? -1.695  -11.715 6.087   1.00 100.17 ? 79  THR A OG1 1 
ATOM   632  C CG2 . THR A 1 107 ? -2.956  -13.742 5.724   1.00 96.59  ? 79  THR A CG2 1 
ATOM   633  N N   . VAL A 1 108 ? -4.421  -13.001 2.482   1.00 106.38 ? 80  VAL A N   1 
ATOM   634  C CA  . VAL A 1 108 ? -5.702  -13.586 1.995   1.00 109.02 ? 80  VAL A CA  1 
ATOM   635  C C   . VAL A 1 108 ? -5.575  -15.111 2.009   1.00 110.87 ? 80  VAL A C   1 
ATOM   636  O O   . VAL A 1 108 ? -4.655  -15.625 1.350   1.00 113.61 ? 80  VAL A O   1 
ATOM   637  C CB  . VAL A 1 108 ? -6.066  -13.066 0.591   1.00 108.71 ? 80  VAL A CB  1 
ATOM   638  C CG1 . VAL A 1 108 ? -7.292  -13.765 0.027   1.00 107.90 ? 80  VAL A CG1 1 
ATOM   639  C CG2 . VAL A 1 108 ? -6.251  -11.557 0.576   1.00 110.14 ? 80  VAL A CG2 1 
ATOM   640  N N   . LYS A 1 109 ? -6.473  -15.806 2.710   1.00 117.09 ? 81  LYS A N   1 
ATOM   641  C CA  . LYS A 1 109 ? -6.476  -17.295 2.729   1.00 117.33 ? 81  LYS A CA  1 
ATOM   642  C C   . LYS A 1 109 ? -5.115  -17.837 3.192   1.00 120.08 ? 81  LYS A C   1 
ATOM   643  O O   . LYS A 1 109 ? -4.586  -18.738 2.518   1.00 121.59 ? 81  LYS A O   1 
ATOM   644  C CB  . LYS A 1 109 ? -6.918  -17.815 1.355   1.00 119.05 ? 81  LYS A CB  1 
ATOM   645  C CG  . LYS A 1 109 ? -7.175  -19.311 1.244   1.00 118.83 ? 81  LYS A CG  1 
ATOM   646  C CD  . LYS A 1 109 ? -7.622  -19.708 -0.143  1.00 119.13 ? 81  LYS A CD  1 
ATOM   647  C CE  . LYS A 1 109 ? -8.866  -18.967 -0.585  1.00 118.66 ? 81  LYS A CE  1 
ATOM   648  N NZ  . LYS A 1 109 ? -10.007 -19.204 0.333   1.00 118.56 ? 81  LYS A NZ  1 
ATOM   649  N N   . ASP A 1 110 ? -4.580  -17.324 4.303   1.00 130.43 ? 82  ASP A N   1 
ATOM   650  C CA  . ASP A 1 110 ? -3.325  -17.861 4.911   1.00 133.07 ? 82  ASP A CA  1 
ATOM   651  C C   . ASP A 1 110 ? -2.072  -17.589 4.065   1.00 132.74 ? 82  ASP A C   1 
ATOM   652  O O   . ASP A 1 110 ? -1.060  -18.263 4.317   1.00 130.23 ? 82  ASP A O   1 
ATOM   653  C CB  . ASP A 1 110 ? -3.460  -19.351 5.236   1.00 133.80 ? 82  ASP A CB  1 
ATOM   654  C CG  . ASP A 1 110 ? -4.589  -19.651 6.208   1.00 134.23 ? 82  ASP A CG  1 
ATOM   655  O OD1 . ASP A 1 110 ? -5.271  -18.694 6.628   1.00 133.37 ? 82  ASP A OD1 1 
ATOM   656  O OD2 . ASP A 1 110 ? -4.776  -20.838 6.538   1.00 133.30 ? 82  ASP A OD2 1 
ATOM   657  N N   . SER A 1 111 ? -2.114  -16.641 3.127   1.00 124.96 ? 83  SER A N   1 
ATOM   658  C CA  . SER A 1 111 ? -0.894  -16.273 2.361   1.00 121.02 ? 83  SER A CA  1 
ATOM   659  C C   . SER A 1 111 ? -0.597  -14.789 2.586   1.00 122.68 ? 83  SER A C   1 
ATOM   660  O O   . SER A 1 111 ? -1.513  -13.982 2.364   1.00 122.64 ? 83  SER A O   1 
ATOM   661  C CB  . SER A 1 111 ? -1.064  -16.565 0.900   1.00 119.92 ? 83  SER A CB  1 
ATOM   662  O OG  . SER A 1 111 ? -2.127  -15.802 0.350   1.00 123.24 ? 83  SER A OG  1 
ATOM   663  N N   . THR A 1 112 ? 0.636   -14.435 2.966   1.00 101.09 ? 84  THR A N   1 
ATOM   664  C CA  . THR A 1 112 ? 0.930   -13.014 3.301   1.00 98.28  ? 84  THR A CA  1 
ATOM   665  C C   . THR A 1 112 ? 1.848   -12.379 2.253   1.00 95.28  ? 84  THR A C   1 
ATOM   666  O O   . THR A 1 112 ? 2.905   -12.959 1.978   1.00 99.58  ? 84  THR A O   1 
ATOM   667  C CB  . THR A 1 112 ? 1.503   -12.911 4.716   1.00 99.67  ? 84  THR A CB  1 
ATOM   668  O OG1 . THR A 1 112 ? 1.815   -11.537 4.942   1.00 100.58 ? 84  THR A OG1 1 
ATOM   669  C CG2 . THR A 1 112 ? 2.744   -13.751 4.923   1.00 99.92  ? 84  THR A CG2 1 
ATOM   670  N N   . GLU A 1 113 ? 1.447   -11.241 1.684   1.00 89.57  ? 85  GLU A N   1 
ATOM   671  C CA  . GLU A 1 113 ? 2.323   -10.514 0.727   1.00 89.91  ? 85  GLU A CA  1 
ATOM   672  C C   . GLU A 1 113 ? 2.685   -9.145  1.307   1.00 88.95  ? 85  GLU A C   1 
ATOM   673  O O   . GLU A 1 113 ? 1.804   -8.278  1.342   1.00 95.15  ? 85  GLU A O   1 
ATOM   674  C CB  . GLU A 1 113 ? 1.604   -10.323 -0.603  1.00 92.64  ? 85  GLU A CB  1 
ATOM   675  C CG  . GLU A 1 113 ? 1.211   -11.620 -1.277  1.00 93.00  ? 85  GLU A CG  1 
ATOM   676  C CD  . GLU A 1 113 ? 2.379   -12.517 -1.645  1.00 95.19  ? 85  GLU A CD  1 
ATOM   677  O OE1 . GLU A 1 113 ? 2.426   -13.658 -1.145  1.00 92.47  ? 85  GLU A OE1 1 
ATOM   678  O OE2 . GLU A 1 113 ? 3.235   -12.072 -2.433  1.00 97.51  ? 85  GLU A OE2 1 
ATOM   679  N N   . THR A 1 114 ? 3.943   -8.950  1.701   1.00 70.51  ? 86  THR A N   1 
ATOM   680  C CA  . THR A 1 114 ? 4.397   -7.661  2.277   1.00 70.69  ? 86  THR A CA  1 
ATOM   681  C C   . THR A 1 114 ? 4.789   -6.726  1.138   1.00 70.28  ? 86  THR A C   1 
ATOM   682  O O   . THR A 1 114 ? 5.063   -7.236  0.047   1.00 84.18  ? 86  THR A O   1 
ATOM   683  C CB  . THR A 1 114 ? 5.546   -7.894  3.260   1.00 79.55  ? 86  THR A CB  1 
ATOM   684  O OG1 . THR A 1 114 ? 5.083   -8.806  4.255   1.00 83.52  ? 86  THR A OG1 1 
ATOM   685  C CG2 . THR A 1 114 ? 6.043   -6.626  3.918   1.00 78.51  ? 86  THR A CG2 1 
ATOM   686  N N   . GLU A 1 115 ? 4.791   -5.418  1.374   1.00 51.23  ? 87  GLU A N   1 
ATOM   687  C CA  . GLU A 1 115 ? 5.235   -4.472  0.326   1.00 53.06  ? 87  GLU A CA  1 
ATOM   688  C C   . GLU A 1 115 ? 5.831   -3.234  0.992   1.00 54.39  ? 87  GLU A C   1 
ATOM   689  O O   . GLU A 1 115 ? 5.423   -2.938  2.112   1.00 65.37  ? 87  GLU A O   1 
ATOM   690  C CB  . GLU A 1 115 ? 4.047   -4.108  -0.556  1.00 56.28  ? 87  GLU A CB  1 
ATOM   691  C CG  . GLU A 1 115 ? 4.388   -3.253  -1.761  1.00 62.84  ? 87  GLU A CG  1 
ATOM   692  C CD  . GLU A 1 115 ? 5.222   -3.939  -2.831  1.00 69.95  ? 87  GLU A CD  1 
ATOM   693  O OE1 . GLU A 1 115 ? 5.550   -5.129  -2.658  1.00 73.25  ? 87  GLU A OE1 1 
ATOM   694  O OE2 . GLU A 1 115 ? 5.542   -3.278  -3.836  1.00 70.79  ? 87  GLU A OE2 1 
ATOM   695  N N   . TRP A 1 116 ? 6.753   -2.550  0.326   1.00 42.89  ? 88  TRP A N   1 
ATOM   696  C CA  . TRP A 1 116 ? 7.387   -1.314  0.838   1.00 44.60  ? 88  TRP A CA  1 
ATOM   697  C C   . TRP A 1 116 ? 7.065   -0.221  -0.166  1.00 43.92  ? 88  TRP A C   1 
ATOM   698  O O   . TRP A 1 116 ? 6.773   -0.573  -1.309  1.00 59.94  ? 88  TRP A O   1 
ATOM   699  C CB  . TRP A 1 116 ? 8.907   -1.490  0.907   1.00 47.00  ? 88  TRP A CB  1 
ATOM   700  C CG  . TRP A 1 116 ? 9.510   -2.249  2.045   1.00 42.30  ? 88  TRP A CG  1 
ATOM   701  C CD1 . TRP A 1 116 ? 10.191  -3.428  1.971   1.00 45.26  ? 88  TRP A CD1 1 
ATOM   702  C CD2 . TRP A 1 116 ? 9.702   -1.767  3.385   1.00 46.34  ? 88  TRP A CD2 1 
ATOM   703  N NE1 . TRP A 1 116 ? 10.683  -3.770  3.200   1.00 49.37  ? 88  TRP A NE1 1 
ATOM   704  C CE2 . TRP A 1 116 ? 10.411  -2.765  4.085   1.00 52.18  ? 88  TRP A CE2 1 
ATOM   705  C CE3 . TRP A 1 116 ? 9.305   -0.618  4.075   1.00 51.90  ? 88  TRP A CE3 1 
ATOM   706  C CZ2 . TRP A 1 116 ? 10.720  -2.646  5.439   1.00 52.17  ? 88  TRP A CZ2 1 
ATOM   707  C CZ3 . TRP A 1 116 ? 9.613   -0.501  5.411   1.00 51.84  ? 88  TRP A CZ3 1 
ATOM   708  C CH2 . TRP A 1 116 ? 10.310  -1.502  6.083   1.00 48.25  ? 88  TRP A CH2 1 
ATOM   709  N N   . LEU A 1 117 ? 7.108   1.041   0.237   1.00 37.00  ? 89  LEU A N   1 
ATOM   710  C CA  . LEU A 1 117 ? 6.949   2.103   -0.781  1.00 39.95  ? 89  LEU A CA  1 
ATOM   711  C C   . LEU A 1 117 ? 7.560   3.393   -0.251  1.00 45.39  ? 89  LEU A C   1 
ATOM   712  O O   . LEU A 1 117 ? 7.532   3.587   0.963   1.00 59.69  ? 89  LEU A O   1 
ATOM   713  C CB  . LEU A 1 117 ? 5.455   2.258   -1.083  1.00 46.85  ? 89  LEU A CB  1 
ATOM   714  C CG  . LEU A 1 117 ? 5.073   3.234   -2.191  1.00 53.68  ? 89  LEU A CG  1 
ATOM   715  C CD1 . LEU A 1 117 ? 5.331   2.615   -3.554  1.00 54.67  ? 89  LEU A CD1 1 
ATOM   716  C CD2 . LEU A 1 117 ? 3.615   3.647   -2.065  1.00 53.74  ? 89  LEU A CD2 1 
ATOM   717  N N   . PRO A 1 118 ? 8.125   4.296   -1.078  1.00 37.38  ? 90  PRO A N   1 
ATOM   718  C CA  . PRO A 1 118 ? 8.585   5.577   -0.567  1.00 47.09  ? 90  PRO A CA  1 
ATOM   719  C C   . PRO A 1 118 ? 7.427   6.580   -0.487  1.00 57.92  ? 90  PRO A C   1 
ATOM   720  O O   . PRO A 1 118 ? 6.621   6.582   -1.388  1.00 64.66  ? 90  PRO A O   1 
ATOM   721  C CB  . PRO A 1 118 ? 9.544   6.047   -1.655  1.00 47.88  ? 90  PRO A CB  1 
ATOM   722  C CG  . PRO A 1 118 ? 8.981   5.474   -2.926  1.00 51.28  ? 90  PRO A CG  1 
ATOM   723  C CD  . PRO A 1 118 ? 8.431   4.130   -2.508  1.00 49.43  ? 90  PRO A CD  1 
ATOM   724  N N   . VAL A 1 119 ? 7.343   7.384   0.578   1.00 59.89  ? 91  VAL A N   1 
ATOM   725  C CA  . VAL A 1 119 ? 6.304   8.454   0.629   1.00 56.66  ? 91  VAL A CA  1 
ATOM   726  C C   . VAL A 1 119 ? 6.710   9.499   -0.411  1.00 65.84  ? 91  VAL A C   1 
ATOM   727  O O   . VAL A 1 119 ? 7.890   9.871   -0.408  1.00 70.77  ? 91  VAL A O   1 
ATOM   728  C CB  . VAL A 1 119 ? 6.189   9.049   2.041   1.00 49.39  ? 91  VAL A CB  1 
ATOM   729  C CG1 . VAL A 1 119 ? 5.234   10.228  2.087   1.00 57.80  ? 91  VAL A CG1 1 
ATOM   730  C CG2 . VAL A 1 119 ? 5.796   7.992   3.059   1.00 54.03  ? 91  VAL A CG2 1 
ATOM   731  N N   . LEU A 1 120 ? 5.783   9.972   -1.246  1.00 85.14  ? 92  LEU A N   1 
ATOM   732  C CA  . LEU A 1 120 ? 6.146   10.897  -2.357  1.00 84.26  ? 92  LEU A CA  1 
ATOM   733  C C   . LEU A 1 120 ? 5.218   12.118  -2.402  1.00 88.64  ? 92  LEU A C   1 
ATOM   734  O O   . LEU A 1 120 ? 4.111   12.031  -1.845  1.00 87.28  ? 92  LEU A O   1 
ATOM   735  C CB  . LEU A 1 120 ? 6.067   10.131  -3.681  1.00 79.69  ? 92  LEU A CB  1 
ATOM   736  C CG  . LEU A 1 120 ? 7.054   8.983   -3.874  1.00 78.36  ? 92  LEU A CG  1 
ATOM   737  C CD1 . LEU A 1 120 ? 7.040   8.519   -5.322  1.00 83.12  ? 92  LEU A CD1 1 
ATOM   738  C CD2 . LEU A 1 120 ? 8.458   9.415   -3.488  1.00 83.16  ? 92  LEU A CD2 1 
ATOM   739  N N   . ASP A 1 121 ? 5.651   13.191  -3.083  1.00 112.89 ? 93  ASP A N   1 
ATOM   740  C CA  . ASP A 1 121 ? 4.824   14.420  -3.221  1.00 111.97 ? 93  ASP A CA  1 
ATOM   741  C C   . ASP A 1 121 ? 3.658   14.190  -4.180  1.00 115.85 ? 93  ASP A C   1 
ATOM   742  O O   . ASP A 1 121 ? 3.528   13.064  -4.703  1.00 115.44 ? 93  ASP A O   1 
ATOM   743  C CB  . ASP A 1 121 ? 5.574   15.589  -3.863  1.00 110.49 ? 93  ASP A CB  1 
ATOM   744  C CG  . ASP A 1 121 ? 6.793   16.101  -3.119  1.00 114.89 ? 93  ASP A CG  1 
ATOM   745  O OD1 . ASP A 1 121 ? 7.736   15.320  -2.931  1.00 115.48 ? 93  ASP A OD1 1 
ATOM   746  O OD2 . ASP A 1 121 ? 6.791   17.291  -2.747  1.00 116.76 ? 93  ASP A OD2 1 
ATOM   747  N N   . PHE A 1 122 ? 2.863   15.234  -4.422  1.00 130.62 ? 94  PHE A N   1 
ATOM   748  C CA  . PHE A 1 122 ? 1.767   15.138  -5.423  1.00 130.37 ? 94  PHE A CA  1 
ATOM   749  C C   . PHE A 1 122 ? 2.377   15.039  -6.828  1.00 128.88 ? 94  PHE A C   1 
ATOM   750  O O   . PHE A 1 122 ? 1.692   14.568  -7.750  1.00 128.72 ? 94  PHE A O   1 
ATOM   751  C CB  . PHE A 1 122 ? 0.801   16.318  -5.289  1.00 130.23 ? 94  PHE A CB  1 
ATOM   752  C CG  . PHE A 1 122 ? 1.394   17.688  -5.511  1.00 132.54 ? 94  PHE A CG  1 
ATOM   753  C CD1 . PHE A 1 122 ? 2.424   18.165  -4.715  1.00 131.78 ? 94  PHE A CD1 1 
ATOM   754  C CD2 . PHE A 1 122 ? 0.910   18.509  -6.513  1.00 132.13 ? 94  PHE A CD2 1 
ATOM   755  C CE1 . PHE A 1 122 ? 2.958   19.426  -4.923  1.00 130.77 ? 94  PHE A CE1 1 
ATOM   756  C CE2 . PHE A 1 122 ? 1.445   19.771  -6.721  1.00 131.91 ? 94  PHE A CE2 1 
ATOM   757  C CZ  . PHE A 1 122 ? 2.469   20.227  -5.926  1.00 131.13 ? 94  PHE A CZ  1 
ATOM   758  N N   . ARG A 1 123 ? 3.620   15.498  -6.984  1.00 122.35 ? 95  ARG A N   1 
ATOM   759  C CA  . ARG A 1 123 ? 4.293   15.481  -8.308  1.00 122.84 ? 95  ARG A CA  1 
ATOM   760  C C   . ARG A 1 123 ? 5.150   14.218  -8.424  1.00 122.84 ? 95  ARG A C   1 
ATOM   761  O O   . ARG A 1 123 ? 5.985   14.169  -9.342  1.00 123.50 ? 95  ARG A O   1 
ATOM   762  C CB  . ARG A 1 123 ? 5.184   16.713  -8.488  1.00 124.19 ? 95  ARG A CB  1 
ATOM   763  C CG  . ARG A 1 123 ? 4.471   18.047  -8.334  1.00 123.12 ? 95  ARG A CG  1 
ATOM   764  C CD  . ARG A 1 123 ? 5.450   19.162  -8.641  1.00 124.55 ? 95  ARG A CD  1 
ATOM   765  N NE  . ARG A 1 123 ? 6.642   19.101  -7.807  1.00 128.00 ? 95  ARG A NE  1 
ATOM   766  C CZ  . ARG A 1 123 ? 7.657   19.955  -7.882  1.00 126.43 ? 95  ARG A CZ  1 
ATOM   767  N NH1 . ARG A 1 123 ? 7.611   20.963  -8.735  1.00 125.22 ? 95  ARG A NH1 1 
ATOM   768  N NH2 . ARG A 1 123 ? 8.716   19.796  -7.107  1.00 122.99 ? 95  ARG A NH2 1 
ATOM   769  N N   . ASN A 1 124 ? 4.962   13.249  -7.525  1.00 117.23 ? 96  ASN A N   1 
ATOM   770  C CA  . ASN A 1 124 ? 5.806   12.023  -7.519  1.00 118.40 ? 96  ASN A CA  1 
ATOM   771  C C   . ASN A 1 124 ? 7.285   12.392  -7.352  1.00 120.09 ? 96  ASN A C   1 
ATOM   772  O O   . ASN A 1 124 ? 8.106   11.914  -8.153  1.00 119.44 ? 96  ASN A O   1 
ATOM   773  C CB  . ASN A 1 124 ? 5.522   11.122  -8.725  1.00 119.72 ? 96  ASN A CB  1 
ATOM   774  C CG  . ASN A 1 124 ? 4.117   10.563  -8.701  1.00 119.60 ? 96  ASN A CG  1 
ATOM   775  O OD1 . ASN A 1 124 ? 3.355   10.827  -7.773  1.00 116.25 ? 96  ASN A OD1 1 
ATOM   776  N ND2 . ASN A 1 124 ? 3.770   9.772   -9.705  1.00 121.09 ? 96  ASN A ND2 1 
ATOM   777  N N   . LYS A 1 125 ? 7.601   13.232  -6.364  1.00 106.83 ? 97  LYS A N   1 
ATOM   778  C CA  . LYS A 1 125 ? 9.015   13.561  -6.047  1.00 105.31 ? 97  LYS A CA  1 
ATOM   779  C C   . LYS A 1 125 ? 9.256   13.120  -4.599  1.00 105.66 ? 97  LYS A C   1 
ATOM   780  O O   . LYS A 1 125 ? 8.263   12.959  -3.882  1.00 108.10 ? 97  LYS A O   1 
ATOM   781  C CB  . LYS A 1 125 ? 9.254   15.059  -6.222  1.00 106.40 ? 97  LYS A CB  1 
ATOM   782  C CG  . LYS A 1 125 ? 8.988   15.597  -7.621  1.00 107.65 ? 97  LYS A CG  1 
ATOM   783  C CD  . LYS A 1 125 ? 9.859   14.955  -8.676  1.00 106.87 ? 97  LYS A CD  1 
ATOM   784  C CE  . LYS A 1 125 ? 11.337  15.167  -8.427  1.00 106.82 ? 97  LYS A CE  1 
ATOM   785  N NZ  . LYS A 1 125 ? 12.168  14.529  -9.474  1.00 107.23 ? 97  LYS A NZ  1 
ATOM   786  N N   . SER A 1 126 ? 10.500  12.853  -4.203  1.00 83.99  ? 98  SER A N   1 
ATOM   787  C CA  . SER A 1 126 ? 10.757  12.330  -2.836  1.00 79.84  ? 98  SER A CA  1 
ATOM   788  C C   . SER A 1 126 ? 10.626  13.433  -1.787  1.00 80.74  ? 98  SER A C   1 
ATOM   789  O O   . SER A 1 126 ? 10.840  14.600  -2.142  1.00 82.46  ? 98  SER A O   1 
ATOM   790  C CB  . SER A 1 126 ? 12.091  11.676  -2.752  1.00 84.25  ? 98  SER A CB  1 
ATOM   791  O OG  . SER A 1 126 ? 12.317  11.182  -1.440  1.00 87.45  ? 98  SER A OG  1 
ATOM   792  N N   . LEU A 1 127 ? 10.298  13.063  -0.545  1.00 76.82  ? 99  LEU A N   1 
ATOM   793  C CA  . LEU A 1 127 ? 10.151  14.037  0.572   1.00 78.76  ? 99  LEU A CA  1 
ATOM   794  C C   . LEU A 1 127 ? 11.279  13.817  1.581   1.00 77.86  ? 99  LEU A C   1 
ATOM   795  O O   . LEU A 1 127 ? 11.384  12.693  2.094   1.00 77.42  ? 99  LEU A O   1 
ATOM   796  C CB  . LEU A 1 127 ? 8.778   13.824  1.218   1.00 77.51  ? 99  LEU A CB  1 
ATOM   797  C CG  . LEU A 1 127 ? 7.573   14.249  0.387   1.00 76.82  ? 99  LEU A CG  1 
ATOM   798  C CD1 . LEU A 1 127 ? 6.298   14.105  1.201   1.00 74.30  ? 99  LEU A CD1 1 
ATOM   799  C CD2 . LEU A 1 127 ? 7.735   15.703  -0.015  1.00 81.45  ? 99  LEU A CD2 1 
ATOM   800  N N   . ALA A 1 128 ? 12.069  14.854  1.867   1.00 69.82  ? 100 ALA A N   1 
ATOM   801  C CA  . ALA A 1 128 ? 13.237  14.715  2.762   1.00 69.19  ? 100 ALA A CA  1 
ATOM   802  C C   . ALA A 1 128 ? 12.784  14.721  4.218   1.00 72.53  ? 100 ALA A C   1 
ATOM   803  O O   . ALA A 1 128 ? 11.637  15.102  4.469   1.00 77.86  ? 100 ALA A O   1 
ATOM   804  C CB  . ALA A 1 128 ? 14.205  15.832  2.502   1.00 71.37  ? 100 ALA A CB  1 
ATOM   805  N N   . LYS A 1 129 ? 13.680  14.360  5.139   1.00 67.87  ? 101 LYS A N   1 
ATOM   806  C CA  . LYS A 1 129 ? 13.287  14.268  6.567   1.00 66.39  ? 101 LYS A CA  1 
ATOM   807  C C   . LYS A 1 129 ? 12.763  15.635  7.006   1.00 72.43  ? 101 LYS A C   1 
ATOM   808  O O   . LYS A 1 129 ? 13.450  16.634  6.751   1.00 78.91  ? 101 LYS A O   1 
ATOM   809  C CB  . LYS A 1 129 ? 14.458  13.809  7.439   1.00 65.97  ? 101 LYS A CB  1 
ATOM   810  C CG  . LYS A 1 129 ? 14.079  13.417  8.859   1.00 69.92  ? 101 LYS A CG  1 
ATOM   811  C CD  . LYS A 1 129 ? 15.227  12.841  9.651   1.00 74.69  ? 101 LYS A CD  1 
ATOM   812  C CE  . LYS A 1 129 ? 14.819  12.385  11.035  1.00 75.39  ? 101 LYS A CE  1 
ATOM   813  N NZ  . LYS A 1 129 ? 15.962  11.809  11.781  1.00 74.11  ? 101 LYS A NZ  1 
ATOM   814  N N   . GLY A 1 130 ? 11.582  15.669  7.627   1.00 79.19  ? 102 GLY A N   1 
ATOM   815  C CA  . GLY A 1 130 ? 11.031  16.945  8.121   1.00 74.68  ? 102 GLY A CA  1 
ATOM   816  C C   . GLY A 1 130 ? 10.252  17.719  7.075   1.00 75.66  ? 102 GLY A C   1 
ATOM   817  O O   . GLY A 1 130 ? 9.865   18.856  7.376   1.00 85.30  ? 102 GLY A O   1 
ATOM   818  N N   . SER A 1 131 ? 10.022  17.156  5.893   1.00 74.06  ? 103 SER A N   1 
ATOM   819  C CA  . SER A 1 131 ? 9.183   17.873  4.897   1.00 78.37  ? 103 SER A CA  1 
ATOM   820  C C   . SER A 1 131 ? 7.873   17.138  4.591   1.00 80.34  ? 103 SER A C   1 
ATOM   821  O O   . SER A 1 131 ? 7.202   17.556  3.635   1.00 83.12  ? 103 SER A O   1 
ATOM   822  C CB  . SER A 1 131 ? 9.957   18.119  3.640   1.00 81.06  ? 103 SER A CB  1 
ATOM   823  O OG  . SER A 1 131 ? 11.108  18.907  3.906   1.00 86.30  ? 103 SER A OG  1 
ATOM   824  N N   . ALA A 1 132 ? 7.509   16.102  5.348   1.00 74.67  ? 104 ALA A N   1 
ATOM   825  C CA  . ALA A 1 132 ? 6.305   15.315  4.985   1.00 73.19  ? 104 ALA A CA  1 
ATOM   826  C C   . ALA A 1 132 ? 5.180   15.515  6.003   1.00 72.88  ? 104 ALA A C   1 
ATOM   827  O O   . ALA A 1 132 ? 5.470   15.480  7.207   1.00 79.68  ? 104 ALA A O   1 
ATOM   828  C CB  . ALA A 1 132 ? 6.668   13.867  4.872   1.00 68.64  ? 104 ALA A CB  1 
ATOM   829  N N   . THR A 1 133 ? 3.942   15.702  5.528   1.00 66.93  ? 105 THR A N   1 
ATOM   830  C CA  . THR A 1 133 ? 2.772   15.868  6.429   1.00 71.02  ? 105 THR A CA  1 
ATOM   831  C C   . THR A 1 133 ? 2.083   14.517  6.631   1.00 75.88  ? 105 THR A C   1 
ATOM   832  O O   . THR A 1 133 ? 2.374   13.602  5.850   1.00 77.38  ? 105 THR A O   1 
ATOM   833  C CB  . THR A 1 133 ? 1.812   16.927  5.879   1.00 71.70  ? 105 THR A CB  1 
ATOM   834  O OG1 . THR A 1 133 ? 1.352   16.484  4.605   1.00 72.12  ? 105 THR A OG1 1 
ATOM   835  C CG2 . THR A 1 133 ? 2.460   18.287  5.743   1.00 75.01  ? 105 THR A CG2 1 
ATOM   836  N N   . THR A 1 134 ? 1.192   14.423  7.621   1.00 67.29  ? 106 THR A N   1 
ATOM   837  C CA  . THR A 1 134 ? 0.461   13.167  7.928   1.00 64.20  ? 106 THR A CA  1 
ATOM   838  C C   . THR A 1 134 ? -0.476  12.779  6.783   1.00 68.37  ? 106 THR A C   1 
ATOM   839  O O   . THR A 1 134 ? -0.746  11.583  6.639   1.00 76.16  ? 106 THR A O   1 
ATOM   840  C CB  . THR A 1 134 ? -0.290  13.328  9.249   1.00 57.22  ? 106 THR A CB  1 
ATOM   841  O OG1 . THR A 1 134 ? -1.167  12.214  9.358   1.00 66.93  ? 106 THR A OG1 1 
ATOM   842  C CG2 . THR A 1 134 ? -1.132  14.580  9.293   1.00 63.38  ? 106 THR A CG2 1 
ATOM   843  N N   . PHE A 1 135 ? -0.953  13.745  6.002   1.00 66.92  ? 107 PHE A N   1 
ATOM   844  C CA  . PHE A 1 135 ? -1.832  13.463  4.839   1.00 63.10  ? 107 PHE A CA  1 
ATOM   845  C C   . PHE A 1 135 ? -1.031  12.710  3.780   1.00 67.32  ? 107 PHE A C   1 
ATOM   846  O O   . PHE A 1 135 ? -1.607  11.824  3.143   1.00 75.53  ? 107 PHE A O   1 
ATOM   847  C CB  . PHE A 1 135 ? -2.400  14.757  4.264   1.00 65.74  ? 107 PHE A CB  1 
ATOM   848  C CG  . PHE A 1 135 ? -3.364  14.564  3.122   1.00 71.02  ? 107 PHE A CG  1 
ATOM   849  C CD1 . PHE A 1 135 ? -4.529  13.835  3.296   1.00 75.18  ? 107 PHE A CD1 1 
ATOM   850  C CD2 . PHE A 1 135 ? -3.112  15.112  1.875   1.00 73.62  ? 107 PHE A CD2 1 
ATOM   851  C CE1 . PHE A 1 135 ? -5.417  13.654  2.250   1.00 75.73  ? 107 PHE A CE1 1 
ATOM   852  C CE2 . PHE A 1 135 ? -4.002  14.933  0.829   1.00 76.77  ? 107 PHE A CE2 1 
ATOM   853  C CZ  . PHE A 1 135 ? -5.151  14.203  1.018   1.00 78.18  ? 107 PHE A CZ  1 
ATOM   854  N N   . ASP A 1 136 ? 0.247   13.049  3.600   1.00 66.25  ? 108 ASP A N   1 
ATOM   855  C CA  . ASP A 1 136 ? 1.114   12.337  2.625   1.00 63.38  ? 108 ASP A CA  1 
ATOM   856  C C   . ASP A 1 136 ? 1.287   10.885  3.065   1.00 64.85  ? 108 ASP A C   1 
ATOM   857  O O   . ASP A 1 136 ? 1.166   9.999   2.214   1.00 67.13  ? 108 ASP A O   1 
ATOM   858  C CB  . ASP A 1 136 ? 2.482   12.998  2.498   1.00 65.36  ? 108 ASP A CB  1 
ATOM   859  C CG  . ASP A 1 136 ? 2.415   14.444  2.044   1.00 74.77  ? 108 ASP A CG  1 
ATOM   860  O OD1 . ASP A 1 136 ? 1.889   14.686  0.943   1.00 78.43  ? 108 ASP A OD1 1 
ATOM   861  O OD2 . ASP A 1 136 ? 2.908   15.312  2.789   1.00 72.41  ? 108 ASP A OD2 1 
ATOM   862  N N   . ILE A 1 137 ? 1.547   10.657  4.349   1.00 52.99  ? 109 ILE A N   1 
ATOM   863  C CA  . ILE A 1 137 ? 1.803   9.274   4.831   1.00 47.85  ? 109 ILE A CA  1 
ATOM   864  C C   . ILE A 1 137 ? 0.537   8.456   4.562   1.00 47.61  ? 109 ILE A C   1 
ATOM   865  O O   . ILE A 1 137 ? 0.667   7.351   4.032   1.00 59.69  ? 109 ILE A O   1 
ATOM   866  C CB  . ILE A 1 137 ? 2.221   9.252   6.314   1.00 49.16  ? 109 ILE A CB  1 
ATOM   867  C CG1 . ILE A 1 137 ? 3.336   10.253  6.622   1.00 48.22  ? 109 ILE A CG1 1 
ATOM   868  C CG2 . ILE A 1 137 ? 2.584   7.842   6.756   1.00 47.29  ? 109 ILE A CG2 1 
ATOM   869  C CD1 . ILE A 1 137 ? 4.613   10.008  5.868   1.00 48.12  ? 109 ILE A CD1 1 
ATOM   870  N N   . ASN A 1 138 ? -0.648  8.983   4.879   1.00 58.60  ? 110 ASN A N   1 
ATOM   871  C CA  . ASN A 1 138 ? -1.878  8.217   4.698   1.00 58.30  ? 110 ASN A CA  1 
ATOM   872  C C   . ASN A 1 138 ? -2.094  7.843   3.234   1.00 66.13  ? 110 ASN A C   1 
ATOM   873  O O   . ASN A 1 138 ? -2.500  6.712   2.927   1.00 77.43  ? 110 ASN A O   1 
ATOM   874  C CB  . ASN A 1 138 ? -3.070  9.004   5.236   1.00 52.42  ? 110 ASN A CB  1 
ATOM   875  C CG  . ASN A 1 138 ? -4.278  8.131   5.482   1.00 57.93  ? 110 ASN A CG  1 
ATOM   876  O OD1 . ASN A 1 138 ? -5.362  8.386   4.959   1.00 64.94  ? 110 ASN A OD1 1 
ATOM   877  N ND2 . ASN A 1 138 ? -4.098  7.085   6.278   1.00 64.36  ? 110 ASN A ND2 1 
ATOM   878  N N   . LYS A 1 139 ? -1.831  8.776   2.315   1.00 69.64  ? 111 LYS A N   1 
ATOM   879  C CA  . LYS A 1 139 ? -1.958  8.461   0.896   1.00 63.98  ? 111 LYS A CA  1 
ATOM   880  C C   . LYS A 1 139 ? -0.992  7.352   0.496   1.00 66.33  ? 111 LYS A C   1 
ATOM   881  O O   . LYS A 1 139 ? -1.363  6.434   -0.250  1.00 72.83  ? 111 LYS A O   1 
ATOM   882  C CB  . LYS A 1 139 ? -1.717  9.712   0.055   1.00 69.16  ? 111 LYS A CB  1 
ATOM   883  C CG  . LYS A 1 139 ? -2.829  10.743  0.139   1.00 71.90  ? 111 LYS A CG  1 
ATOM   884  C CD  . LYS A 1 139 ? -2.543  11.982  -0.708  1.00 71.51  ? 111 LYS A CD  1 
ATOM   885  C CE  . LYS A 1 139 ? -1.336  11.801  -1.619  1.00 72.00  ? 111 LYS A CE  1 
ATOM   886  N NZ  . LYS A 1 139 ? -0.811  13.102  -2.113  1.00 72.46  ? 111 LYS A NZ  1 
ATOM   887  N N   . ALA A 1 140 ? 0.245   7.415   0.989   1.00 65.79  ? 112 ALA A N   1 
ATOM   888  C CA  . ALA A 1 140 ? 1.218   6.371   0.692   1.00 69.97  ? 112 ALA A CA  1 
ATOM   889  C C   . ALA A 1 140 ? 0.787   5.036   1.279   1.00 70.34  ? 112 ALA A C   1 
ATOM   890  O O   . ALA A 1 140 ? 1.001   3.986   0.663   1.00 78.35  ? 112 ALA A O   1 
ATOM   891  C CB  . ALA A 1 140 ? 2.597   6.769   1.220   1.00 65.37  ? 112 ALA A CB  1 
ATOM   892  N N   . GLN A 1 141 ? 0.189   5.049   2.471   1.00 56.08  ? 113 GLN A N   1 
ATOM   893  C CA  . GLN A 1 141 ? -0.296  3.809   3.068   1.00 51.56  ? 113 GLN A CA  1 
ATOM   894  C C   . GLN A 1 141 ? -1.390  3.177   2.220   1.00 58.41  ? 113 GLN A C   1 
ATOM   895  O O   . GLN A 1 141 ? -1.372  1.965   1.968   1.00 70.14  ? 113 GLN A O   1 
ATOM   896  C CB  . GLN A 1 141 ? -0.797  4.071   4.487   1.00 49.79  ? 113 GLN A CB  1 
ATOM   897  C CG  . GLN A 1 141 ? 0.310   4.177   5.521   1.00 58.61  ? 113 GLN A CG  1 
ATOM   898  C CD  . GLN A 1 141 ? -0.206  4.525   6.900   1.00 61.99  ? 113 GLN A CD  1 
ATOM   899  O OE1 . GLN A 1 141 ? -1.393  4.789   7.082   1.00 68.48  ? 113 GLN A OE1 1 
ATOM   900  N NE2 . GLN A 1 141 ? 0.684   4.522   7.883   1.00 52.16  ? 113 GLN A NE2 1 
ATOM   901  N N   . LYS A 1 142 ? -2.347  3.985   1.754   1.00 71.05  ? 114 LYS A N   1 
ATOM   902  C CA  . LYS A 1 142 ? -3.401  3.448   0.897   1.00 71.89  ? 114 LYS A CA  1 
ATOM   903  C C   . LYS A 1 142 ? -2.828  2.907   -0.410  1.00 83.37  ? 114 LYS A C   1 
ATOM   904  O O   . LYS A 1 142 ? -3.209  1.818   -0.864  1.00 88.21  ? 114 LYS A O   1 
ATOM   905  C CB  . LYS A 1 142 ? -4.458  4.516   0.616   1.00 71.97  ? 114 LYS A CB  1 
ATOM   906  C CG  . LYS A 1 142 ? -5.049  5.166   1.860   1.00 78.19  ? 114 LYS A CG  1 
ATOM   907  C CD  . LYS A 1 142 ? -5.515  4.131   2.874   1.00 79.99  ? 114 LYS A CD  1 
ATOM   908  C CE  . LYS A 1 142 ? -6.783  3.428   2.421   1.00 82.58  ? 114 LYS A CE  1 
ATOM   909  N NZ  . LYS A 1 142 ? -7.183  2.350   3.368   1.00 81.53  ? 114 LYS A NZ  1 
ATOM   910  N N   . ARG A 1 143 ? -1.896  3.644   -1.020  1.00 82.51  ? 115 ARG A N   1 
ATOM   911  C CA  . ARG A 1 143 ? -1.300  3.181   -2.271  1.00 71.50  ? 115 ARG A CA  1 
ATOM   912  C C   . ARG A 1 143 ? -0.531  1.881   -2.074  1.00 69.12  ? 115 ARG A C   1 
ATOM   913  O O   . ARG A 1 143 ? -0.630  0.965   -2.899  1.00 77.76  ? 115 ARG A O   1 
ATOM   914  C CB  . ARG A 1 143 ? -0.396  4.263   -2.857  1.00 73.66  ? 115 ARG A CB  1 
ATOM   915  C CG  . ARG A 1 143 ? -1.142  5.289   -3.690  1.00 80.12  ? 115 ARG A CG  1 
ATOM   916  C CD  . ARG A 1 143 ? -0.198  6.148   -4.510  1.00 79.86  ? 115 ARG A CD  1 
ATOM   917  N NE  . ARG A 1 143 ? 0.523   7.111   -3.686  1.00 80.86  ? 115 ARG A NE  1 
ATOM   918  C CZ  . ARG A 1 143 ? 1.278   8.090   -4.165  1.00 83.45  ? 115 ARG A CZ  1 
ATOM   919  N NH1 . ARG A 1 143 ? 1.427   8.273   -5.468  1.00 82.73  ? 115 ARG A NH1 1 
ATOM   920  N NH2 . ARG A 1 143 ? 1.898   8.905   -3.318  1.00 82.99  ? 115 ARG A NH2 1 
ATOM   921  N N   . CYS A 1 144 ? 0.195   1.754   -0.965  1.00 69.56  ? 116 CYS A N   1 
ATOM   922  C CA  . CYS A 1 144 ? 0.951   0.499   -0.696  1.00 73.61  ? 116 CYS A CA  1 
ATOM   923  C C   . CYS A 1 144 ? -0.010  -0.688  -0.548  1.00 74.42  ? 116 CYS A C   1 
ATOM   924  O O   . CYS A 1 144 ? 0.396   -1.806  -0.883  1.00 77.68  ? 116 CYS A O   1 
ATOM   925  C CB  . CYS A 1 144 ? 1.817   0.619   0.548   1.00 75.14  ? 116 CYS A CB  1 
ATOM   926  S SG  . CYS A 1 144 ? 2.752   -0.887  0.904   1.00 92.68  ? 116 CYS A SG  1 
ATOM   927  N N   . PHE A 1 145 ? -1.223  -0.463  -0.052  1.00 77.63  ? 117 PHE A N   1 
ATOM   928  C CA  . PHE A 1 145 ? -2.232  -1.548  0.077   1.00 77.85  ? 117 PHE A CA  1 
ATOM   929  C C   . PHE A 1 145 ? -2.638  -2.081  -1.292  1.00 74.34  ? 117 PHE A C   1 
ATOM   930  O O   . PHE A 1 145 ? -2.688  -3.304  -1.468  1.00 73.23  ? 117 PHE A O   1 
ATOM   931  C CB  . PHE A 1 145 ? -3.478  -1.014  0.789   1.00 80.38  ? 117 PHE A CB  1 
ATOM   932  C CG  . PHE A 1 145 ? -4.683  -1.919  0.785   1.00 81.61  ? 117 PHE A CG  1 
ATOM   933  C CD1 . PHE A 1 145 ? -4.638  -3.182  1.346   1.00 84.36  ? 117 PHE A CD1 1 
ATOM   934  C CD2 . PHE A 1 145 ? -5.876  -1.490  0.226   1.00 81.26  ? 117 PHE A CD2 1 
ATOM   935  C CE1 . PHE A 1 145 ? -5.758  -4.001  1.334   1.00 81.97  ? 117 PHE A CE1 1 
ATOM   936  C CE2 . PHE A 1 145 ? -6.994  -2.307  0.218   1.00 80.91  ? 117 PHE A CE2 1 
ATOM   937  C CZ  . PHE A 1 145 ? -6.933  -3.561  0.775   1.00 78.35  ? 117 PHE A CZ  1 
ATOM   938  N N   . VAL A 1 146 ? -2.928  -1.204  -2.251  1.00 81.49  ? 118 VAL A N   1 
ATOM   939  C CA  . VAL A 1 146 ? -3.440  -1.699  -3.565  1.00 81.19  ? 118 VAL A CA  1 
ATOM   940  C C   . VAL A 1 146 ? -2.302  -2.384  -4.324  1.00 83.24  ? 118 VAL A C   1 
ATOM   941  O O   . VAL A 1 146 ? -2.605  -3.288  -5.117  1.00 86.42  ? 118 VAL A O   1 
ATOM   942  C CB  . VAL A 1 146 ? -4.092  -0.581  -4.401  1.00 86.65  ? 118 VAL A CB  1 
ATOM   943  C CG1 . VAL A 1 146 ? -5.338  -0.036  -3.730  1.00 90.29  ? 118 VAL A CG1 1 
ATOM   944  C CG2 . VAL A 1 146 ? -3.122  0.543   -4.719  1.00 87.33  ? 118 VAL A CG2 1 
ATOM   945  N N   . LYS A 1 147 ? -1.048  -2.008  -4.053  1.00 87.71  ? 119 LYS A N   1 
ATOM   946  C CA  . LYS A 1 147 ? 0.122   -2.627  -4.731  1.00 83.55  ? 119 LYS A CA  1 
ATOM   947  C C   . LYS A 1 147 ? 0.380   -4.012  -4.137  1.00 85.15  ? 119 LYS A C   1 
ATOM   948  O O   . LYS A 1 147 ? 0.658   -4.934  -4.914  1.00 86.48  ? 119 LYS A O   1 
ATOM   949  C CB  . LYS A 1 147 ? 1.352   -1.729  -4.595  1.00 82.39  ? 119 LYS A CB  1 
ATOM   950  C CG  . LYS A 1 147 ? 1.164   -0.316  -5.128  1.00 86.81  ? 119 LYS A CG  1 
ATOM   951  C CD  . LYS A 1 147 ? 2.405   0.540   -5.036  1.00 89.39  ? 119 LYS A CD  1 
ATOM   952  C CE  . LYS A 1 147 ? 2.146   1.987   -5.398  1.00 91.10  ? 119 LYS A CE  1 
ATOM   953  N NZ  . LYS A 1 147 ? 1.559   2.120   -6.752  1.00 88.95  ? 119 LYS A NZ  1 
ATOM   954  N N   . ALA A 1 148 ? 0.285   -4.151  -2.817  1.00 93.03  ? 120 ALA A N   1 
ATOM   955  C CA  . ALA A 1 148 ? 0.453   -5.473  -2.167  1.00 89.48  ? 120 ALA A CA  1 
ATOM   956  C C   . ALA A 1 148 ? -0.651  -6.415  -2.645  1.00 90.83  ? 120 ALA A C   1 
ATOM   957  O O   . ALA A 1 148 ? -0.368  -7.611  -2.794  1.00 89.99  ? 120 ALA A O   1 
ATOM   958  C CB  . ALA A 1 148 ? 0.439   -5.333  -0.670  1.00 92.79  ? 120 ALA A CB  1 
ATOM   959  N N   . SER A 1 149 ? -1.871  -5.907  -2.817  1.00 102.47 ? 121 SER A N   1 
ATOM   960  C CA  . SER A 1 149 ? -2.983  -6.727  -3.364  1.00 98.50  ? 121 SER A CA  1 
ATOM   961  C C   . SER A 1 149 ? -2.636  -7.143  -4.797  1.00 99.26  ? 121 SER A C   1 
ATOM   962  O O   . SER A 1 149 ? -3.005  -8.258  -5.176  1.00 100.18 ? 121 SER A O   1 
ATOM   963  C CB  . SER A 1 149 ? -4.286  -5.998  -3.301  1.00 98.98  ? 121 SER A CB  1 
ATOM   964  O OG  . SER A 1 149 ? -4.608  -5.680  -1.956  1.00 104.31 ? 121 SER A OG  1 
ATOM   965  N N   . ALA A 1 150 ? -1.935  -6.285  -5.545  1.00 103.80 ? 122 ALA A N   1 
ATOM   966  C CA  . ALA A 1 150 ? -1.509  -6.618  -6.926  1.00 102.75 ? 122 ALA A CA  1 
ATOM   967  C C   . ALA A 1 150 ? -0.445  -7.712  -6.896  1.00 101.37 ? 122 ALA A C   1 
ATOM   968  O O   . ALA A 1 150 ? -0.185  -8.282  -7.960  1.00 101.64 ? 122 ALA A O   1 
ATOM   969  C CB  . ALA A 1 150 ? -1.005  -5.393  -7.636  1.00 103.01 ? 122 ALA A CB  1 
ATOM   970  N N   . LEU A 1 151 ? 0.191   -7.959  -5.746  1.00 103.83 ? 123 LEU A N   1 
ATOM   971  C CA  . LEU A 1 151 ? 1.126   -9.114  -5.683  1.00 103.64 ? 123 LEU A CA  1 
ATOM   972  C C   . LEU A 1 151 ? 0.239   -10.341 -5.863  1.00 105.97 ? 123 LEU A C   1 
ATOM   973  O O   . LEU A 1 151 ? 0.714   -11.329 -6.446  1.00 109.12 ? 123 LEU A O   1 
ATOM   974  C CB  . LEU A 1 151 ? 1.908   -9.135  -4.369  1.00 103.82 ? 123 LEU A CB  1 
ATOM   975  C CG  . LEU A 1 151 ? 2.813   -7.929  -4.126  1.00 104.20 ? 123 LEU A CG  1 
ATOM   976  C CD1 . LEU A 1 151 ? 3.813   -8.218  -3.020  1.00 104.64 ? 123 LEU A CD1 1 
ATOM   977  C CD2 . LEU A 1 151 ? 3.533   -7.528  -5.404  1.00 102.83 ? 123 LEU A CD2 1 
ATOM   978  N N   . HIS A 1 152 ? -0.999  -10.285 -5.366  1.00 111.65 ? 124 HIS A N   1 
ATOM   979  C CA  . HIS A 1 152 ? -1.967  -11.367 -5.675  1.00 111.73 ? 124 HIS A CA  1 
ATOM   980  C C   . HIS A 1 152 ? -2.385  -11.039 -7.109  1.00 113.94 ? 124 HIS A C   1 
ATOM   981  O O   . HIS A 1 152 ? -2.118  -9.920  -7.556  1.00 115.58 ? 124 HIS A O   1 
ATOM   982  C CB  . HIS A 1 152 ? -3.117  -11.414 -4.663  1.00 112.06 ? 124 HIS A CB  1 
ATOM   983  C CG  . HIS A 1 152 ? -2.717  -11.715 -3.256  1.00 113.12 ? 124 HIS A CG  1 
ATOM   984  N ND1 . HIS A 1 152 ? -2.949  -10.845 -2.215  1.00 113.01 ? 124 HIS A ND1 1 
ATOM   985  C CD2 . HIS A 1 152 ? -2.108  -12.778 -2.721  1.00 112.70 ? 124 HIS A CD2 1 
ATOM   986  C CE1 . HIS A 1 152 ? -2.494  -11.377 -1.091  1.00 110.86 ? 124 HIS A CE1 1 
ATOM   987  N NE2 . HIS A 1 152 ? -1.982  -12.553 -1.374  1.00 110.26 ? 124 HIS A NE2 1 
ATOM   988  N N   . GLY A 1 153 ? -3.093  -11.919 -7.797  1.00 129.82 ? 125 GLY A N   1 
ATOM   989  C CA  . GLY A 1 153 ? -3.345  -11.662 -9.229  1.00 130.92 ? 125 GLY A CA  1 
ATOM   990  C C   . GLY A 1 153 ? -4.029  -10.342 -9.538  1.00 130.63 ? 125 GLY A C   1 
ATOM   991  O O   . GLY A 1 153 ? -3.723  -9.777  -10.603 1.00 128.84 ? 125 GLY A O   1 
ATOM   992  N N   . LEU A 1 154 ? -4.886  -9.827  -8.654  1.00 130.92 ? 126 LEU A N   1 
ATOM   993  C CA  . LEU A 1 154 ? -5.712  -8.639  -9.010  1.00 131.04 ? 126 LEU A CA  1 
ATOM   994  C C   . LEU A 1 154 ? -4.889  -7.439  -9.493  1.00 129.67 ? 126 LEU A C   1 
ATOM   995  O O   . LEU A 1 154 ? -3.990  -7.018  -8.748  1.00 127.97 ? 126 LEU A O   1 
ATOM   996  C CB  . LEU A 1 154 ? -6.518  -8.251  -7.765  1.00 128.35 ? 126 LEU A CB  1 
ATOM   997  C CG  . LEU A 1 154 ? -7.453  -7.055  -7.931  1.00 126.11 ? 126 LEU A CG  1 
ATOM   998  C CD1 . LEU A 1 154 ? -8.700  -7.445  -8.711  1.00 127.75 ? 126 LEU A CD1 1 
ATOM   999  C CD2 . LEU A 1 154 ? -7.832  -6.471  -6.579  1.00 126.27 ? 126 LEU A CD2 1 
ATOM   1000 N N   . GLY A 1 155 ? -5.167  -6.929  -10.701 1.00 129.44 ? 127 GLY A N   1 
ATOM   1001 C CA  . GLY A 1 155 ? -4.529  -5.695  -11.212 1.00 128.80 ? 127 GLY A CA  1 
ATOM   1002 C C   . GLY A 1 155 ? -3.010  -5.695  -11.241 1.00 131.23 ? 127 GLY A C   1 
ATOM   1003 O O   . GLY A 1 155 ? -2.428  -4.600  -11.125 1.00 130.23 ? 127 GLY A O   1 
ATOM   1004 N N   . LEU A 1 156 ? -2.384  -6.860  -11.424 1.00 128.74 ? 128 LEU A N   1 
ATOM   1005 C CA  . LEU A 1 156 ? -0.900  -6.941  -11.520 1.00 125.05 ? 128 LEU A CA  1 
ATOM   1006 C C   . LEU A 1 156 ? -0.419  -6.160  -12.745 1.00 124.97 ? 128 LEU A C   1 
ATOM   1007 O O   . LEU A 1 156 ? 0.633   -5.504  -12.642 1.00 126.44 ? 128 LEU A O   1 
ATOM   1008 C CB  . LEU A 1 156 ? -0.478  -8.412  -11.600 1.00 125.15 ? 128 LEU A CB  1 
ATOM   1009 C CG  . LEU A 1 156 ? 1.021   -8.664  -11.742 1.00 124.77 ? 128 LEU A CG  1 
ATOM   1010 C CD1 . LEU A 1 156 ? 1.747   -8.395  -10.434 1.00 122.75 ? 128 LEU A CD1 1 
ATOM   1011 C CD2 . LEU A 1 156 ? 1.283   -10.087 -12.205 1.00 126.39 ? 128 LEU A CD2 1 
ATOM   1012 N N   . TYR A 1 157 ? -1.182  -6.187  -13.840 1.00 132.20 ? 129 TYR A N   1 
ATOM   1013 C CA  . TYR A 1 157 ? -0.723  -5.564  -15.113 1.00 133.43 ? 129 TYR A CA  1 
ATOM   1014 C C   . TYR A 1 157 ? -0.428  -4.067  -14.927 1.00 133.72 ? 129 TYR A C   1 
ATOM   1015 O O   . TYR A 1 157 ? 0.501   -3.570  -15.583 1.00 134.16 ? 129 TYR A O   1 
ATOM   1016 C CB  . TYR A 1 157 ? -1.708  -5.898  -16.239 1.00 133.31 ? 129 TYR A CB  1 
ATOM   1017 C CG  . TYR A 1 157 ? -3.156  -5.519  -16.037 1.00 134.05 ? 129 TYR A CG  1 
ATOM   1018 C CD1 . TYR A 1 157 ? -3.548  -4.203  -15.862 1.00 132.89 ? 129 TYR A CD1 1 
ATOM   1019 C CD2 . TYR A 1 157 ? -4.142  -6.491  -16.032 1.00 133.02 ? 129 TYR A CD2 1 
ATOM   1020 C CE1 . TYR A 1 157 ? -4.879  -3.862  -15.688 1.00 132.57 ? 129 TYR A CE1 1 
ATOM   1021 C CE2 . TYR A 1 157 ? -5.477  -6.169  -15.856 1.00 132.95 ? 129 TYR A CE2 1 
ATOM   1022 C CZ  . TYR A 1 157 ? -5.847  -4.849  -15.684 1.00 134.06 ? 129 TYR A CZ  1 
ATOM   1023 O OH  . TYR A 1 157 ? -7.171  -4.524  -15.511 1.00 135.20 ? 129 TYR A OH  1 
ATOM   1024 N N   . ILE A 1 158 ? -1.147  -3.370  -14.049 1.00 128.32 ? 130 ILE A N   1 
ATOM   1025 C CA  . ILE A 1 158 ? -0.929  -1.895  -13.938 1.00 129.42 ? 130 ILE A CA  1 
ATOM   1026 C C   . ILE A 1 158 ? 0.497   -1.620  -13.451 1.00 130.09 ? 130 ILE A C   1 
ATOM   1027 O O   . ILE A 1 158 ? 1.098   -0.642  -13.933 1.00 129.02 ? 130 ILE A O   1 
ATOM   1028 C CB  . ILE A 1 158 ? -1.987  -1.256  -13.021 1.00 129.17 ? 130 ILE A CB  1 
ATOM   1029 C CG1 . ILE A 1 158 ? -3.395  -1.476  -13.576 1.00 129.56 ? 130 ILE A CG1 1 
ATOM   1030 C CG2 . ILE A 1 158 ? -1.700  0.219   -12.805 1.00 128.25 ? 130 ILE A CG2 1 
ATOM   1031 C CD1 . ILE A 1 158 ? -4.478  -0.834  -12.759 1.00 129.71 ? 130 ILE A CD1 1 
ATOM   1032 N N   . TYR A 1 159 ? 1.025   -2.456  -12.552 1.00 124.65 ? 131 TYR A N   1 
ATOM   1033 C CA  . TYR A 1 159 ? 2.361   -2.181  -11.959 1.00 121.80 ? 131 TYR A CA  1 
ATOM   1034 C C   . TYR A 1 159 ? 3.398   -3.105  -12.598 1.00 121.65 ? 131 TYR A C   1 
ATOM   1035 O O   . TYR A 1 159 ? 3.928   -2.699  -13.648 1.00 122.66 ? 131 TYR A O   1 
ATOM   1036 C CB  . TYR A 1 159 ? 2.298   -2.362  -10.441 1.00 121.26 ? 131 TYR A CB  1 
ATOM   1037 C CG  . TYR A 1 159 ? 1.232   -1.531  -9.772  1.00 121.61 ? 131 TYR A CG  1 
ATOM   1038 C CD1 . TYR A 1 159 ? 1.241   -0.150  -9.864  1.00 121.36 ? 131 TYR A CD1 1 
ATOM   1039 C CD2 . TYR A 1 159 ? 0.196   -2.128  -9.074  1.00 121.87 ? 131 TYR A CD2 1 
ATOM   1040 C CE1 . TYR A 1 159 ? 0.255   0.619   -9.268  1.00 123.37 ? 131 TYR A CE1 1 
ATOM   1041 C CE2 . TYR A 1 159 ? -0.797  -1.375  -8.472  1.00 122.70 ? 131 TYR A CE2 1 
ATOM   1042 C CZ  . TYR A 1 159 ? -0.767  0.005   -8.569  1.00 125.71 ? 131 TYR A CZ  1 
ATOM   1043 O OH  . TYR A 1 159 ? -1.747  0.762   -7.974  1.00 127.64 ? 131 TYR A OH  1 
HETATM 1044 O O   . HOH B 2 .   ? -6.524  10.309  4.129   1.00 56.02  ? 201 HOH A O   1 
HETATM 1045 O O   . HOH B 2 .   ? -9.376  7.306   0.736   1.00 82.18  ? 202 HOH A O   1 
HETATM 1046 O O   . HOH B 2 .   ? 7.777   -4.580  11.504  1.00 62.38  ? 203 HOH A O   1 
HETATM 1047 O O   . HOH B 2 .   ? -8.203  -4.409  8.667   1.00 74.23  ? 204 HOH A O   1 
HETATM 1048 O O   . HOH B 2 .   ? -5.022  2.532   6.521   1.00 50.09  ? 205 HOH A O   1 
HETATM 1049 O O   . HOH B 2 .   ? -17.034 1.209   -4.376  1.00 72.36  ? 206 HOH A O   1 
HETATM 1050 O O   . HOH B 2 .   ? -14.747 5.999   -5.218  1.00 57.85  ? 207 HOH A O   1 
HETATM 1051 O O   . HOH B 2 .   ? -5.514  -0.580  8.777   1.00 67.13  ? 208 HOH A O   1 
HETATM 1052 O O   . HOH B 2 .   ? -9.120  8.690   -4.395  1.00 71.03  ? 209 HOH A O   1 
# 
